data_4E5O
#
_entry.id   4E5O
#
_cell.length_a   160.350
_cell.length_b   88.540
_cell.length_c   136.760
_cell.angle_alpha   90.000
_cell.angle_beta   95.990
_cell.angle_gamma   90.000
#
_symmetry.space_group_name_H-M   'C 1 2 1'
#
loop_
_entity.id
_entity.type
_entity.pdbx_description
1 polymer 'Thymidylate synthase'
2 non-polymer "2'-DEOXYURIDINE 5'-MONOPHOSPHATE"
3 non-polymer 1,4-BUTANEDIOL
4 water water
#
_entity_poly.entity_id   1
_entity_poly.type   'polypeptide(L)'
_entity_poly.pdbx_seq_one_letter_code
;MLVVGSELQSDAQQLSAEAPRHGELQYLRQVEHILRCGFKKEDRTGTGTLSVFGMQARYSLRDEFPLLTTKRVFWKGVLE
ELLWFIKGSTNAKELSSKGVRIWDANGSRDFLDSLGFSARQEGDLGPVYGFQWRHFGAEYKDMDSDYSGQGVDQLQKVID
TIKTNPDDRRIIMCAWNPKDLPLMALPPCHALCQFYVVNGELSCQLYQRSGDMGLGVPFNIASYALLTYMIAHITGLQPG
DFVHTLGDAHIYLNHIEPLKIQLQREPRPFPKLKILRKVETIDDFKVEDFQIEGYNPHPTIKMEMAV
;
_entity_poly.pdbx_strand_id   A,B,C,D,E,F
#
# COMPACT_ATOMS: atom_id res chain seq x y z
N ARG A 21 -56.53 1.24 -8.24
CA ARG A 21 -56.53 2.72 -8.24
C ARG A 21 -56.09 3.44 -9.56
N HIS A 22 -56.81 4.49 -9.87
CA HIS A 22 -56.52 5.34 -11.05
C HIS A 22 -55.11 5.94 -11.04
N GLY A 23 -54.39 5.86 -12.16
CA GLY A 23 -52.95 6.29 -12.17
C GLY A 23 -52.76 7.76 -11.84
N GLU A 24 -53.77 8.57 -12.17
CA GLU A 24 -53.64 9.99 -11.96
C GLU A 24 -53.58 10.32 -10.50
N LEU A 25 -54.05 9.41 -9.65
CA LEU A 25 -53.94 9.63 -8.21
C LEU A 25 -52.48 9.74 -7.79
N GLN A 26 -51.60 9.15 -8.57
CA GLN A 26 -50.24 9.31 -8.15
C GLN A 26 -49.72 10.73 -8.31
N TYR A 27 -50.14 11.38 -9.38
CA TYR A 27 -49.82 12.74 -9.68
C TYR A 27 -50.40 13.65 -8.60
N LEU A 28 -51.70 13.43 -8.34
CA LEU A 28 -52.35 14.20 -7.32
C LEU A 28 -51.72 14.04 -5.97
N ARG A 29 -51.24 12.83 -5.65
CA ARG A 29 -50.57 12.56 -4.38
C ARG A 29 -49.24 13.32 -4.33
N GLN A 30 -48.56 13.49 -5.47
CA GLN A 30 -47.25 14.17 -5.49
C GLN A 30 -47.51 15.67 -5.23
N VAL A 31 -48.58 16.17 -5.84
CA VAL A 31 -48.96 17.58 -5.75
C VAL A 31 -49.25 17.82 -4.26
N GLU A 32 -50.05 16.92 -3.70
CA GLU A 32 -50.38 17.04 -2.24
C GLU A 32 -49.17 17.02 -1.33
N HIS A 33 -48.29 16.02 -1.56
CA HIS A 33 -47.04 15.93 -0.85
C HIS A 33 -46.24 17.23 -0.91
N ILE A 34 -46.09 17.84 -2.09
CA ILE A 34 -45.32 19.08 -2.16
C ILE A 34 -46.03 20.24 -1.39
N LEU A 35 -47.36 20.30 -1.48
CA LEU A 35 -48.09 21.36 -0.81
C LEU A 35 -47.92 21.21 0.71
N ARG A 36 -47.88 19.98 1.20
CA ARG A 36 -47.80 19.68 2.66
C ARG A 36 -46.38 19.59 3.25
N CYS A 37 -45.40 19.10 2.46
CA CYS A 37 -44.04 18.77 2.96
C CYS A 37 -42.90 19.54 2.31
N GLY A 38 -43.25 20.22 1.23
CA GLY A 38 -42.33 20.90 0.41
C GLY A 38 -41.79 22.09 1.16
N PHE A 39 -40.59 22.49 0.82
CA PHE A 39 -39.96 23.74 1.32
C PHE A 39 -40.10 24.82 0.29
N LYS A 40 -40.28 26.03 0.78
CA LYS A 40 -40.11 27.20 -0.07
C LYS A 40 -38.68 27.28 -0.60
N LYS A 41 -38.58 27.50 -1.90
CA LYS A 41 -37.31 27.58 -2.59
C LYS A 41 -37.40 28.67 -3.63
N GLU A 42 -36.49 29.63 -3.56
CA GLU A 42 -36.28 30.58 -4.64
C GLU A 42 -35.81 29.84 -5.92
N ASP A 43 -36.13 30.44 -7.04
CA ASP A 43 -35.70 29.87 -8.29
C ASP A 43 -35.22 30.87 -9.30
N ARG A 44 -34.66 30.30 -10.36
CA ARG A 44 -34.19 31.04 -11.52
C ARG A 44 -35.15 32.08 -12.09
N THR A 45 -36.43 31.73 -12.18
CA THR A 45 -37.39 32.60 -12.77
C THR A 45 -37.73 33.81 -11.93
N GLY A 46 -37.32 33.76 -10.67
CA GLY A 46 -37.83 34.78 -9.69
C GLY A 46 -39.25 34.61 -9.17
N THR A 47 -39.97 33.56 -9.58
CA THR A 47 -41.40 33.34 -9.21
C THR A 47 -41.55 32.78 -7.79
N GLY A 48 -40.61 31.91 -7.43
CA GLY A 48 -40.69 31.22 -6.15
C GLY A 48 -41.43 29.92 -6.34
N THR A 49 -41.04 28.93 -5.54
CA THR A 49 -41.66 27.59 -5.54
C THR A 49 -41.82 26.93 -4.17
N LEU A 50 -42.62 25.86 -4.09
CA LEU A 50 -42.59 24.90 -2.98
C LEU A 50 -41.94 23.68 -3.68
N SER A 51 -41.02 23.03 -3.01
CA SER A 51 -40.17 22.06 -3.73
C SER A 51 -39.89 20.83 -2.88
N VAL A 52 -39.73 19.66 -3.54
CA VAL A 52 -39.27 18.45 -2.91
C VAL A 52 -38.24 17.89 -3.91
N PHE A 53 -37.16 17.28 -3.43
CA PHE A 53 -36.15 16.67 -4.30
C PHE A 53 -36.36 15.15 -4.28
N GLY A 54 -36.65 14.54 -5.44
CA GLY A 54 -36.70 13.11 -5.52
C GLY A 54 -38.09 12.59 -5.43
N MET A 55 -38.71 12.20 -6.58
CA MET A 55 -40.04 11.63 -6.51
C MET A 55 -40.13 10.63 -7.64
N GLN A 56 -41.10 9.70 -7.54
CA GLN A 56 -41.24 8.68 -8.58
C GLN A 56 -42.69 8.25 -8.62
N ALA A 57 -43.25 8.11 -9.82
CA ALA A 57 -44.57 7.59 -9.95
C ALA A 57 -44.59 6.60 -11.14
N ARG A 58 -45.53 5.67 -11.11
CA ARG A 58 -45.62 4.68 -12.18
C ARG A 58 -46.97 4.72 -12.82
N TYR A 59 -47.02 4.94 -14.14
CA TYR A 59 -48.28 5.09 -14.91
C TYR A 59 -48.40 3.92 -15.84
N SER A 60 -49.35 3.03 -15.55
CA SER A 60 -49.65 1.96 -16.52
C SER A 60 -50.09 2.47 -17.89
N LEU A 61 -49.54 1.82 -18.90
CA LEU A 61 -49.82 2.13 -20.24
C LEU A 61 -50.70 1.07 -20.88
N ARG A 62 -51.18 0.20 -20.03
CA ARG A 62 -51.89 -1.01 -20.50
C ARG A 62 -53.36 -0.75 -20.72
N ASP A 63 -53.68 -0.68 -22.03
CA ASP A 63 -55.07 -0.47 -22.53
C ASP A 63 -55.58 0.88 -22.08
N GLU A 64 -54.66 1.80 -21.74
CA GLU A 64 -55.07 3.14 -21.48
C GLU A 64 -53.89 4.05 -21.62
N PHE A 65 -54.14 5.33 -21.66
CA PHE A 65 -53.07 6.27 -21.95
C PHE A 65 -53.21 7.39 -20.91
N PRO A 66 -52.10 7.75 -20.22
CA PRO A 66 -52.22 8.59 -19.03
C PRO A 66 -52.19 10.06 -19.41
N LEU A 67 -53.23 10.52 -20.07
CA LEU A 67 -53.44 11.96 -20.37
C LEU A 67 -54.33 12.52 -19.25
N LEU A 68 -53.74 13.39 -18.41
CA LEU A 68 -54.42 13.71 -17.17
C LEU A 68 -55.80 14.36 -17.42
N THR A 69 -56.71 14.05 -16.50
CA THR A 69 -58.08 14.49 -16.59
C THR A 69 -58.50 15.56 -15.62
N THR A 70 -57.70 15.84 -14.60
CA THR A 70 -58.17 16.86 -13.68
C THR A 70 -57.92 18.25 -14.19
N LYS A 71 -57.10 18.37 -15.25
CA LYS A 71 -56.93 19.61 -15.99
C LYS A 71 -56.46 19.19 -17.38
N ARG A 72 -57.07 19.79 -18.39
CA ARG A 72 -56.78 19.50 -19.83
C ARG A 72 -55.27 19.69 -20.11
N VAL A 73 -54.72 18.66 -20.75
CA VAL A 73 -53.34 18.70 -21.26
C VAL A 73 -53.35 19.03 -22.78
N PHE A 74 -52.40 19.87 -23.18
CA PHE A 74 -52.19 20.31 -24.56
C PHE A 74 -51.64 19.18 -25.48
N TRP A 75 -52.52 18.26 -25.80
CA TRP A 75 -52.16 17.05 -26.51
C TRP A 75 -51.59 17.39 -27.89
N LYS A 76 -52.18 18.40 -28.55
CA LYS A 76 -51.63 18.85 -29.84
C LYS A 76 -50.16 19.20 -29.76
N GLY A 77 -49.79 19.89 -28.69
CA GLY A 77 -48.43 20.30 -28.42
C GLY A 77 -47.55 19.08 -28.15
N VAL A 78 -48.09 18.16 -27.39
CA VAL A 78 -47.36 16.93 -27.00
C VAL A 78 -46.97 16.19 -28.29
N LEU A 79 -47.99 15.94 -29.14
CA LEU A 79 -47.77 15.10 -30.32
C LEU A 79 -46.89 15.86 -31.34
N GLU A 80 -47.18 17.15 -31.63
CA GLU A 80 -46.33 17.80 -32.67
C GLU A 80 -44.90 17.97 -32.13
N GLU A 81 -44.74 18.21 -30.82
CA GLU A 81 -43.40 18.41 -30.33
C GLU A 81 -42.62 17.12 -30.49
N LEU A 82 -43.25 16.03 -30.19
CA LEU A 82 -42.49 14.76 -30.18
C LEU A 82 -42.14 14.43 -31.60
N LEU A 83 -43.02 14.68 -32.58
CA LEU A 83 -42.68 14.37 -33.96
C LEU A 83 -41.50 15.27 -34.45
N TRP A 84 -41.43 16.48 -33.92
CA TRP A 84 -40.35 17.44 -34.21
C TRP A 84 -39.01 16.95 -33.65
N PHE A 85 -39.01 16.49 -32.39
CA PHE A 85 -37.83 15.80 -31.76
C PHE A 85 -37.37 14.68 -32.69
N ILE A 86 -38.30 13.85 -33.11
CA ILE A 86 -37.93 12.60 -33.86
C ILE A 86 -37.27 12.89 -35.18
N LYS A 87 -37.75 13.92 -35.85
CA LYS A 87 -37.20 14.29 -37.12
C LYS A 87 -35.88 15.02 -36.95
N GLY A 88 -35.47 15.27 -35.71
CA GLY A 88 -34.16 15.88 -35.40
C GLY A 88 -34.12 17.37 -35.57
N SER A 89 -35.29 18.03 -35.64
CA SER A 89 -35.33 19.46 -35.89
C SER A 89 -34.83 20.21 -34.65
N THR A 90 -34.05 21.23 -34.87
CA THR A 90 -33.71 22.19 -33.78
C THR A 90 -34.18 23.63 -34.13
N ASN A 91 -35.12 23.68 -35.04
CA ASN A 91 -35.70 24.92 -35.56
C ASN A 91 -37.05 25.21 -34.97
N ALA A 92 -37.10 26.19 -34.04
CA ALA A 92 -38.38 26.50 -33.39
C ALA A 92 -39.50 26.80 -34.41
N LYS A 93 -39.13 27.39 -35.55
CA LYS A 93 -40.12 27.78 -36.53
C LYS A 93 -40.86 26.57 -37.09
N GLU A 94 -40.17 25.43 -37.16
N GLU A 94 -40.16 25.43 -37.19
CA GLU A 94 -40.72 24.19 -37.70
CA GLU A 94 -40.74 24.19 -37.72
C GLU A 94 -41.76 23.57 -36.78
C GLU A 94 -41.87 23.70 -36.81
N LEU A 95 -41.74 23.99 -35.51
CA LEU A 95 -42.76 23.64 -34.60
C LEU A 95 -43.84 24.73 -34.58
N SER A 96 -43.40 25.99 -34.59
CA SER A 96 -44.32 27.09 -34.54
C SER A 96 -45.35 27.06 -35.71
N SER A 97 -44.89 26.55 -36.85
CA SER A 97 -45.73 26.51 -38.04
C SER A 97 -46.82 25.46 -37.90
N LYS A 98 -46.68 24.61 -36.91
CA LYS A 98 -47.75 23.68 -36.63
C LYS A 98 -48.75 24.21 -35.57
N GLY A 99 -48.58 25.46 -35.14
CA GLY A 99 -49.49 26.08 -34.18
C GLY A 99 -49.06 25.76 -32.76
N VAL A 100 -47.81 25.31 -32.59
CA VAL A 100 -47.30 24.99 -31.26
C VAL A 100 -46.11 25.89 -31.00
N ARG A 101 -46.31 26.82 -30.06
CA ARG A 101 -45.38 27.96 -29.81
C ARG A 101 -44.48 27.86 -28.63
N ILE A 102 -44.45 26.66 -28.05
CA ILE A 102 -43.72 26.41 -26.86
C ILE A 102 -42.25 26.71 -26.83
N TRP A 103 -41.57 26.56 -27.99
CA TRP A 103 -40.16 26.89 -28.15
C TRP A 103 -39.85 28.25 -28.74
N ASP A 104 -40.89 29.03 -29.07
CA ASP A 104 -40.70 30.33 -29.81
C ASP A 104 -39.87 31.37 -29.10
N ALA A 105 -40.12 31.57 -27.81
CA ALA A 105 -39.43 32.63 -27.09
C ALA A 105 -37.99 32.25 -27.03
N ASN A 106 -37.70 30.95 -26.96
CA ASN A 106 -36.29 30.53 -26.88
C ASN A 106 -35.46 30.62 -28.18
N GLY A 107 -36.17 30.85 -29.27
CA GLY A 107 -35.59 30.95 -30.59
C GLY A 107 -35.65 32.36 -31.13
N SER A 108 -36.14 33.29 -30.32
CA SER A 108 -36.35 34.69 -30.80
C SER A 108 -35.06 35.43 -30.96
N ARG A 109 -35.13 36.44 -31.84
CA ARG A 109 -33.97 37.23 -32.15
C ARG A 109 -33.36 37.72 -30.86
N ASP A 110 -34.17 38.35 -30.01
CA ASP A 110 -33.68 38.99 -28.78
C ASP A 110 -33.17 37.97 -27.79
N PHE A 111 -33.84 36.82 -27.69
CA PHE A 111 -33.33 35.79 -26.77
C PHE A 111 -32.01 35.19 -27.23
N LEU A 112 -31.95 34.77 -28.48
CA LEU A 112 -30.68 34.34 -29.08
C LEU A 112 -29.54 35.35 -28.92
N ASP A 113 -29.80 36.61 -29.23
CA ASP A 113 -28.77 37.63 -29.00
C ASP A 113 -28.32 37.73 -27.51
N SER A 114 -29.25 37.62 -26.57
CA SER A 114 -28.95 37.65 -25.13
C SER A 114 -27.94 36.61 -24.65
N LEU A 115 -27.86 35.51 -25.41
CA LEU A 115 -26.94 34.37 -25.16
C LEU A 115 -25.66 34.45 -25.98
N GLY A 116 -25.57 35.51 -26.78
CA GLY A 116 -24.41 35.69 -27.62
C GLY A 116 -24.51 34.98 -28.96
N PHE A 117 -25.73 34.61 -29.36
CA PHE A 117 -25.85 33.90 -30.62
C PHE A 117 -26.38 34.81 -31.71
N SER A 118 -25.74 35.95 -31.91
CA SER A 118 -26.24 36.89 -32.90
C SER A 118 -26.07 36.37 -34.32
N ALA A 119 -25.18 35.38 -34.49
CA ALA A 119 -24.93 34.77 -35.82
C ALA A 119 -26.03 33.82 -36.22
N ARG A 120 -26.84 33.36 -35.26
CA ARG A 120 -27.90 32.39 -35.57
C ARG A 120 -29.11 32.98 -36.21
N GLN A 121 -29.73 32.24 -37.13
CA GLN A 121 -31.05 32.64 -37.61
C GLN A 121 -32.06 32.48 -36.49
N GLU A 122 -33.10 33.30 -36.57
CA GLU A 122 -34.23 33.20 -35.71
C GLU A 122 -34.77 31.79 -35.76
N GLY A 123 -35.09 31.26 -34.57
CA GLY A 123 -35.56 29.88 -34.53
C GLY A 123 -34.49 28.84 -34.21
N ASP A 124 -33.20 29.19 -34.27
CA ASP A 124 -32.13 28.19 -34.12
C ASP A 124 -31.85 28.00 -32.65
N LEU A 125 -32.33 26.89 -32.10
CA LEU A 125 -32.26 26.64 -30.66
C LEU A 125 -30.94 26.04 -30.23
N GLY A 126 -30.10 25.68 -31.20
CA GLY A 126 -28.89 24.98 -30.98
C GLY A 126 -29.21 23.46 -30.82
N PRO A 127 -28.24 22.73 -30.30
CA PRO A 127 -28.23 21.25 -30.26
C PRO A 127 -29.08 20.69 -29.07
N VAL A 128 -30.38 20.97 -29.13
CA VAL A 128 -31.35 20.55 -28.12
C VAL A 128 -31.84 19.14 -28.52
N TYR A 129 -32.98 18.75 -27.99
CA TYR A 129 -33.41 17.33 -28.02
C TYR A 129 -33.31 16.63 -29.35
N GLY A 130 -33.98 17.18 -30.36
CA GLY A 130 -33.88 16.49 -31.67
C GLY A 130 -32.46 16.12 -32.10
N PHE A 131 -31.56 17.06 -31.90
CA PHE A 131 -30.19 16.88 -32.30
C PHE A 131 -29.52 15.82 -31.42
N GLN A 132 -29.66 15.95 -30.07
CA GLN A 132 -29.06 14.93 -29.24
C GLN A 132 -29.65 13.53 -29.46
N TRP A 133 -30.94 13.40 -29.73
CA TRP A 133 -31.56 12.07 -29.83
C TRP A 133 -31.07 11.43 -31.10
N ARG A 134 -30.79 12.21 -32.13
CA ARG A 134 -30.47 11.59 -33.42
C ARG A 134 -28.99 11.75 -33.80
N HIS A 135 -28.23 12.63 -33.14
CA HIS A 135 -26.85 12.97 -33.61
C HIS A 135 -25.95 13.24 -32.43
N PHE A 136 -26.14 12.53 -31.28
CA PHE A 136 -25.34 12.85 -30.08
C PHE A 136 -23.85 12.82 -30.38
N GLY A 137 -23.18 13.96 -30.13
CA GLY A 137 -21.73 14.01 -30.28
C GLY A 137 -21.22 14.55 -31.60
N ALA A 138 -22.13 14.80 -32.52
CA ALA A 138 -21.78 15.45 -33.76
C ALA A 138 -21.52 16.94 -33.47
N GLU A 139 -20.75 17.52 -34.37
CA GLU A 139 -20.43 18.96 -34.21
C GLU A 139 -21.58 19.79 -34.71
N TYR A 140 -22.25 20.53 -33.84
CA TYR A 140 -23.38 21.31 -34.27
C TYR A 140 -22.89 22.54 -35.05
N LYS A 141 -23.54 22.82 -36.16
N LYS A 141 -23.56 22.87 -36.13
CA LYS A 141 -23.21 23.98 -37.03
CA LYS A 141 -23.21 24.10 -36.89
C LYS A 141 -24.37 24.97 -36.87
C LYS A 141 -24.42 25.03 -36.85
N ASP A 142 -25.44 24.77 -37.65
CA ASP A 142 -26.67 25.50 -37.49
C ASP A 142 -27.87 24.59 -37.71
N MET A 143 -29.06 25.13 -37.59
CA MET A 143 -30.24 24.24 -37.54
C MET A 143 -30.58 23.69 -38.94
N ASP A 144 -29.94 24.27 -39.94
CA ASP A 144 -30.18 23.91 -41.35
C ASP A 144 -29.13 22.95 -41.91
N SER A 145 -28.13 22.61 -41.12
CA SER A 145 -27.09 21.74 -41.58
C SER A 145 -27.52 20.27 -41.81
N ASP A 146 -26.83 19.62 -42.75
CA ASP A 146 -27.13 18.22 -43.00
C ASP A 146 -26.32 17.42 -42.06
N TYR A 147 -26.97 16.73 -41.13
CA TYR A 147 -26.27 15.94 -40.11
C TYR A 147 -26.50 14.50 -40.44
N SER A 148 -26.95 14.26 -41.65
CA SER A 148 -27.16 12.89 -42.09
C SER A 148 -26.17 11.90 -41.55
N GLY A 149 -26.64 11.11 -40.59
CA GLY A 149 -25.79 10.06 -40.07
C GLY A 149 -24.56 10.44 -39.27
N GLN A 150 -24.41 11.72 -38.87
CA GLN A 150 -23.33 12.08 -37.95
C GLN A 150 -23.84 11.88 -36.51
N GLY A 151 -22.90 11.52 -35.66
CA GLY A 151 -23.14 11.39 -34.23
C GLY A 151 -23.90 10.10 -33.97
N VAL A 152 -24.36 9.94 -32.75
CA VAL A 152 -24.98 8.72 -32.41
C VAL A 152 -26.49 8.90 -32.57
N ASP A 153 -27.10 8.02 -33.38
CA ASP A 153 -28.54 7.95 -33.43
C ASP A 153 -29.07 7.11 -32.29
N GLN A 154 -29.32 7.77 -31.15
CA GLN A 154 -29.75 7.00 -29.99
C GLN A 154 -31.15 6.41 -30.18
N LEU A 155 -32.02 7.16 -30.85
CA LEU A 155 -33.44 6.74 -31.01
C LEU A 155 -33.47 5.41 -31.81
N GLN A 156 -32.73 5.40 -32.92
CA GLN A 156 -32.69 4.19 -33.75
C GLN A 156 -31.97 3.10 -33.01
N LYS A 157 -30.86 3.42 -32.32
CA LYS A 157 -30.23 2.40 -31.47
C LYS A 157 -31.14 1.75 -30.44
N VAL A 158 -31.89 2.54 -29.68
CA VAL A 158 -32.84 1.98 -28.74
C VAL A 158 -33.82 1.00 -29.41
N ILE A 159 -34.32 1.41 -30.57
CA ILE A 159 -35.34 0.63 -31.28
C ILE A 159 -34.69 -0.72 -31.72
N ASP A 160 -33.50 -0.64 -32.27
CA ASP A 160 -32.78 -1.87 -32.73
C ASP A 160 -32.50 -2.78 -31.59
N THR A 161 -32.05 -2.21 -30.44
CA THR A 161 -31.78 -3.04 -29.28
C THR A 161 -33.00 -3.72 -28.72
N ILE A 162 -34.16 -3.03 -28.68
CA ILE A 162 -35.36 -3.64 -28.16
C ILE A 162 -35.72 -4.87 -29.04
N LYS A 163 -35.50 -4.71 -30.34
CA LYS A 163 -35.84 -5.84 -31.26
C LYS A 163 -34.84 -7.01 -31.12
N THR A 164 -33.56 -6.74 -30.91
CA THR A 164 -32.50 -7.80 -31.02
C THR A 164 -32.09 -8.37 -29.67
N ASN A 165 -32.15 -7.51 -28.63
CA ASN A 165 -31.71 -7.86 -27.27
C ASN A 165 -32.64 -7.16 -26.26
N PRO A 166 -33.86 -7.67 -26.12
CA PRO A 166 -34.80 -6.88 -25.35
C PRO A 166 -34.43 -6.95 -23.87
N ASP A 167 -33.65 -7.98 -23.45
CA ASP A 167 -33.20 -8.04 -22.04
C ASP A 167 -32.13 -6.95 -21.70
N ASP A 168 -31.64 -6.24 -22.70
CA ASP A 168 -30.49 -5.31 -22.42
C ASP A 168 -30.82 -4.27 -21.32
N ARG A 169 -29.82 -3.99 -20.48
CA ARG A 169 -30.04 -3.10 -19.30
C ARG A 169 -29.42 -1.75 -19.56
N ARG A 170 -29.07 -1.49 -20.81
CA ARG A 170 -28.46 -0.24 -21.22
C ARG A 170 -29.23 0.49 -22.28
N ILE A 171 -30.53 0.32 -22.38
CA ILE A 171 -31.29 0.85 -23.48
C ILE A 171 -31.71 2.28 -23.07
N ILE A 172 -30.83 3.22 -23.44
CA ILE A 172 -30.85 4.58 -22.91
C ILE A 172 -30.76 5.59 -24.03
N MET A 173 -31.59 6.65 -23.87
CA MET A 173 -31.46 7.79 -24.74
C MET A 173 -31.20 8.98 -23.87
N CYS A 174 -30.06 9.63 -24.09
CA CYS A 174 -29.64 10.73 -23.17
C CYS A 174 -29.60 12.03 -23.97
N ALA A 175 -30.31 13.07 -23.47
CA ALA A 175 -30.30 14.44 -24.06
C ALA A 175 -29.37 15.34 -23.31
N TRP A 176 -29.01 14.93 -22.08
CA TRP A 176 -28.00 15.73 -21.31
C TRP A 176 -26.59 15.63 -21.88
N ASN A 177 -26.10 16.66 -22.52
CA ASN A 177 -24.82 16.55 -23.19
C ASN A 177 -23.94 17.71 -22.69
N PRO A 178 -23.16 17.47 -21.64
CA PRO A 178 -22.43 18.59 -21.03
C PRO A 178 -21.60 19.43 -22.02
N LYS A 179 -21.00 18.79 -23.03
CA LYS A 179 -20.17 19.56 -23.99
C LYS A 179 -21.05 20.57 -24.79
N ASP A 180 -22.26 20.17 -25.12
CA ASP A 180 -23.17 20.94 -25.92
C ASP A 180 -24.04 21.94 -25.14
N LEU A 181 -24.09 21.81 -23.80
CA LEU A 181 -25.06 22.60 -23.06
C LEU A 181 -24.94 24.12 -23.37
N PRO A 182 -23.70 24.66 -23.42
CA PRO A 182 -23.64 26.13 -23.60
C PRO A 182 -24.12 26.62 -24.91
N LEU A 183 -24.24 25.71 -25.89
CA LEU A 183 -24.79 26.09 -27.20
C LEU A 183 -26.28 25.97 -27.26
N MET A 184 -26.93 25.33 -26.24
CA MET A 184 -28.36 25.21 -26.28
C MET A 184 -29.07 26.47 -25.82
N ALA A 185 -30.21 26.72 -26.44
CA ALA A 185 -31.02 27.90 -26.01
C ALA A 185 -31.44 27.76 -24.54
N LEU A 186 -31.68 26.53 -24.09
CA LEU A 186 -31.86 26.22 -22.67
C LEU A 186 -31.55 24.76 -22.39
N PRO A 187 -31.16 24.45 -21.14
CA PRO A 187 -30.71 23.14 -20.87
C PRO A 187 -31.90 22.19 -20.81
N PRO A 188 -31.71 20.96 -21.29
CA PRO A 188 -32.77 19.91 -21.31
C PRO A 188 -33.36 19.60 -19.90
N CYS A 189 -34.70 19.57 -19.69
CA CYS A 189 -35.27 19.10 -18.36
C CYS A 189 -35.25 17.56 -18.37
N HIS A 190 -35.45 16.98 -19.57
CA HIS A 190 -35.60 15.48 -19.66
C HIS A 190 -34.28 14.90 -19.98
N ALA A 191 -33.48 14.69 -18.92
CA ALA A 191 -32.08 14.39 -19.06
C ALA A 191 -31.80 13.08 -19.76
N LEU A 192 -32.57 12.10 -19.42
CA LEU A 192 -32.42 10.78 -20.10
C LEU A 192 -33.63 9.96 -19.89
N CYS A 193 -33.79 8.98 -20.76
CA CYS A 193 -34.80 7.96 -20.50
C CYS A 193 -34.19 6.58 -20.78
N GLN A 194 -34.80 5.57 -20.18
CA GLN A 194 -34.29 4.15 -20.30
C GLN A 194 -35.54 3.34 -20.60
N PHE A 195 -35.37 2.37 -21.48
CA PHE A 195 -36.44 1.41 -21.82
C PHE A 195 -36.09 0.04 -21.27
N TYR A 196 -37.11 -0.81 -21.18
CA TYR A 196 -36.96 -2.08 -20.55
C TYR A 196 -38.02 -2.97 -21.16
N VAL A 197 -37.67 -4.27 -21.25
CA VAL A 197 -38.68 -5.27 -21.74
C VAL A 197 -38.74 -6.48 -20.86
N VAL A 198 -39.94 -6.80 -20.50
CA VAL A 198 -40.18 -8.15 -19.89
C VAL A 198 -41.60 -8.59 -20.24
N ASN A 199 -41.86 -9.92 -20.31
CA ASN A 199 -43.26 -10.32 -20.48
C ASN A 199 -43.95 -9.69 -21.72
N GLY A 200 -43.17 -9.51 -22.78
CA GLY A 200 -43.65 -8.87 -24.05
C GLY A 200 -44.14 -7.40 -23.90
N GLU A 201 -43.75 -6.75 -22.79
CA GLU A 201 -44.18 -5.39 -22.53
C GLU A 201 -42.98 -4.48 -22.53
N LEU A 202 -43.19 -3.31 -23.16
CA LEU A 202 -42.12 -2.28 -23.21
C LEU A 202 -42.36 -1.17 -22.16
N SER A 203 -41.42 -1.00 -21.22
CA SER A 203 -41.59 0.12 -20.28
C SER A 203 -40.49 1.19 -20.50
N CYS A 204 -40.77 2.41 -20.01
CA CYS A 204 -39.82 3.52 -20.14
C CYS A 204 -39.78 4.22 -18.81
N GLN A 205 -38.55 4.57 -18.39
CA GLN A 205 -38.36 5.45 -17.21
C GLN A 205 -37.72 6.80 -17.72
N LEU A 206 -38.28 7.91 -17.27
CA LEU A 206 -37.79 9.30 -17.65
C LEU A 206 -37.10 9.80 -16.39
N TYR A 207 -35.88 10.33 -16.53
CA TYR A 207 -35.26 11.10 -15.46
C TYR A 207 -35.45 12.55 -15.81
N GLN A 208 -36.38 13.21 -15.11
CA GLN A 208 -36.68 14.61 -15.33
C GLN A 208 -36.04 15.43 -14.21
N ARG A 209 -35.08 16.30 -14.56
CA ARG A 209 -34.26 16.95 -13.51
C ARG A 209 -35.08 18.02 -12.74
N SER A 210 -36.16 18.47 -13.34
CA SER A 210 -36.83 19.67 -12.81
C SER A 210 -38.22 19.57 -13.41
N GLY A 211 -39.23 19.62 -12.55
CA GLY A 211 -40.68 19.49 -12.99
C GLY A 211 -41.57 20.57 -12.38
N ASP A 212 -42.19 21.37 -13.25
CA ASP A 212 -43.27 22.37 -12.93
C ASP A 212 -44.51 21.47 -12.80
N MET A 213 -44.92 21.19 -11.58
CA MET A 213 -45.98 20.25 -11.42
C MET A 213 -47.29 20.75 -12.03
N GLY A 214 -47.52 22.04 -11.95
CA GLY A 214 -48.82 22.50 -12.38
C GLY A 214 -48.95 22.55 -13.91
N LEU A 215 -47.89 22.83 -14.60
CA LEU A 215 -47.98 23.13 -16.06
C LEU A 215 -47.09 22.26 -16.94
N GLY A 216 -45.95 21.80 -16.43
CA GLY A 216 -45.02 21.03 -17.33
C GLY A 216 -45.29 19.52 -17.17
N VAL A 217 -45.29 19.04 -15.92
CA VAL A 217 -45.31 17.56 -15.65
C VAL A 217 -46.44 16.78 -16.38
N PRO A 218 -47.66 17.31 -16.36
CA PRO A 218 -48.68 16.53 -17.12
C PRO A 218 -48.39 16.39 -18.62
N PHE A 219 -47.86 17.46 -19.24
CA PHE A 219 -47.50 17.41 -20.66
C PHE A 219 -46.35 16.37 -20.77
N ASN A 220 -45.41 16.41 -19.81
CA ASN A 220 -44.23 15.51 -19.87
C ASN A 220 -44.60 14.01 -19.79
N ILE A 221 -45.52 13.68 -18.91
CA ILE A 221 -45.99 12.30 -18.75
C ILE A 221 -46.57 11.86 -20.11
N ALA A 222 -47.38 12.71 -20.72
CA ALA A 222 -47.96 12.39 -22.02
C ALA A 222 -46.89 12.20 -23.13
N SER A 223 -45.83 13.03 -23.16
CA SER A 223 -44.78 12.98 -24.19
C SER A 223 -44.11 11.62 -24.10
N TYR A 224 -43.70 11.21 -22.87
CA TYR A 224 -42.95 9.96 -22.83
C TYR A 224 -43.83 8.73 -22.86
N ALA A 225 -45.09 8.87 -22.45
CA ALA A 225 -46.05 7.79 -22.65
C ALA A 225 -46.26 7.56 -24.15
N LEU A 226 -46.37 8.64 -24.90
CA LEU A 226 -46.56 8.55 -26.38
C LEU A 226 -45.32 7.89 -26.97
N LEU A 227 -44.12 8.32 -26.59
CA LEU A 227 -42.92 7.82 -27.20
C LEU A 227 -42.93 6.29 -27.01
N THR A 228 -43.32 5.85 -25.79
CA THR A 228 -43.44 4.42 -25.44
C THR A 228 -44.39 3.68 -26.38
N TYR A 229 -45.55 4.26 -26.57
CA TYR A 229 -46.54 3.75 -27.53
C TYR A 229 -45.94 3.60 -28.95
N MET A 230 -45.24 4.65 -29.42
CA MET A 230 -44.65 4.68 -30.77
C MET A 230 -43.62 3.56 -30.86
N ILE A 231 -42.75 3.48 -29.87
CA ILE A 231 -41.69 2.46 -29.94
C ILE A 231 -42.24 1.03 -29.80
N ALA A 232 -43.18 0.86 -28.90
CA ALA A 232 -43.91 -0.45 -28.71
C ALA A 232 -44.52 -0.82 -30.06
N HIS A 233 -45.12 0.15 -30.75
CA HIS A 233 -45.78 -0.19 -32.06
C HIS A 233 -44.76 -0.72 -33.08
N ILE A 234 -43.63 -0.01 -33.21
CA ILE A 234 -42.57 -0.32 -34.19
C ILE A 234 -41.96 -1.68 -33.84
N THR A 235 -41.87 -1.98 -32.55
CA THR A 235 -41.15 -3.19 -32.09
C THR A 235 -42.03 -4.37 -31.80
N GLY A 236 -43.31 -4.19 -31.99
CA GLY A 236 -44.25 -5.39 -31.88
C GLY A 236 -44.56 -5.78 -30.46
N LEU A 237 -44.36 -4.83 -29.53
CA LEU A 237 -44.58 -5.05 -28.09
C LEU A 237 -45.80 -4.33 -27.59
N GLN A 238 -46.23 -4.62 -26.38
CA GLN A 238 -47.34 -3.98 -25.70
C GLN A 238 -46.72 -2.98 -24.74
N PRO A 239 -47.28 -1.76 -24.69
CA PRO A 239 -46.90 -0.78 -23.67
C PRO A 239 -47.09 -1.37 -22.25
N GLY A 240 -46.10 -1.17 -21.37
CA GLY A 240 -46.17 -1.66 -20.00
C GLY A 240 -46.34 -0.51 -19.05
N ASP A 241 -45.20 -0.06 -18.47
CA ASP A 241 -45.31 1.12 -17.58
C ASP A 241 -44.44 2.29 -18.04
N PHE A 242 -44.89 3.47 -17.72
CA PHE A 242 -44.03 4.66 -17.78
C PHE A 242 -43.70 5.07 -16.33
N VAL A 243 -42.41 5.05 -16.01
CA VAL A 243 -42.01 5.43 -14.65
C VAL A 243 -41.45 6.84 -14.79
N HIS A 244 -42.02 7.74 -14.00
CA HIS A 244 -41.62 9.11 -14.05
C HIS A 244 -40.81 9.44 -12.80
N THR A 245 -39.54 9.82 -13.00
CA THR A 245 -38.66 10.18 -11.87
C THR A 245 -38.31 11.67 -11.97
N LEU A 246 -38.53 12.38 -10.86
CA LEU A 246 -38.21 13.78 -10.74
C LEU A 246 -37.01 14.03 -9.86
N GLY A 247 -36.28 15.10 -10.23
CA GLY A 247 -35.23 15.76 -9.39
C GLY A 247 -35.97 16.83 -8.53
N ASP A 248 -35.90 18.08 -8.98
CA ASP A 248 -36.65 19.16 -8.19
C ASP A 248 -38.05 19.13 -8.71
N ALA A 249 -38.98 18.52 -7.95
CA ALA A 249 -40.38 18.54 -8.23
C ALA A 249 -40.96 19.77 -7.49
N HIS A 250 -41.52 20.73 -8.22
CA HIS A 250 -41.93 21.99 -7.58
C HIS A 250 -43.24 22.50 -8.08
N ILE A 251 -43.87 23.29 -7.24
CA ILE A 251 -45.12 23.93 -7.58
C ILE A 251 -44.77 25.42 -7.50
N TYR A 252 -44.98 26.12 -8.60
CA TYR A 252 -44.76 27.59 -8.58
C TYR A 252 -45.78 28.23 -7.65
N LEU A 253 -45.32 29.24 -6.95
CA LEU A 253 -46.19 29.94 -5.95
C LEU A 253 -47.53 30.32 -6.63
N ASN A 254 -47.51 30.73 -7.89
CA ASN A 254 -48.78 31.15 -8.57
C ASN A 254 -49.77 30.04 -8.86
N HIS A 255 -49.31 28.79 -8.82
CA HIS A 255 -50.20 27.67 -9.05
C HIS A 255 -50.79 26.98 -7.81
N ILE A 256 -50.47 27.48 -6.60
CA ILE A 256 -50.88 26.81 -5.40
C ILE A 256 -52.42 26.75 -5.31
N GLU A 257 -53.09 27.87 -5.52
CA GLU A 257 -54.56 27.85 -5.38
C GLU A 257 -55.25 27.05 -6.47
N PRO A 258 -54.85 27.23 -7.74
CA PRO A 258 -55.41 26.33 -8.79
C PRO A 258 -55.25 24.81 -8.51
N LEU A 259 -54.06 24.42 -8.06
CA LEU A 259 -53.84 22.99 -7.73
C LEU A 259 -54.65 22.56 -6.51
N LYS A 260 -54.86 23.45 -5.53
CA LYS A 260 -55.79 23.07 -4.47
C LYS A 260 -57.18 22.70 -5.00
N ILE A 261 -57.67 23.43 -5.98
CA ILE A 261 -59.00 23.19 -6.53
C ILE A 261 -58.96 21.91 -7.34
N GLN A 262 -57.95 21.79 -8.19
CA GLN A 262 -57.73 20.54 -8.91
C GLN A 262 -57.66 19.26 -8.06
N LEU A 263 -56.97 19.32 -6.92
CA LEU A 263 -56.80 18.13 -6.04
C LEU A 263 -58.16 17.59 -5.58
N GLN A 264 -59.18 18.41 -5.66
CA GLN A 264 -60.47 17.98 -5.16
C GLN A 264 -61.24 17.27 -6.22
N ARG A 265 -60.70 17.20 -7.44
CA ARG A 265 -61.45 16.60 -8.57
C ARG A 265 -61.18 15.16 -8.69
N GLU A 266 -62.22 14.39 -8.99
CA GLU A 266 -62.03 12.94 -9.15
C GLU A 266 -61.57 12.68 -10.58
N PRO A 267 -60.42 12.01 -10.73
CA PRO A 267 -60.02 11.72 -12.09
C PRO A 267 -61.13 10.92 -12.81
N ARG A 268 -61.22 11.15 -14.10
CA ARG A 268 -62.07 10.36 -14.97
C ARG A 268 -61.20 9.27 -15.52
N PRO A 269 -61.78 8.11 -15.91
CA PRO A 269 -60.91 7.09 -16.45
C PRO A 269 -60.10 7.66 -17.66
N PHE A 270 -58.83 7.28 -17.72
CA PHE A 270 -57.98 7.76 -18.80
C PHE A 270 -58.46 7.38 -20.20
N PRO A 271 -58.05 8.17 -21.19
CA PRO A 271 -58.42 7.81 -22.56
C PRO A 271 -57.60 6.69 -23.07
N LYS A 272 -57.90 6.30 -24.30
CA LYS A 272 -57.08 5.32 -25.03
C LYS A 272 -56.38 6.07 -26.10
N LEU A 273 -55.18 5.60 -26.44
CA LEU A 273 -54.52 6.11 -27.61
C LEU A 273 -54.60 5.03 -28.68
N LYS A 274 -55.08 5.45 -29.84
CA LYS A 274 -55.11 4.54 -31.01
C LYS A 274 -54.11 4.95 -32.09
N ILE A 275 -53.35 3.99 -32.57
CA ILE A 275 -52.50 4.19 -33.71
C ILE A 275 -53.27 3.68 -34.96
N LEU A 276 -53.44 4.58 -35.95
CA LEU A 276 -54.51 4.44 -36.98
C LEU A 276 -54.07 3.72 -38.23
N ARG A 277 -52.84 3.23 -38.27
CA ARG A 277 -52.36 2.37 -39.36
C ARG A 277 -51.13 1.63 -38.85
N LYS A 278 -50.67 0.62 -39.60
CA LYS A 278 -49.44 -0.10 -39.27
C LYS A 278 -48.26 0.76 -39.75
N VAL A 279 -47.44 1.21 -38.79
CA VAL A 279 -46.30 2.03 -39.11
C VAL A 279 -45.04 1.24 -38.81
N GLU A 280 -44.08 1.30 -39.72
CA GLU A 280 -42.96 0.37 -39.71
C GLU A 280 -41.68 1.00 -39.18
N THR A 281 -41.52 2.32 -39.29
CA THR A 281 -40.32 2.93 -38.72
C THR A 281 -40.72 4.21 -37.95
N ILE A 282 -39.80 4.62 -37.07
CA ILE A 282 -40.14 5.70 -36.17
C ILE A 282 -40.26 7.02 -36.92
N ASP A 283 -39.51 7.13 -38.02
CA ASP A 283 -39.56 8.30 -38.83
C ASP A 283 -40.83 8.44 -39.62
N ASP A 284 -41.57 7.35 -39.79
CA ASP A 284 -42.80 7.41 -40.62
C ASP A 284 -44.08 7.86 -39.92
N PHE A 285 -44.09 7.96 -38.57
CA PHE A 285 -45.23 8.45 -37.91
C PHE A 285 -45.52 9.91 -38.31
N LYS A 286 -46.79 10.22 -38.41
CA LYS A 286 -47.31 11.54 -38.72
C LYS A 286 -48.47 11.85 -37.80
N VAL A 287 -48.79 13.14 -37.67
CA VAL A 287 -49.84 13.56 -36.75
C VAL A 287 -51.14 12.83 -36.98
N GLU A 288 -51.52 12.57 -38.24
CA GLU A 288 -52.85 11.97 -38.45
C GLU A 288 -52.90 10.49 -38.18
N ASP A 289 -51.78 9.91 -37.72
CA ASP A 289 -51.72 8.49 -37.41
C ASP A 289 -52.24 8.19 -36.02
N PHE A 290 -52.54 9.24 -35.26
CA PHE A 290 -52.88 9.07 -33.86
C PHE A 290 -54.28 9.63 -33.53
N GLN A 291 -54.97 8.92 -32.66
CA GLN A 291 -56.24 9.33 -32.07
C GLN A 291 -56.35 9.12 -30.56
N ILE A 292 -56.64 10.19 -29.84
CA ILE A 292 -56.94 10.07 -28.43
C ILE A 292 -58.44 9.80 -28.37
N GLU A 293 -58.81 8.68 -27.79
N GLU A 293 -58.78 8.67 -27.78
CA GLU A 293 -60.22 8.40 -27.73
CA GLU A 293 -60.18 8.24 -27.66
C GLU A 293 -60.74 8.41 -26.32
C GLU A 293 -60.71 8.45 -26.27
N GLY A 294 -61.87 9.08 -26.13
CA GLY A 294 -62.49 9.11 -24.78
C GLY A 294 -61.78 9.95 -23.71
N TYR A 295 -61.29 11.09 -24.15
CA TYR A 295 -60.61 12.03 -23.28
C TYR A 295 -61.66 12.97 -22.72
N ASN A 296 -61.90 12.87 -21.41
CA ASN A 296 -62.95 13.70 -20.73
C ASN A 296 -62.40 14.54 -19.56
N PRO A 297 -61.53 15.54 -19.85
CA PRO A 297 -60.98 16.25 -18.73
C PRO A 297 -62.03 17.15 -18.10
N HIS A 298 -61.88 17.37 -16.81
CA HIS A 298 -62.77 18.32 -16.10
C HIS A 298 -62.76 19.67 -16.79
N PRO A 299 -63.93 20.31 -16.87
CA PRO A 299 -63.99 21.66 -17.32
C PRO A 299 -63.33 22.58 -16.26
N THR A 300 -62.75 23.67 -16.75
CA THR A 300 -62.21 24.73 -15.89
C THR A 300 -63.34 25.44 -15.13
N ILE A 301 -63.02 25.98 -13.95
CA ILE A 301 -63.98 26.76 -13.17
C ILE A 301 -63.25 28.04 -12.80
N LYS A 302 -63.98 29.15 -12.73
CA LYS A 302 -63.31 30.42 -12.50
C LYS A 302 -62.97 30.51 -11.01
N MET A 303 -61.77 30.97 -10.70
CA MET A 303 -61.36 31.07 -9.32
C MET A 303 -60.78 32.48 -9.12
N GLU A 304 -61.08 33.06 -7.98
CA GLU A 304 -60.70 34.44 -7.74
C GLU A 304 -59.73 34.55 -6.60
N MET A 305 -58.75 35.42 -6.78
CA MET A 305 -57.84 35.74 -5.70
C MET A 305 -57.83 37.24 -5.50
N ALA A 306 -57.82 37.66 -4.24
CA ALA A 306 -58.03 39.07 -3.91
C ALA A 306 -57.28 39.47 -2.65
N VAL A 307 -56.80 40.71 -2.68
CA VAL A 307 -56.27 41.34 -1.49
C VAL A 307 -56.77 42.81 -1.49
N PRO B 20 -38.42 6.66 14.78
CA PRO B 20 -38.09 6.67 13.36
C PRO B 20 -37.68 5.29 12.84
N ARG B 21 -37.96 5.04 11.56
CA ARG B 21 -37.60 3.80 10.90
C ARG B 21 -36.18 3.91 10.32
N HIS B 22 -35.31 2.99 10.71
CA HIS B 22 -33.91 2.88 10.22
C HIS B 22 -33.82 2.96 8.67
N GLY B 23 -32.77 3.59 8.15
CA GLY B 23 -32.71 3.81 6.70
C GLY B 23 -32.44 2.50 5.95
N GLU B 24 -31.80 1.54 6.62
CA GLU B 24 -31.40 0.26 5.96
C GLU B 24 -32.66 -0.47 5.54
N LEU B 25 -33.72 -0.23 6.30
CA LEU B 25 -35.01 -0.86 5.97
C LEU B 25 -35.47 -0.52 4.53
N GLN B 26 -35.06 0.62 4.00
CA GLN B 26 -35.39 0.97 2.56
C GLN B 26 -34.79 -0.04 1.63
N TYR B 27 -33.49 -0.34 1.82
CA TYR B 27 -32.83 -1.35 0.99
C TYR B 27 -33.48 -2.75 1.21
N LEU B 28 -33.66 -3.12 2.46
CA LEU B 28 -34.18 -4.46 2.74
C LEU B 28 -35.60 -4.64 2.13
N ARG B 29 -36.40 -3.60 2.20
CA ARG B 29 -37.74 -3.63 1.58
C ARG B 29 -37.72 -3.73 0.04
N GLN B 30 -36.77 -3.07 -0.61
CA GLN B 30 -36.57 -3.27 -2.04
C GLN B 30 -36.23 -4.70 -2.42
N VAL B 31 -35.31 -5.33 -1.67
CA VAL B 31 -34.94 -6.71 -1.90
C VAL B 31 -36.22 -7.56 -1.76
N GLU B 32 -36.94 -7.33 -0.67
CA GLU B 32 -38.18 -8.13 -0.49
C GLU B 32 -39.17 -7.90 -1.63
N HIS B 33 -39.34 -6.64 -2.05
CA HIS B 33 -40.27 -6.35 -3.14
C HIS B 33 -39.93 -7.07 -4.45
N ILE B 34 -38.65 -7.11 -4.76
CA ILE B 34 -38.17 -7.83 -5.96
C ILE B 34 -38.46 -9.32 -5.82
N LEU B 35 -38.15 -9.83 -4.63
CA LEU B 35 -38.34 -11.28 -4.38
C LEU B 35 -39.84 -11.70 -4.50
N ARG B 36 -40.73 -10.78 -4.16
N ARG B 36 -40.74 -10.79 -4.11
CA ARG B 36 -42.16 -11.02 -4.09
CA ARG B 36 -42.18 -11.03 -4.12
C ARG B 36 -42.92 -10.59 -5.31
C ARG B 36 -42.77 -10.76 -5.47
N CYS B 37 -42.37 -9.64 -6.09
CA CYS B 37 -43.14 -8.99 -7.18
C CYS B 37 -42.40 -8.82 -8.47
N GLY B 38 -41.13 -9.13 -8.42
CA GLY B 38 -40.25 -9.13 -9.60
C GLY B 38 -40.66 -10.18 -10.64
N PHE B 39 -40.32 -9.93 -11.88
CA PHE B 39 -40.58 -10.91 -12.96
C PHE B 39 -39.33 -11.63 -13.27
N LYS B 40 -39.43 -12.92 -13.55
CA LYS B 40 -38.23 -13.57 -14.15
C LYS B 40 -37.77 -12.93 -15.44
N LYS B 41 -36.49 -12.58 -15.51
CA LYS B 41 -35.95 -11.88 -16.66
C LYS B 41 -34.58 -12.44 -17.00
N GLU B 42 -34.40 -12.87 -18.26
CA GLU B 42 -33.07 -13.40 -18.65
C GLU B 42 -32.12 -12.22 -18.72
N ASP B 43 -30.83 -12.49 -18.71
CA ASP B 43 -29.87 -11.36 -18.70
C ASP B 43 -28.62 -11.69 -19.44
N ARG B 44 -27.84 -10.65 -19.70
CA ARG B 44 -26.54 -10.74 -20.35
C ARG B 44 -25.58 -11.82 -19.84
N THR B 45 -25.57 -12.06 -18.52
CA THR B 45 -24.60 -13.01 -17.94
C THR B 45 -25.04 -14.46 -18.16
N GLY B 46 -26.32 -14.65 -18.50
CA GLY B 46 -26.83 -16.04 -18.56
C GLY B 46 -27.33 -16.63 -17.24
N THR B 47 -27.19 -15.88 -16.15
CA THR B 47 -27.61 -16.35 -14.88
C THR B 47 -29.10 -16.28 -14.72
N GLY B 48 -29.73 -15.21 -15.24
CA GLY B 48 -31.14 -15.01 -14.96
C GLY B 48 -31.32 -14.18 -13.71
N THR B 49 -32.45 -13.48 -13.65
CA THR B 49 -32.71 -12.56 -12.53
C THR B 49 -34.19 -12.55 -12.19
N LEU B 50 -34.55 -12.04 -11.00
CA LEU B 50 -35.91 -11.54 -10.72
C LEU B 50 -35.71 -9.99 -10.85
N SER B 51 -36.67 -9.29 -11.49
CA SER B 51 -36.38 -7.92 -11.91
C SER B 51 -37.63 -7.04 -11.71
N VAL B 52 -37.43 -5.84 -11.16
CA VAL B 52 -38.45 -4.81 -11.23
C VAL B 52 -37.88 -3.57 -11.93
N PHE B 53 -38.64 -2.92 -12.82
CA PHE B 53 -38.08 -1.73 -13.51
C PHE B 53 -38.61 -0.50 -12.77
N GLY B 54 -37.72 0.33 -12.18
CA GLY B 54 -38.22 1.60 -11.65
C GLY B 54 -38.37 1.42 -10.14
N MET B 55 -37.36 1.86 -9.35
CA MET B 55 -37.55 1.85 -7.91
C MET B 55 -36.85 3.13 -7.38
N GLN B 56 -37.18 3.46 -6.14
CA GLN B 56 -36.51 4.71 -5.58
C GLN B 56 -36.53 4.55 -4.07
N ALA B 57 -35.36 4.80 -3.46
CA ALA B 57 -35.24 4.76 -2.02
C ALA B 57 -34.58 6.08 -1.60
N ARG B 58 -34.82 6.49 -0.36
CA ARG B 58 -34.21 7.72 0.16
C ARG B 58 -33.44 7.38 1.45
N TYR B 59 -32.18 7.77 1.54
CA TYR B 59 -31.35 7.45 2.70
C TYR B 59 -30.97 8.73 3.29
N SER B 60 -31.46 8.99 4.52
CA SER B 60 -30.97 10.18 5.16
C SER B 60 -29.47 10.06 5.43
N LEU B 61 -28.76 11.16 5.23
CA LEU B 61 -27.34 11.27 5.52
C LEU B 61 -27.08 12.11 6.75
N ARG B 62 -28.14 12.40 7.48
CA ARG B 62 -28.04 13.37 8.65
C ARG B 62 -27.56 12.70 9.90
N ASP B 63 -26.31 12.98 10.26
CA ASP B 63 -25.72 12.39 11.46
C ASP B 63 -25.57 10.85 11.34
N GLU B 64 -25.64 10.30 10.11
CA GLU B 64 -25.41 8.86 9.92
C GLU B 64 -25.01 8.66 8.46
N PHE B 65 -24.43 7.51 8.23
CA PHE B 65 -23.83 7.16 6.91
C PHE B 65 -24.30 5.79 6.51
N PRO B 66 -24.95 5.70 5.34
CA PRO B 66 -25.68 4.44 5.02
C PRO B 66 -24.79 3.25 4.51
N LEU B 67 -23.97 2.70 5.39
CA LEU B 67 -23.23 1.52 5.17
C LEU B 67 -23.99 0.38 5.81
N LEU B 68 -24.47 -0.61 5.00
CA LEU B 68 -25.31 -1.67 5.57
C LEU B 68 -24.70 -2.41 6.70
N THR B 69 -25.54 -2.69 7.69
CA THR B 69 -25.13 -3.37 8.92
C THR B 69 -25.51 -4.83 8.85
N THR B 70 -26.38 -5.19 7.95
CA THR B 70 -26.81 -6.62 7.90
C THR B 70 -25.91 -7.46 7.01
N LYS B 71 -25.05 -6.80 6.24
CA LYS B 71 -23.96 -7.50 5.54
C LYS B 71 -22.88 -6.50 5.30
N ARG B 72 -21.66 -6.98 5.56
CA ARG B 72 -20.49 -6.19 5.38
C ARG B 72 -20.38 -5.67 3.98
N VAL B 73 -20.18 -4.38 3.89
CA VAL B 73 -19.91 -3.72 2.60
C VAL B 73 -18.44 -3.33 2.55
N PHE B 74 -17.87 -3.40 1.33
CA PHE B 74 -16.43 -3.17 1.06
C PHE B 74 -16.04 -1.68 1.03
N TRP B 75 -16.06 -1.12 2.21
CA TRP B 75 -15.81 0.27 2.36
C TRP B 75 -14.48 0.76 1.79
N LYS B 76 -13.43 -0.05 2.00
CA LYS B 76 -12.10 0.29 1.51
C LYS B 76 -12.19 0.49 -0.01
N GLY B 77 -13.00 -0.36 -0.62
CA GLY B 77 -13.17 -0.28 -2.06
C GLY B 77 -13.93 0.92 -2.50
N VAL B 78 -14.92 1.27 -1.71
CA VAL B 78 -15.80 2.41 -2.01
C VAL B 78 -14.97 3.70 -2.01
N LEU B 79 -14.21 3.86 -0.92
CA LEU B 79 -13.41 5.07 -0.74
C LEU B 79 -12.29 5.11 -1.77
N GLU B 80 -11.53 4.01 -1.98
CA GLU B 80 -10.40 4.11 -2.90
C GLU B 80 -10.93 4.32 -4.36
N GLU B 81 -12.03 3.63 -4.67
CA GLU B 81 -12.59 3.86 -6.01
C GLU B 81 -13.03 5.31 -6.24
N LEU B 82 -13.70 5.91 -5.28
CA LEU B 82 -14.13 7.27 -5.49
C LEU B 82 -12.94 8.23 -5.67
N LEU B 83 -11.91 8.04 -4.85
CA LEU B 83 -10.76 8.95 -4.94
C LEU B 83 -10.10 8.83 -6.30
N TRP B 84 -10.14 7.61 -6.81
CA TRP B 84 -9.64 7.25 -8.16
C TRP B 84 -10.46 7.88 -9.26
N PHE B 85 -11.83 7.86 -9.13
CA PHE B 85 -12.63 8.69 -10.06
C PHE B 85 -12.26 10.18 -10.00
N ILE B 86 -12.17 10.72 -8.78
CA ILE B 86 -11.97 12.16 -8.61
C ILE B 86 -10.66 12.60 -9.30
N LYS B 87 -9.65 11.76 -9.23
CA LYS B 87 -8.39 12.17 -9.83
C LYS B 87 -8.38 11.94 -11.32
N GLY B 88 -9.50 11.46 -11.88
CA GLY B 88 -9.60 11.37 -13.32
C GLY B 88 -9.01 10.10 -13.92
N SER B 89 -8.66 9.13 -13.08
CA SER B 89 -7.89 7.98 -13.53
C SER B 89 -8.80 7.06 -14.34
N THR B 90 -8.29 6.52 -15.45
CA THR B 90 -8.94 5.41 -16.14
C THR B 90 -8.08 4.18 -16.20
N ASN B 91 -7.12 4.13 -15.26
CA ASN B 91 -6.15 3.00 -15.20
C ASN B 91 -6.47 2.06 -14.08
N ALA B 92 -6.97 0.87 -14.39
CA ALA B 92 -7.28 -0.12 -13.36
C ALA B 92 -6.07 -0.39 -12.47
N LYS B 93 -4.86 -0.26 -13.00
CA LYS B 93 -3.72 -0.62 -12.18
C LYS B 93 -3.55 0.39 -10.98
N GLU B 94 -3.99 1.64 -11.16
CA GLU B 94 -3.84 2.66 -10.15
C GLU B 94 -4.72 2.38 -9.00
N LEU B 95 -5.87 1.74 -9.28
CA LEU B 95 -6.71 1.35 -8.23
C LEU B 95 -6.27 -0.01 -7.66
N SER B 96 -5.73 -0.91 -8.52
CA SER B 96 -5.32 -2.23 -8.07
C SER B 96 -4.18 -2.09 -7.00
N SER B 97 -3.39 -1.05 -7.13
CA SER B 97 -2.23 -0.91 -6.24
C SER B 97 -2.71 -0.51 -4.86
N LYS B 98 -3.99 -0.14 -4.74
CA LYS B 98 -4.54 0.21 -3.44
C LYS B 98 -5.12 -1.03 -2.76
N GLY B 99 -4.95 -2.21 -3.35
CA GLY B 99 -5.64 -3.41 -2.93
C GLY B 99 -7.14 -3.53 -3.30
N VAL B 100 -7.54 -2.78 -4.31
CA VAL B 100 -8.91 -2.72 -4.75
C VAL B 100 -8.93 -3.22 -6.20
N ARG B 101 -9.33 -4.49 -6.37
CA ARG B 101 -9.18 -5.24 -7.68
C ARG B 101 -10.45 -5.26 -8.57
N ILE B 102 -11.42 -4.45 -8.15
CA ILE B 102 -12.77 -4.45 -8.70
C ILE B 102 -12.86 -4.20 -10.19
N TRP B 103 -11.94 -3.38 -10.71
CA TRP B 103 -11.87 -3.11 -12.15
C TRP B 103 -10.80 -3.88 -12.93
N ASP B 104 -10.12 -4.82 -12.25
CA ASP B 104 -8.90 -5.40 -12.84
C ASP B 104 -9.23 -6.28 -14.06
N ALA B 105 -10.24 -7.14 -13.91
CA ALA B 105 -10.62 -8.04 -15.04
C ALA B 105 -11.04 -7.23 -16.27
N ASN B 106 -11.63 -6.05 -16.08
CA ASN B 106 -12.08 -5.27 -17.22
C ASN B 106 -10.98 -4.53 -17.91
N GLY B 107 -9.81 -4.48 -17.27
CA GLY B 107 -8.64 -3.88 -17.90
C GLY B 107 -7.58 -4.87 -18.35
N SER B 108 -7.92 -6.14 -18.20
CA SER B 108 -6.95 -7.22 -18.57
C SER B 108 -6.73 -7.34 -20.07
N ARG B 109 -5.54 -7.85 -20.42
CA ARG B 109 -5.19 -8.09 -21.80
C ARG B 109 -6.32 -8.81 -22.51
N ASP B 110 -6.78 -9.91 -21.92
CA ASP B 110 -7.75 -10.77 -22.52
C ASP B 110 -9.12 -10.11 -22.71
N PHE B 111 -9.54 -9.37 -21.70
CA PHE B 111 -10.79 -8.65 -21.85
C PHE B 111 -10.70 -7.54 -22.90
N LEU B 112 -9.61 -6.77 -22.90
CA LEU B 112 -9.40 -5.68 -23.84
C LEU B 112 -9.38 -6.26 -25.26
N ASP B 113 -8.71 -7.38 -25.41
CA ASP B 113 -8.60 -7.95 -26.76
C ASP B 113 -9.97 -8.37 -27.25
N SER B 114 -10.79 -8.90 -26.33
CA SER B 114 -12.16 -9.35 -26.66
C SER B 114 -13.00 -8.22 -27.19
N LEU B 115 -12.77 -7.01 -26.69
CA LEU B 115 -13.49 -5.83 -27.16
C LEU B 115 -12.96 -5.15 -28.43
N GLY B 116 -11.89 -5.69 -28.98
CA GLY B 116 -11.29 -5.19 -30.22
C GLY B 116 -10.21 -4.15 -29.90
N PHE B 117 -9.72 -4.12 -28.65
CA PHE B 117 -8.70 -3.15 -28.22
C PHE B 117 -7.33 -3.76 -28.01
N SER B 118 -6.83 -4.47 -29.03
CA SER B 118 -5.63 -5.27 -28.93
C SER B 118 -4.39 -4.39 -28.77
N ALA B 119 -4.48 -3.10 -29.11
CA ALA B 119 -3.38 -2.15 -29.04
C ALA B 119 -3.31 -1.45 -27.67
N ARG B 120 -4.39 -1.55 -26.91
CA ARG B 120 -4.45 -0.94 -25.59
C ARG B 120 -3.57 -1.58 -24.55
N GLN B 121 -3.00 -0.71 -23.71
CA GLN B 121 -2.15 -1.15 -22.62
C GLN B 121 -3.01 -1.87 -21.56
N GLU B 122 -2.49 -2.93 -20.94
CA GLU B 122 -3.22 -3.50 -19.83
C GLU B 122 -3.52 -2.46 -18.77
N GLY B 123 -4.78 -2.48 -18.32
CA GLY B 123 -5.26 -1.56 -17.30
C GLY B 123 -6.10 -0.41 -17.89
N ASP B 124 -6.02 -0.21 -19.21
CA ASP B 124 -6.65 0.99 -19.83
C ASP B 124 -8.13 0.72 -20.08
N LEU B 125 -8.94 1.30 -19.21
CA LEU B 125 -10.39 1.06 -19.24
C LEU B 125 -11.13 1.86 -20.31
N GLY B 126 -10.44 2.78 -20.97
CA GLY B 126 -11.12 3.70 -21.83
C GLY B 126 -11.76 4.81 -20.99
N PRO B 127 -12.58 5.62 -21.65
CA PRO B 127 -13.16 6.87 -21.05
C PRO B 127 -14.35 6.62 -20.14
N VAL B 128 -14.04 5.93 -19.05
CA VAL B 128 -14.99 5.54 -17.98
C VAL B 128 -15.14 6.72 -16.99
N TYR B 129 -15.71 6.45 -15.81
CA TYR B 129 -16.13 7.55 -14.96
C TYR B 129 -15.15 8.67 -14.74
N GLY B 130 -13.91 8.32 -14.31
CA GLY B 130 -12.87 9.33 -14.03
C GLY B 130 -12.82 10.33 -15.14
N PHE B 131 -12.78 9.83 -16.38
CA PHE B 131 -12.70 10.67 -17.55
C PHE B 131 -13.92 11.46 -17.86
N GLN B 132 -15.08 10.82 -17.79
CA GLN B 132 -16.28 11.59 -17.99
C GLN B 132 -16.53 12.70 -16.92
N TRP B 133 -16.17 12.43 -15.69
CA TRP B 133 -16.50 13.37 -14.60
C TRP B 133 -15.60 14.60 -14.71
N ARG B 134 -14.37 14.42 -15.21
CA ARG B 134 -13.41 15.56 -15.26
C ARG B 134 -13.18 16.16 -16.62
N HIS B 135 -13.58 15.39 -17.67
CA HIS B 135 -13.19 15.73 -19.04
C HIS B 135 -14.25 15.37 -20.05
N PHE B 136 -15.52 15.51 -19.67
CA PHE B 136 -16.60 15.11 -20.61
C PHE B 136 -16.44 15.79 -21.98
N GLY B 137 -16.35 14.95 -23.04
CA GLY B 137 -16.37 15.54 -24.37
C GLY B 137 -14.96 15.65 -24.99
N ALA B 138 -13.92 15.55 -24.18
CA ALA B 138 -12.55 15.44 -24.71
C ALA B 138 -12.42 14.20 -25.57
N GLU B 139 -11.48 14.27 -26.52
CA GLU B 139 -11.15 13.13 -27.33
C GLU B 139 -10.25 12.17 -26.54
N TYR B 140 -10.74 10.98 -26.23
CA TYR B 140 -9.90 10.00 -25.50
C TYR B 140 -8.86 9.37 -26.36
N LYS B 141 -7.64 9.35 -25.85
CA LYS B 141 -6.54 8.70 -26.55
C LYS B 141 -6.17 7.45 -25.79
N ASP B 142 -5.46 7.55 -24.66
CA ASP B 142 -5.22 6.44 -23.77
C ASP B 142 -5.15 6.91 -22.31
N MET B 143 -4.98 5.96 -21.41
CA MET B 143 -5.02 6.26 -19.98
C MET B 143 -3.88 7.18 -19.49
N ASP B 144 -2.81 7.28 -20.29
CA ASP B 144 -1.63 8.05 -19.95
C ASP B 144 -1.61 9.45 -20.55
N SER B 145 -2.59 9.78 -21.36
CA SER B 145 -2.60 11.05 -22.06
C SER B 145 -2.86 12.25 -21.11
N ASP B 146 -2.32 13.45 -21.44
CA ASP B 146 -2.70 14.66 -20.70
C ASP B 146 -3.99 15.30 -21.21
N TYR B 147 -5.03 15.29 -20.36
CA TYR B 147 -6.32 15.86 -20.71
C TYR B 147 -6.52 17.16 -19.95
N SER B 148 -5.44 17.67 -19.33
CA SER B 148 -5.50 18.99 -18.68
C SER B 148 -6.25 20.07 -19.49
N GLY B 149 -7.32 20.58 -18.90
CA GLY B 149 -8.12 21.63 -19.52
C GLY B 149 -8.99 21.24 -20.71
N GLN B 150 -9.05 19.93 -20.99
CA GLN B 150 -9.89 19.43 -22.07
C GLN B 150 -11.21 18.91 -21.50
N GLY B 151 -12.22 19.14 -22.30
CA GLY B 151 -13.55 18.65 -22.00
C GLY B 151 -14.15 19.42 -20.84
N VAL B 152 -15.27 18.89 -20.37
CA VAL B 152 -16.00 19.60 -19.28
C VAL B 152 -15.68 18.96 -17.93
N ASP B 153 -15.18 19.79 -16.97
CA ASP B 153 -14.93 19.30 -15.68
C ASP B 153 -16.23 19.40 -14.90
N GLN B 154 -17.04 18.33 -14.99
CA GLN B 154 -18.41 18.52 -14.50
C GLN B 154 -18.36 18.54 -12.95
N LEU B 155 -17.44 17.77 -12.38
CA LEU B 155 -17.28 17.67 -10.93
C LEU B 155 -16.97 19.07 -10.31
N GLN B 156 -15.98 19.80 -10.85
CA GLN B 156 -15.77 21.15 -10.29
C GLN B 156 -16.91 22.06 -10.61
N LYS B 157 -17.55 21.89 -11.79
CA LYS B 157 -18.67 22.78 -12.10
C LYS B 157 -19.86 22.53 -11.17
N VAL B 158 -20.08 21.27 -10.76
CA VAL B 158 -21.13 21.04 -9.77
C VAL B 158 -20.83 21.84 -8.42
N ILE B 159 -19.57 21.75 -8.06
CA ILE B 159 -19.12 22.26 -6.78
C ILE B 159 -19.24 23.79 -6.87
N ASP B 160 -18.82 24.38 -7.98
CA ASP B 160 -18.89 25.86 -8.12
C ASP B 160 -20.36 26.34 -8.14
N THR B 161 -21.25 25.59 -8.85
CA THR B 161 -22.66 25.93 -8.84
C THR B 161 -23.29 25.87 -7.44
N ILE B 162 -22.97 24.83 -6.66
CA ILE B 162 -23.54 24.68 -5.29
C ILE B 162 -23.17 25.91 -4.47
N LYS B 163 -21.94 26.34 -4.66
CA LYS B 163 -21.39 27.51 -3.92
C LYS B 163 -22.06 28.82 -4.31
N THR B 164 -22.25 29.02 -5.61
CA THR B 164 -22.63 30.31 -6.17
C THR B 164 -24.15 30.44 -6.45
N ASN B 165 -24.83 29.33 -6.70
CA ASN B 165 -26.23 29.42 -7.03
C ASN B 165 -26.86 28.10 -6.58
N PRO B 166 -26.96 27.86 -5.26
CA PRO B 166 -27.44 26.56 -4.76
C PRO B 166 -28.89 26.20 -5.21
N ASP B 167 -29.71 27.17 -5.56
CA ASP B 167 -31.07 26.91 -6.03
C ASP B 167 -31.10 26.31 -7.43
N ASP B 168 -29.97 26.34 -8.13
CA ASP B 168 -29.94 25.85 -9.52
C ASP B 168 -30.53 24.44 -9.68
N ARG B 169 -31.30 24.27 -10.74
CA ARG B 169 -32.06 22.99 -10.92
C ARG B 169 -31.38 22.11 -12.01
N ARG B 170 -30.17 22.47 -12.36
CA ARG B 170 -29.34 21.76 -13.40
C ARG B 170 -28.01 21.26 -12.82
N ILE B 171 -27.86 20.98 -11.51
CA ILE B 171 -26.59 20.61 -10.98
C ILE B 171 -26.40 19.12 -11.23
N ILE B 172 -25.82 18.79 -12.38
CA ILE B 172 -25.82 17.37 -12.81
C ILE B 172 -24.41 16.99 -13.24
N MET B 173 -24.05 15.77 -12.94
CA MET B 173 -22.83 15.19 -13.46
C MET B 173 -23.24 13.91 -14.11
N CYS B 174 -22.87 13.77 -15.40
CA CYS B 174 -23.38 12.69 -16.26
C CYS B 174 -22.18 11.89 -16.83
N ALA B 175 -22.18 10.60 -16.58
CA ALA B 175 -21.10 9.70 -17.06
C ALA B 175 -21.61 9.00 -18.27
N TRP B 176 -22.92 9.11 -18.55
CA TRP B 176 -23.41 8.38 -19.78
C TRP B 176 -23.05 9.23 -21.00
N ASN B 177 -22.13 8.74 -21.82
CA ASN B 177 -21.68 9.50 -22.95
C ASN B 177 -21.82 8.61 -24.19
N PRO B 178 -22.93 8.74 -24.90
CA PRO B 178 -23.17 7.83 -25.98
C PRO B 178 -22.01 7.77 -26.99
N LYS B 179 -21.31 8.87 -27.21
CA LYS B 179 -20.24 8.88 -28.19
C LYS B 179 -19.03 8.03 -27.76
N ASP B 180 -18.80 8.03 -26.44
CA ASP B 180 -17.63 7.31 -25.88
C ASP B 180 -17.96 5.88 -25.51
N LEU B 181 -19.24 5.53 -25.42
CA LEU B 181 -19.60 4.18 -25.02
C LEU B 181 -18.79 2.99 -25.68
N PRO B 182 -18.62 3.02 -26.99
CA PRO B 182 -17.88 1.91 -27.61
C PRO B 182 -16.42 1.84 -27.23
N LEU B 183 -15.85 2.92 -26.70
CA LEU B 183 -14.45 2.87 -26.24
C LEU B 183 -14.33 2.43 -24.76
N MET B 184 -15.45 2.33 -24.03
CA MET B 184 -15.38 2.00 -22.60
C MET B 184 -15.25 0.49 -22.44
N ALA B 185 -14.51 0.05 -21.41
CA ALA B 185 -14.39 -1.35 -21.12
C ALA B 185 -15.78 -1.93 -20.77
N LEU B 186 -16.55 -1.12 -20.07
CA LEU B 186 -17.96 -1.49 -19.88
C LEU B 186 -18.81 -0.25 -19.79
N PRO B 187 -20.09 -0.41 -20.08
CA PRO B 187 -20.91 0.79 -20.06
C PRO B 187 -21.28 1.19 -18.62
N PRO B 188 -21.29 2.50 -18.35
CA PRO B 188 -21.49 2.93 -16.95
C PRO B 188 -22.87 2.56 -16.39
N CYS B 189 -22.90 2.07 -15.15
CA CYS B 189 -24.17 1.80 -14.48
C CYS B 189 -24.71 3.09 -13.85
N HIS B 190 -23.83 3.97 -13.43
CA HIS B 190 -24.30 5.20 -12.74
C HIS B 190 -24.36 6.33 -13.73
N ALA B 191 -25.51 6.43 -14.42
CA ALA B 191 -25.58 7.19 -15.61
C ALA B 191 -25.45 8.67 -15.29
N LEU B 192 -26.15 9.12 -14.25
CA LEU B 192 -25.97 10.48 -13.91
C LEU B 192 -26.35 10.64 -12.44
N CYS B 193 -25.93 11.77 -11.91
CA CYS B 193 -26.41 12.19 -10.61
C CYS B 193 -26.69 13.69 -10.63
N GLN B 194 -27.57 14.08 -9.71
CA GLN B 194 -28.02 15.43 -9.60
C GLN B 194 -27.95 15.80 -8.14
N PHE B 195 -27.54 17.08 -7.94
CA PHE B 195 -27.44 17.64 -6.55
C PHE B 195 -28.50 18.71 -6.35
N TYR B 196 -28.80 19.02 -5.07
CA TYR B 196 -29.94 19.91 -4.78
C TYR B 196 -29.65 20.50 -3.41
N VAL B 197 -30.05 21.76 -3.27
CA VAL B 197 -29.83 22.44 -1.96
C VAL B 197 -31.10 23.06 -1.46
N VAL B 198 -31.36 22.76 -0.19
CA VAL B 198 -32.47 23.40 0.53
C VAL B 198 -32.17 23.37 2.02
N ASN B 199 -32.62 24.38 2.76
CA ASN B 199 -32.51 24.32 4.25
C ASN B 199 -31.05 24.08 4.70
N GLY B 200 -30.06 24.60 3.97
CA GLY B 200 -28.60 24.36 4.23
C GLY B 200 -28.08 22.95 4.06
N GLU B 201 -28.84 22.07 3.34
CA GLU B 201 -28.52 20.65 3.31
C GLU B 201 -28.34 20.33 1.81
N LEU B 202 -27.33 19.53 1.54
CA LEU B 202 -27.04 19.09 0.11
C LEU B 202 -27.58 17.70 -0.03
N SER B 203 -28.39 17.50 -1.10
CA SER B 203 -28.88 16.16 -1.35
C SER B 203 -28.36 15.73 -2.75
N CYS B 204 -28.30 14.44 -2.98
CA CYS B 204 -27.84 13.92 -4.26
C CYS B 204 -28.88 12.84 -4.69
N GLN B 205 -29.28 12.85 -5.99
CA GLN B 205 -30.04 11.71 -6.54
C GLN B 205 -29.18 11.04 -7.60
N LEU B 206 -29.07 9.72 -7.53
CA LEU B 206 -28.33 8.89 -8.52
C LEU B 206 -29.36 8.18 -9.39
N TYR B 207 -29.13 8.23 -10.71
CA TYR B 207 -29.96 7.39 -11.63
C TYR B 207 -29.00 6.23 -12.00
N GLN B 208 -29.33 5.06 -11.50
CA GLN B 208 -28.52 3.86 -11.71
C GLN B 208 -29.31 3.02 -12.65
N ARG B 209 -28.77 2.72 -13.83
CA ARG B 209 -29.64 2.09 -14.86
C ARG B 209 -29.89 0.60 -14.60
N SER B 210 -28.99 0.02 -13.80
CA SER B 210 -28.99 -1.45 -13.55
C SER B 210 -28.34 -1.71 -12.17
N GLY B 211 -29.08 -2.34 -11.29
CA GLY B 211 -28.53 -2.60 -9.95
C GLY B 211 -28.67 -4.07 -9.56
N ASP B 212 -27.55 -4.70 -9.25
CA ASP B 212 -27.51 -6.00 -8.70
C ASP B 212 -27.69 -5.78 -7.22
N MET B 213 -28.89 -6.10 -6.75
CA MET B 213 -29.25 -5.80 -5.35
C MET B 213 -28.34 -6.53 -4.37
N GLY B 214 -27.94 -7.74 -4.68
CA GLY B 214 -27.12 -8.56 -3.74
C GLY B 214 -25.73 -7.97 -3.60
N LEU B 215 -25.06 -7.80 -4.71
CA LEU B 215 -23.64 -7.47 -4.68
C LEU B 215 -23.35 -5.99 -4.91
N GLY B 216 -24.02 -5.37 -5.86
CA GLY B 216 -23.67 -3.97 -6.26
C GLY B 216 -24.22 -2.87 -5.41
N VAL B 217 -25.54 -2.88 -5.28
CA VAL B 217 -26.31 -1.79 -4.68
C VAL B 217 -25.79 -1.33 -3.31
N PRO B 218 -25.40 -2.28 -2.41
CA PRO B 218 -24.92 -1.78 -1.11
C PRO B 218 -23.70 -0.88 -1.27
N PHE B 219 -22.84 -1.28 -2.19
CA PHE B 219 -21.62 -0.55 -2.46
C PHE B 219 -21.95 0.79 -3.11
N ASN B 220 -22.91 0.81 -4.07
CA ASN B 220 -23.24 1.99 -4.78
C ASN B 220 -23.88 3.04 -3.88
N ILE B 221 -24.76 2.61 -2.95
CA ILE B 221 -25.35 3.53 -1.96
C ILE B 221 -24.19 4.24 -1.21
N ALA B 222 -23.20 3.43 -0.75
CA ALA B 222 -22.07 4.02 0.00
C ALA B 222 -21.25 4.98 -0.84
N SER B 223 -21.02 4.65 -2.12
CA SER B 223 -20.19 5.55 -2.96
C SER B 223 -20.80 6.96 -3.11
N TYR B 224 -22.12 7.04 -3.41
CA TYR B 224 -22.76 8.27 -3.68
C TYR B 224 -23.13 9.03 -2.41
N ALA B 225 -23.33 8.30 -1.32
CA ALA B 225 -23.48 8.94 0.00
C ALA B 225 -22.09 9.55 0.34
N LEU B 226 -20.99 8.84 0.06
CA LEU B 226 -19.67 9.38 0.32
C LEU B 226 -19.35 10.61 -0.56
N LEU B 227 -19.69 10.55 -1.85
CA LEU B 227 -19.50 11.67 -2.70
C LEU B 227 -20.25 12.89 -2.13
N THR B 228 -21.47 12.63 -1.65
CA THR B 228 -22.35 13.70 -1.09
C THR B 228 -21.67 14.33 0.15
N TYR B 229 -21.16 13.49 1.04
CA TYR B 229 -20.41 14.02 2.20
C TYR B 229 -19.20 14.88 1.77
N MET B 230 -18.43 14.44 0.76
CA MET B 230 -17.23 15.19 0.34
C MET B 230 -17.67 16.54 -0.19
N ILE B 231 -18.69 16.56 -1.07
CA ILE B 231 -19.07 17.81 -1.67
C ILE B 231 -19.75 18.80 -0.65
N ALA B 232 -20.56 18.22 0.24
CA ALA B 232 -21.15 18.95 1.40
C ALA B 232 -19.98 19.62 2.17
N HIS B 233 -18.89 18.88 2.41
CA HIS B 233 -17.71 19.37 3.22
C HIS B 233 -17.09 20.57 2.51
N ILE B 234 -16.77 20.43 1.21
CA ILE B 234 -16.13 21.51 0.40
C ILE B 234 -17.00 22.73 0.28
N THR B 235 -18.31 22.56 0.32
CA THR B 235 -19.26 23.64 0.07
C THR B 235 -19.82 24.29 1.35
N GLY B 236 -19.51 23.72 2.51
CA GLY B 236 -19.97 24.28 3.79
C GLY B 236 -21.42 23.95 4.11
N LEU B 237 -21.89 22.81 3.56
CA LEU B 237 -23.30 22.36 3.76
C LEU B 237 -23.34 21.12 4.58
N GLN B 238 -24.52 20.78 5.07
CA GLN B 238 -24.79 19.56 5.79
C GLN B 238 -25.39 18.54 4.80
N PRO B 239 -24.91 17.33 4.87
CA PRO B 239 -25.51 16.25 4.01
C PRO B 239 -26.99 16.13 4.30
N GLY B 240 -27.81 16.07 3.23
CA GLY B 240 -29.30 15.94 3.32
C GLY B 240 -29.74 14.50 3.11
N ASP B 241 -30.26 14.24 1.89
CA ASP B 241 -30.72 12.91 1.53
C ASP B 241 -29.88 12.42 0.34
N PHE B 242 -29.64 11.13 0.29
CA PHE B 242 -29.27 10.45 -0.94
C PHE B 242 -30.54 9.70 -1.41
N VAL B 243 -30.96 10.06 -2.62
CA VAL B 243 -32.09 9.44 -3.30
C VAL B 243 -31.52 8.45 -4.38
N HIS B 244 -31.79 7.18 -4.19
CA HIS B 244 -31.25 6.17 -5.10
C HIS B 244 -32.39 5.79 -6.05
N THR B 245 -32.21 6.09 -7.32
CA THR B 245 -33.23 5.69 -8.36
C THR B 245 -32.62 4.57 -9.19
N LEU B 246 -33.39 3.47 -9.38
CA LEU B 246 -32.97 2.33 -10.24
C LEU B 246 -33.84 2.18 -11.48
N GLY B 247 -33.15 1.79 -12.59
CA GLY B 247 -33.77 1.29 -13.81
C GLY B 247 -34.10 -0.19 -13.53
N ASP B 248 -33.30 -1.07 -14.08
CA ASP B 248 -33.53 -2.52 -13.83
C ASP B 248 -32.93 -2.90 -12.46
N ALA B 249 -33.81 -2.92 -11.45
CA ALA B 249 -33.44 -3.40 -10.12
C ALA B 249 -33.66 -4.94 -10.10
N HIS B 250 -32.58 -5.69 -9.91
CA HIS B 250 -32.63 -7.18 -10.07
C HIS B 250 -31.87 -7.89 -9.00
N ILE B 251 -32.34 -9.10 -8.71
CA ILE B 251 -31.64 -10.05 -7.84
C ILE B 251 -31.28 -11.24 -8.73
N TYR B 252 -30.00 -11.56 -8.78
CA TYR B 252 -29.56 -12.74 -9.55
C TYR B 252 -30.07 -14.03 -8.94
N LEU B 253 -30.39 -15.00 -9.82
CA LEU B 253 -31.00 -16.18 -9.30
C LEU B 253 -30.05 -16.92 -8.32
N ASN B 254 -28.75 -16.73 -8.43
CA ASN B 254 -27.87 -17.41 -7.48
C ASN B 254 -27.74 -16.60 -6.16
N HIS B 255 -28.41 -15.47 -6.04
CA HIS B 255 -28.35 -14.67 -4.78
C HIS B 255 -29.61 -14.71 -3.95
N ILE B 256 -30.66 -15.44 -4.41
CA ILE B 256 -31.87 -15.53 -3.65
C ILE B 256 -31.76 -16.11 -2.24
N GLU B 257 -31.07 -17.23 -2.15
CA GLU B 257 -30.98 -17.86 -0.86
C GLU B 257 -30.12 -17.06 0.10
N PRO B 258 -28.98 -16.55 -0.38
CA PRO B 258 -28.22 -15.64 0.53
C PRO B 258 -29.01 -14.42 0.98
N LEU B 259 -29.67 -13.73 0.06
CA LEU B 259 -30.51 -12.63 0.46
C LEU B 259 -31.60 -12.95 1.43
N LYS B 260 -32.20 -14.13 1.31
CA LYS B 260 -33.19 -14.48 2.30
C LYS B 260 -32.60 -14.63 3.69
N ILE B 261 -31.39 -15.15 3.81
CA ILE B 261 -30.74 -15.19 5.09
C ILE B 261 -30.57 -13.75 5.60
N GLN B 262 -30.02 -12.88 4.73
CA GLN B 262 -29.74 -11.51 5.10
C GLN B 262 -31.03 -10.82 5.58
N LEU B 263 -32.15 -11.06 4.88
CA LEU B 263 -33.45 -10.48 5.30
C LEU B 263 -33.92 -10.84 6.71
N GLN B 264 -33.40 -11.92 7.28
N GLN B 264 -33.48 -11.93 7.32
CA GLN B 264 -33.77 -12.31 8.63
CA GLN B 264 -33.89 -12.14 8.74
C GLN B 264 -33.02 -11.47 9.67
C GLN B 264 -32.82 -11.66 9.71
N ARG B 265 -31.99 -10.77 9.22
CA ARG B 265 -31.09 -10.01 10.13
C ARG B 265 -31.69 -8.68 10.56
N GLU B 266 -31.75 -8.39 11.86
CA GLU B 266 -32.22 -7.08 12.23
C GLU B 266 -31.14 -6.03 12.01
N PRO B 267 -31.56 -4.92 11.41
CA PRO B 267 -30.72 -3.78 11.20
C PRO B 267 -30.37 -3.22 12.55
N ARG B 268 -29.13 -2.74 12.64
CA ARG B 268 -28.72 -2.00 13.82
C ARG B 268 -28.36 -0.62 13.30
N PRO B 269 -28.13 0.37 14.20
CA PRO B 269 -27.81 1.74 13.77
C PRO B 269 -26.70 1.92 12.75
N PHE B 270 -26.98 2.67 11.69
CA PHE B 270 -25.92 2.91 10.69
C PHE B 270 -24.74 3.58 11.40
N PRO B 271 -23.53 3.39 10.87
CA PRO B 271 -22.39 4.08 11.43
C PRO B 271 -22.37 5.54 11.07
N LYS B 272 -21.33 6.22 11.55
CA LYS B 272 -21.04 7.61 11.23
C LYS B 272 -19.81 7.78 10.39
N LEU B 273 -19.80 8.80 9.54
CA LEU B 273 -18.61 9.15 8.79
C LEU B 273 -18.12 10.48 9.29
N LYS B 274 -16.85 10.48 9.67
CA LYS B 274 -16.18 11.72 10.06
C LYS B 274 -15.12 12.05 9.07
N ILE B 275 -14.99 13.36 8.75
CA ILE B 275 -13.91 13.85 7.97
C ILE B 275 -12.93 14.57 8.97
N LEU B 276 -11.69 14.15 8.93
CA LEU B 276 -10.75 14.37 10.10
C LEU B 276 -9.93 15.68 9.94
N ARG B 277 -10.11 16.34 8.81
CA ARG B 277 -9.56 17.68 8.62
C ARG B 277 -10.41 18.53 7.69
N LYS B 278 -10.13 19.82 7.72
CA LYS B 278 -10.71 20.84 6.87
C LYS B 278 -10.09 20.82 5.48
N VAL B 279 -10.88 20.34 4.53
CA VAL B 279 -10.40 20.16 3.16
C VAL B 279 -11.07 21.20 2.29
N GLU B 280 -10.24 21.88 1.49
CA GLU B 280 -10.72 23.00 0.71
C GLU B 280 -11.14 22.70 -0.73
N THR B 281 -10.54 21.67 -1.35
CA THR B 281 -10.91 21.37 -2.76
C THR B 281 -11.14 19.85 -2.80
N ILE B 282 -11.94 19.41 -3.74
CA ILE B 282 -12.22 17.95 -3.87
C ILE B 282 -11.00 17.09 -4.21
N ASP B 283 -10.05 17.69 -4.94
CA ASP B 283 -8.86 16.96 -5.32
C ASP B 283 -7.96 16.69 -4.14
N ASP B 284 -8.18 17.42 -3.04
N ASP B 284 -8.20 17.40 -3.05
CA ASP B 284 -7.28 17.33 -1.88
CA ASP B 284 -7.32 17.29 -1.89
C ASP B 284 -7.65 16.28 -0.81
C ASP B 284 -7.59 16.17 -0.91
N PHE B 285 -8.79 15.61 -0.97
CA PHE B 285 -9.17 14.53 -0.09
C PHE B 285 -8.23 13.36 -0.30
N LYS B 286 -7.89 12.77 0.84
CA LYS B 286 -7.05 11.58 0.93
C LYS B 286 -7.72 10.52 1.76
N VAL B 287 -7.33 9.26 1.55
CA VAL B 287 -7.93 8.19 2.34
C VAL B 287 -7.93 8.47 3.84
N GLU B 288 -6.79 8.99 4.36
CA GLU B 288 -6.69 9.14 5.79
C GLU B 288 -7.54 10.24 6.36
N ASP B 289 -8.22 10.99 5.49
CA ASP B 289 -9.09 12.03 5.94
C ASP B 289 -10.41 11.47 6.49
N PHE B 290 -10.63 10.17 6.33
CA PHE B 290 -11.99 9.62 6.60
C PHE B 290 -11.91 8.58 7.64
N GLN B 291 -12.91 8.58 8.49
CA GLN B 291 -13.06 7.59 9.50
C GLN B 291 -14.52 7.18 9.61
N ILE B 292 -14.75 5.89 9.49
CA ILE B 292 -16.07 5.29 9.77
C ILE B 292 -16.08 4.92 11.25
N GLU B 293 -17.05 5.45 11.96
CA GLU B 293 -17.24 5.10 13.40
C GLU B 293 -18.45 4.23 13.68
N GLY B 294 -18.27 3.17 14.47
CA GLY B 294 -19.37 2.38 14.99
C GLY B 294 -19.93 1.47 13.88
N TYR B 295 -19.03 0.95 13.06
CA TYR B 295 -19.40 -0.05 12.01
C TYR B 295 -18.93 -1.44 12.43
N ASN B 296 -19.87 -2.33 12.69
CA ASN B 296 -19.50 -3.69 13.03
C ASN B 296 -20.56 -4.62 12.37
N PRO B 297 -20.53 -4.76 11.03
CA PRO B 297 -21.63 -5.51 10.33
C PRO B 297 -21.59 -7.01 10.58
N HIS B 298 -22.73 -7.71 10.38
CA HIS B 298 -22.75 -9.13 10.15
C HIS B 298 -21.80 -9.46 9.00
N PRO B 299 -21.26 -10.69 8.93
CA PRO B 299 -20.33 -11.07 7.89
C PRO B 299 -21.05 -11.29 6.55
N THR B 300 -20.28 -11.33 5.49
CA THR B 300 -20.88 -11.53 4.17
C THR B 300 -21.38 -12.98 4.22
N ILE B 301 -22.25 -13.39 3.29
CA ILE B 301 -23.00 -14.65 3.48
C ILE B 301 -22.42 -15.69 2.48
N LYS B 302 -22.09 -16.87 2.98
CA LYS B 302 -21.53 -17.97 2.18
C LYS B 302 -22.43 -19.18 2.50
N MET B 303 -22.97 -19.84 1.47
CA MET B 303 -23.79 -21.05 1.70
C MET B 303 -23.20 -22.18 0.90
N GLU B 304 -23.24 -23.38 1.48
CA GLU B 304 -22.70 -24.62 0.91
C GLU B 304 -23.87 -25.57 0.73
N MET B 305 -23.89 -26.26 -0.42
CA MET B 305 -24.97 -27.18 -0.78
C MET B 305 -24.32 -28.39 -1.47
N ALA B 306 -24.80 -29.59 -1.15
CA ALA B 306 -24.36 -30.81 -1.87
C ALA B 306 -25.35 -31.02 -3.02
N VAL B 307 -24.90 -30.90 -4.26
CA VAL B 307 -25.86 -30.91 -5.38
C VAL B 307 -25.56 -32.05 -6.33
N ARG C 21 12.28 -7.99 -8.27
CA ARG C 21 11.63 -8.71 -9.40
C ARG C 21 11.69 -7.88 -10.70
N HIS C 22 10.86 -6.84 -10.87
CA HIS C 22 10.98 -5.99 -12.09
C HIS C 22 12.36 -5.33 -12.00
N GLY C 23 13.20 -5.47 -13.03
CA GLY C 23 14.61 -4.93 -12.95
C GLY C 23 14.69 -3.41 -12.82
N GLU C 24 13.63 -2.68 -13.22
CA GLU C 24 13.67 -1.25 -13.01
C GLU C 24 13.69 -0.82 -11.53
N LEU C 25 13.30 -1.71 -10.64
CA LEU C 25 13.28 -1.44 -9.20
C LEU C 25 14.68 -1.20 -8.71
N GLN C 26 15.65 -1.82 -9.36
CA GLN C 26 17.06 -1.52 -8.97
C GLN C 26 17.42 -0.07 -9.17
N TYR C 27 17.02 0.47 -10.32
CA TYR C 27 17.24 1.89 -10.61
C TYR C 27 16.51 2.77 -9.60
N LEU C 28 15.26 2.45 -9.34
CA LEU C 28 14.51 3.28 -8.40
C LEU C 28 15.15 3.22 -6.99
N ARG C 29 15.68 2.06 -6.62
CA ARG C 29 16.28 1.91 -5.29
C ARG C 29 17.58 2.69 -5.24
N GLN C 30 18.28 2.74 -6.36
CA GLN C 30 19.44 3.62 -6.47
C GLN C 30 19.14 5.09 -6.27
N VAL C 31 18.13 5.64 -6.94
CA VAL C 31 17.67 7.00 -6.74
C VAL C 31 17.25 7.25 -5.27
N GLU C 32 16.51 6.32 -4.71
CA GLU C 32 16.03 6.46 -3.33
C GLU C 32 17.24 6.59 -2.39
N HIS C 33 18.23 5.74 -2.61
CA HIS C 33 19.39 5.71 -1.73
C HIS C 33 20.13 7.02 -1.81
N ILE C 34 20.27 7.59 -3.01
CA ILE C 34 20.92 8.91 -3.17
C ILE C 34 20.14 10.04 -2.47
N LEU C 35 18.81 10.01 -2.62
CA LEU C 35 17.98 10.97 -1.96
C LEU C 35 18.18 10.92 -0.44
N ARG C 36 18.18 9.71 0.12
CA ARG C 36 18.29 9.50 1.57
C ARG C 36 19.70 9.68 2.13
N CYS C 37 20.67 9.02 1.48
CA CYS C 37 22.03 8.91 2.05
C CYS C 37 23.10 9.75 1.37
N GLY C 38 22.76 10.33 0.23
CA GLY C 38 23.74 11.03 -0.58
C GLY C 38 24.15 12.30 0.13
N PHE C 39 25.37 12.73 -0.11
CA PHE C 39 25.85 14.01 0.34
C PHE C 39 25.71 15.09 -0.71
N LYS C 40 25.48 16.31 -0.22
CA LYS C 40 25.58 17.48 -1.08
C LYS C 40 27.02 17.60 -1.59
N LYS C 41 27.14 17.83 -2.91
CA LYS C 41 28.44 17.86 -3.56
C LYS C 41 28.34 18.90 -4.66
N GLU C 42 29.15 19.95 -4.55
CA GLU C 42 29.28 20.96 -5.60
C GLU C 42 29.77 20.24 -6.87
N ASP C 43 29.51 20.85 -8.02
CA ASP C 43 29.95 20.25 -9.25
C ASP C 43 30.40 21.28 -10.26
N ARG C 44 30.91 20.73 -11.36
CA ARG C 44 31.37 21.51 -12.50
C ARG C 44 30.27 22.47 -12.97
N THR C 45 29.03 21.97 -13.06
CA THR C 45 27.91 22.74 -13.63
C THR C 45 27.50 23.95 -12.77
N GLY C 46 27.80 23.91 -11.46
CA GLY C 46 27.29 24.99 -10.59
C GLY C 46 25.84 24.81 -10.13
N THR C 47 25.20 23.70 -10.53
CA THR C 47 23.86 23.35 -10.05
C THR C 47 23.90 22.65 -8.67
N GLY C 48 24.90 21.81 -8.40
CA GLY C 48 24.85 21.10 -7.11
C GLY C 48 24.09 19.79 -7.23
N THR C 49 24.53 18.80 -6.47
CA THR C 49 23.96 17.45 -6.54
C THR C 49 23.92 16.84 -5.17
N LEU C 50 23.15 15.75 -5.08
CA LEU C 50 23.30 14.81 -3.98
C LEU C 50 24.02 13.65 -4.71
N SER C 51 24.96 13.04 -4.03
CA SER C 51 25.91 12.16 -4.66
C SER C 51 26.28 11.02 -3.75
N VAL C 52 26.40 9.84 -4.33
CA VAL C 52 26.98 8.66 -3.69
C VAL C 52 28.02 8.14 -4.63
N PHE C 53 29.10 7.58 -4.07
CA PHE C 53 30.17 7.04 -4.96
C PHE C 53 30.15 5.57 -4.92
N GLY C 54 30.08 4.92 -6.10
CA GLY C 54 30.11 3.43 -6.17
C GLY C 54 28.71 2.81 -6.07
N MET C 55 28.14 2.40 -7.20
CA MET C 55 26.88 1.63 -7.21
C MET C 55 26.91 0.58 -8.31
N GLN C 56 25.99 -0.41 -8.24
CA GLN C 56 26.01 -1.43 -9.27
C GLN C 56 24.59 -1.99 -9.33
N ALA C 57 24.13 -2.23 -10.57
CA ALA C 57 22.85 -2.87 -10.82
C ALA C 57 23.00 -3.93 -11.92
N ARG C 58 22.10 -4.92 -11.94
CA ARG C 58 22.13 -5.90 -12.99
C ARG C 58 20.77 -5.97 -13.70
N TYR C 59 20.80 -5.75 -15.00
CA TYR C 59 19.51 -5.75 -15.80
C TYR C 59 19.51 -6.95 -16.73
N SER C 60 18.59 -7.88 -16.48
CA SER C 60 18.46 -9.05 -17.33
C SER C 60 18.08 -8.57 -18.74
N LEU C 61 18.65 -9.23 -19.73
CA LEU C 61 18.36 -8.93 -21.10
C LEU C 61 17.62 -10.07 -21.73
N ARG C 62 17.21 -11.03 -20.90
CA ARG C 62 16.67 -12.29 -21.46
C ARG C 62 15.16 -12.14 -21.71
N ASP C 63 14.80 -12.14 -22.98
CA ASP C 63 13.41 -11.98 -23.43
C ASP C 63 12.74 -10.65 -23.05
N GLU C 64 13.55 -9.67 -22.63
CA GLU C 64 12.99 -8.32 -22.49
C GLU C 64 14.14 -7.36 -22.67
N PHE C 65 13.81 -6.07 -22.72
CA PHE C 65 14.82 -5.05 -22.94
C PHE C 65 14.65 -3.92 -21.97
N PRO C 66 15.73 -3.50 -21.26
CA PRO C 66 15.54 -2.63 -20.13
C PRO C 66 15.50 -1.17 -20.51
N LEU C 67 14.38 -0.76 -21.15
CA LEU C 67 14.18 0.60 -21.50
C LEU C 67 13.23 1.10 -20.42
N LEU C 68 13.71 2.07 -19.61
CA LEU C 68 13.00 2.43 -18.38
C LEU C 68 11.61 3.01 -18.66
N THR C 69 10.67 2.61 -17.80
CA THR C 69 9.25 2.94 -17.99
C THR C 69 8.75 4.02 -17.03
N THR C 70 9.50 4.35 -15.98
CA THR C 70 8.92 5.35 -15.05
C THR C 70 9.16 6.78 -15.52
N LYS C 71 9.97 6.92 -16.58
CA LYS C 71 10.02 8.14 -17.42
C LYS C 71 10.53 7.74 -18.79
N ARG C 72 9.91 8.28 -19.86
CA ARG C 72 10.25 7.88 -21.21
C ARG C 72 11.73 8.17 -21.46
N VAL C 73 12.33 7.21 -22.17
CA VAL C 73 13.71 7.27 -22.57
C VAL C 73 13.75 7.58 -24.09
N PHE C 74 14.68 8.46 -24.53
CA PHE C 74 14.80 8.87 -25.96
C PHE C 74 15.46 7.77 -26.80
N TRP C 75 14.70 6.71 -27.06
CA TRP C 75 15.15 5.59 -27.81
C TRP C 75 15.74 5.94 -29.15
N LYS C 76 15.06 6.78 -29.93
CA LYS C 76 15.64 7.24 -31.21
C LYS C 76 17.08 7.75 -31.08
N GLY C 77 17.32 8.52 -30.03
CA GLY C 77 18.66 9.03 -29.64
C GLY C 77 19.62 7.90 -29.31
N VAL C 78 19.18 6.98 -28.47
CA VAL C 78 20.00 5.81 -28.09
C VAL C 78 20.44 5.11 -29.34
N LEU C 79 19.49 4.79 -30.22
CA LEU C 79 19.82 3.94 -31.34
C LEU C 79 20.71 4.68 -32.39
N GLU C 80 20.31 5.87 -32.82
CA GLU C 80 21.15 6.63 -33.79
C GLU C 80 22.53 6.95 -33.22
N GLU C 81 22.60 7.34 -31.95
CA GLU C 81 23.97 7.59 -31.34
C GLU C 81 24.81 6.36 -31.39
N LEU C 82 24.22 5.21 -31.08
CA LEU C 82 25.00 3.99 -31.06
C LEU C 82 25.44 3.67 -32.48
N LEU C 83 24.57 3.89 -33.49
CA LEU C 83 25.01 3.60 -34.88
C LEU C 83 26.09 4.55 -35.36
N TRP C 84 26.06 5.78 -34.85
CA TRP C 84 27.06 6.85 -35.09
C TRP C 84 28.43 6.47 -34.50
N PHE C 85 28.43 6.04 -33.21
CA PHE C 85 29.65 5.53 -32.59
C PHE C 85 30.21 4.41 -33.45
N ILE C 86 29.37 3.47 -33.90
CA ILE C 86 29.80 2.27 -34.57
C ILE C 86 30.52 2.57 -35.89
N LYS C 87 30.01 3.55 -36.63
CA LYS C 87 30.66 3.91 -37.89
C LYS C 87 31.91 4.79 -37.67
N GLY C 88 32.24 5.10 -36.41
CA GLY C 88 33.48 5.81 -36.07
C GLY C 88 33.36 7.31 -36.25
N SER C 89 32.16 7.83 -36.44
CA SER C 89 32.07 9.25 -36.70
C SER C 89 32.37 10.11 -35.45
N THR C 90 33.03 11.25 -35.68
CA THR C 90 33.25 12.28 -34.64
C THR C 90 32.67 13.64 -35.05
N ASN C 91 31.71 13.63 -35.98
CA ASN C 91 31.07 14.81 -36.44
C ASN C 91 29.68 14.85 -35.89
N ALA C 92 29.47 15.78 -34.98
CA ALA C 92 28.14 15.99 -34.40
C ALA C 92 27.09 16.18 -35.50
N LYS C 93 27.44 16.86 -36.59
CA LYS C 93 26.44 17.07 -37.67
C LYS C 93 25.96 15.78 -38.30
N GLU C 94 26.80 14.74 -38.28
CA GLU C 94 26.40 13.45 -38.87
C GLU C 94 25.32 12.77 -38.00
N LEU C 95 25.34 13.03 -36.68
CA LEU C 95 24.25 12.54 -35.83
C LEU C 95 23.01 13.48 -35.82
N SER C 96 23.26 14.78 -35.90
CA SER C 96 22.25 15.77 -35.93
C SER C 96 21.36 15.66 -37.15
N SER C 97 21.94 15.21 -38.24
CA SER C 97 21.23 15.05 -39.46
C SER C 97 20.22 13.91 -39.38
N LYS C 98 20.34 13.04 -38.36
CA LYS C 98 19.38 12.00 -38.06
C LYS C 98 18.25 12.48 -37.15
N GLY C 99 18.34 13.71 -36.65
CA GLY C 99 17.34 14.31 -35.78
C GLY C 99 17.64 14.12 -34.31
N VAL C 100 18.91 13.84 -34.03
CA VAL C 100 19.42 13.57 -32.70
C VAL C 100 20.50 14.67 -32.47
N ARG C 101 20.14 15.67 -31.64
CA ARG C 101 20.92 16.89 -31.46
C ARG C 101 21.78 16.93 -30.20
N ILE C 102 21.91 15.78 -29.56
CA ILE C 102 22.39 15.78 -28.22
C ILE C 102 23.84 16.20 -28.08
N TRP C 103 24.61 16.03 -29.16
CA TRP C 103 26.03 16.36 -29.18
C TRP C 103 26.25 17.76 -29.78
N ASP C 104 25.19 18.40 -30.21
CA ASP C 104 25.38 19.59 -31.07
C ASP C 104 26.04 20.75 -30.37
N ALA C 105 25.65 21.04 -29.12
CA ALA C 105 26.22 22.19 -28.42
C ALA C 105 27.70 21.96 -28.21
N ASN C 106 28.11 20.72 -28.11
CA ASN C 106 29.55 20.48 -27.92
C ASN C 106 30.38 20.58 -29.16
N GLY C 107 29.72 20.65 -30.32
CA GLY C 107 30.43 20.89 -31.58
C GLY C 107 30.30 22.26 -32.20
N SER C 108 29.73 23.22 -31.44
CA SER C 108 29.39 24.51 -31.98
C SER C 108 30.63 25.37 -32.18
N ARG C 109 30.56 26.36 -33.11
CA ARG C 109 31.73 27.22 -33.38
C ARG C 109 32.27 27.76 -32.05
N ASP C 110 31.39 28.27 -31.19
CA ASP C 110 31.78 28.97 -29.96
C ASP C 110 32.38 28.10 -28.85
N PHE C 111 31.78 26.94 -28.62
CA PHE C 111 32.27 25.97 -27.63
C PHE C 111 33.66 25.48 -28.04
N LEU C 112 33.82 25.12 -29.31
CA LEU C 112 35.09 24.62 -29.82
C LEU C 112 36.12 25.76 -29.65
N ASP C 113 35.71 27.00 -29.94
CA ASP C 113 36.67 28.12 -29.80
C ASP C 113 37.08 28.31 -28.37
N SER C 114 36.13 28.16 -27.46
CA SER C 114 36.35 28.30 -26.02
C SER C 114 37.41 27.32 -25.52
N LEU C 115 37.57 26.20 -26.24
CA LEU C 115 38.49 25.13 -25.91
C LEU C 115 39.83 25.25 -26.63
N GLY C 116 40.00 26.31 -27.43
CA GLY C 116 41.18 26.51 -28.25
C GLY C 116 41.16 25.83 -29.59
N PHE C 117 39.98 25.36 -30.03
CA PHE C 117 39.88 24.59 -31.29
C PHE C 117 39.33 25.46 -32.48
N SER C 118 39.93 26.62 -32.71
CA SER C 118 39.48 27.53 -33.77
C SER C 118 39.67 26.95 -35.16
N ALA C 119 40.55 25.96 -35.28
CA ALA C 119 40.88 25.40 -36.58
C ALA C 119 39.91 24.31 -36.99
N ARG C 120 39.09 23.85 -36.06
CA ARG C 120 38.16 22.78 -36.40
C ARG C 120 36.92 23.32 -37.08
N GLN C 121 36.41 22.53 -38.02
CA GLN C 121 35.09 22.80 -38.59
C GLN C 121 34.05 22.54 -37.50
N GLU C 122 33.00 23.33 -37.55
CA GLU C 122 31.81 23.13 -36.74
C GLU C 122 31.34 21.67 -36.84
N GLY C 123 31.10 21.09 -35.66
CA GLY C 123 30.74 19.67 -35.62
C GLY C 123 31.89 18.79 -35.14
N ASP C 124 33.13 19.29 -35.17
CA ASP C 124 34.28 18.43 -34.88
C ASP C 124 34.49 18.21 -33.37
N LEU C 125 34.01 17.07 -32.87
CA LEU C 125 34.01 16.77 -31.47
C LEU C 125 35.39 16.32 -30.98
N GLY C 126 36.27 16.01 -31.91
CA GLY C 126 37.64 15.50 -31.54
C GLY C 126 37.52 14.02 -31.35
N PRO C 127 38.55 13.37 -30.74
CA PRO C 127 38.63 11.87 -30.77
C PRO C 127 37.79 11.23 -29.63
N VAL C 128 36.48 11.41 -29.75
CA VAL C 128 35.49 10.91 -28.78
C VAL C 128 35.13 9.46 -29.08
N TYR C 129 34.06 8.98 -28.48
CA TYR C 129 33.79 7.52 -28.53
C TYR C 129 34.01 6.83 -29.86
N GLY C 130 33.42 7.34 -30.95
CA GLY C 130 33.52 6.58 -32.22
C GLY C 130 34.97 6.36 -32.68
N PHE C 131 35.80 7.36 -32.45
CA PHE C 131 37.25 7.22 -32.78
C PHE C 131 37.96 6.24 -31.84
N GLN C 132 37.65 6.32 -30.52
CA GLN C 132 38.34 5.44 -29.61
C GLN C 132 37.88 3.97 -29.83
N TRP C 133 36.61 3.76 -30.13
CA TRP C 133 36.20 2.40 -30.35
C TRP C 133 36.74 1.76 -31.59
N ARG C 134 36.94 2.53 -32.65
CA ARG C 134 37.36 1.97 -33.93
C ARG C 134 38.83 2.26 -34.24
N HIS C 135 39.45 3.19 -33.52
CA HIS C 135 40.83 3.62 -33.83
C HIS C 135 41.71 3.96 -32.67
N PHE C 136 41.49 3.34 -31.50
CA PHE C 136 42.21 3.74 -30.26
C PHE C 136 43.73 3.79 -30.57
N GLY C 137 44.34 4.94 -30.35
CA GLY C 137 45.82 4.99 -30.40
C GLY C 137 46.35 5.74 -31.58
N ALA C 138 45.47 5.91 -32.58
CA ALA C 138 45.81 6.62 -33.79
C ALA C 138 45.91 8.11 -33.47
N GLU C 139 46.65 8.85 -34.32
CA GLU C 139 46.80 10.30 -34.13
C GLU C 139 45.55 10.94 -34.75
N TYR C 140 44.74 11.59 -33.93
CA TYR C 140 43.63 12.37 -34.46
C TYR C 140 44.11 13.61 -35.22
N LYS C 141 43.51 13.84 -36.38
CA LYS C 141 43.78 15.04 -37.14
C LYS C 141 42.52 15.86 -37.12
N ASP C 142 41.57 15.48 -37.98
CA ASP C 142 40.21 16.02 -37.84
C ASP C 142 39.13 15.03 -38.14
N MET C 143 37.90 15.49 -38.00
CA MET C 143 36.79 14.57 -38.15
C MET C 143 36.60 14.00 -39.57
N ASP C 144 37.15 14.66 -40.57
CA ASP C 144 36.94 14.22 -41.95
C ASP C 144 38.09 13.39 -42.51
N SER C 145 39.14 13.20 -41.70
CA SER C 145 40.34 12.43 -42.10
C SER C 145 40.09 10.93 -42.30
N ASP C 146 40.96 10.30 -43.07
CA ASP C 146 40.82 8.86 -43.30
C ASP C 146 41.68 8.11 -42.31
N TYR C 147 41.02 7.44 -41.35
CA TYR C 147 41.73 6.68 -40.35
C TYR C 147 41.68 5.18 -40.66
N SER C 148 41.27 4.79 -41.87
CA SER C 148 41.09 3.36 -42.14
CA SER C 148 41.09 3.35 -42.12
C SER C 148 42.36 2.58 -41.80
N GLY C 149 42.22 1.46 -41.08
CA GLY C 149 43.37 0.65 -40.66
C GLY C 149 44.27 1.25 -39.58
N GLN C 150 43.96 2.46 -39.10
CA GLN C 150 44.81 3.06 -38.06
C GLN C 150 44.29 2.80 -36.63
N GLY C 151 45.21 2.53 -35.72
CA GLY C 151 44.84 2.34 -34.29
C GLY C 151 44.13 1.01 -34.08
N VAL C 152 43.64 0.83 -32.86
CA VAL C 152 43.04 -0.47 -32.51
C VAL C 152 41.53 -0.39 -32.71
N ASP C 153 41.01 -1.33 -33.50
CA ASP C 153 39.58 -1.48 -33.67
C ASP C 153 39.10 -2.39 -32.56
N GLN C 154 38.78 -1.76 -31.43
CA GLN C 154 38.43 -2.54 -30.24
C GLN C 154 37.08 -3.24 -30.47
N LEU C 155 36.22 -2.54 -31.18
CA LEU C 155 34.83 -3.04 -31.37
C LEU C 155 34.89 -4.39 -32.15
N GLN C 156 35.69 -4.43 -33.21
CA GLN C 156 35.74 -5.67 -33.97
C GLN C 156 36.56 -6.70 -33.22
N LYS C 157 37.57 -6.23 -32.45
CA LYS C 157 38.35 -7.14 -31.62
C LYS C 157 37.44 -7.83 -30.62
N VAL C 158 36.54 -7.08 -29.99
CA VAL C 158 35.67 -7.73 -29.05
C VAL C 158 34.82 -8.82 -29.75
N ILE C 159 34.27 -8.48 -30.88
CA ILE C 159 33.38 -9.39 -31.59
C ILE C 159 34.13 -10.66 -31.96
N ASP C 160 35.38 -10.47 -32.46
CA ASP C 160 36.26 -11.57 -32.91
C ASP C 160 36.51 -12.51 -31.71
N THR C 161 36.90 -11.92 -30.58
CA THR C 161 37.23 -12.68 -29.39
C THR C 161 36.03 -13.52 -28.86
N ILE C 162 34.86 -12.90 -28.83
CA ILE C 162 33.65 -13.59 -28.38
C ILE C 162 33.38 -14.78 -29.30
N LYS C 163 33.66 -14.63 -30.59
CA LYS C 163 33.44 -15.75 -31.56
C LYS C 163 34.50 -16.87 -31.51
N THR C 164 35.69 -16.56 -31.04
CA THR C 164 36.76 -17.51 -31.13
C THR C 164 37.20 -18.04 -29.78
N ASN C 165 37.06 -17.23 -28.72
CA ASN C 165 37.56 -17.56 -27.41
C ASN C 165 36.62 -16.98 -26.35
N PRO C 166 35.38 -17.50 -26.29
CA PRO C 166 34.34 -16.84 -25.42
C PRO C 166 34.64 -16.85 -23.92
N ASP C 167 35.57 -17.72 -23.47
CA ASP C 167 35.96 -17.79 -22.06
C ASP C 167 36.88 -16.62 -21.68
N ASP C 168 37.37 -15.89 -22.68
CA ASP C 168 38.37 -14.82 -22.47
C ASP C 168 37.90 -13.79 -21.43
N ARG C 169 38.79 -13.44 -20.50
CA ARG C 169 38.42 -12.55 -19.40
C ARG C 169 38.96 -11.15 -19.62
N ARG C 170 39.40 -10.89 -20.84
CA ARG C 170 39.93 -9.59 -21.25
C ARG C 170 39.17 -8.98 -22.45
N ILE C 171 37.85 -9.21 -22.51
CA ILE C 171 37.07 -8.65 -23.61
C ILE C 171 36.59 -7.26 -23.28
N ILE C 172 37.46 -6.25 -23.49
CA ILE C 172 37.20 -4.92 -22.96
C ILE C 172 37.23 -3.94 -24.13
N MET C 173 36.34 -2.92 -24.10
CA MET C 173 36.40 -1.81 -25.02
C MET C 173 36.53 -0.57 -24.17
N CYS C 174 37.61 0.16 -24.40
CA CYS C 174 37.99 1.26 -23.47
C CYS C 174 37.89 2.60 -24.22
N ALA C 175 37.08 3.55 -23.75
CA ALA C 175 36.99 4.86 -24.43
C ALA C 175 37.85 5.88 -23.67
N TRP C 176 38.24 5.54 -22.47
CA TRP C 176 39.01 6.51 -21.70
C TRP C 176 40.44 6.45 -22.25
N ASN C 177 40.85 7.52 -22.88
CA ASN C 177 42.22 7.49 -23.45
C ASN C 177 42.94 8.75 -22.96
N PRO C 178 43.77 8.60 -21.92
CA PRO C 178 44.32 9.77 -21.27
C PRO C 178 45.09 10.66 -22.24
N LYS C 179 45.66 10.08 -23.30
CA LYS C 179 46.46 10.87 -24.22
C LYS C 179 45.57 11.85 -24.98
N ASP C 180 44.39 11.38 -25.35
CA ASP C 180 43.49 12.12 -26.22
C ASP C 180 42.54 13.00 -25.43
N LEU C 181 42.36 12.78 -24.10
CA LEU C 181 41.39 13.58 -23.32
C LEU C 181 41.38 15.08 -23.71
N PRO C 182 42.55 15.73 -23.74
CA PRO C 182 42.53 17.18 -24.01
C PRO C 182 42.05 17.64 -25.41
N LEU C 183 42.01 16.70 -26.37
CA LEU C 183 41.48 16.96 -27.69
C LEU C 183 39.92 16.79 -27.79
N MET C 184 39.31 16.17 -26.76
CA MET C 184 37.94 15.73 -26.87
C MET C 184 37.12 16.96 -26.50
N ALA C 185 35.97 17.18 -27.16
CA ALA C 185 35.09 18.27 -26.79
C ALA C 185 34.69 18.19 -25.33
N LEU C 186 34.55 16.96 -24.86
CA LEU C 186 34.36 16.65 -23.45
C LEU C 186 34.78 15.23 -23.13
N PRO C 187 35.14 14.95 -21.84
CA PRO C 187 35.67 13.61 -21.53
C PRO C 187 34.55 12.55 -21.41
N PRO C 188 34.87 11.34 -21.88
CA PRO C 188 33.91 10.22 -21.89
C PRO C 188 33.32 9.96 -20.51
N CYS C 189 31.99 9.74 -20.40
CA CYS C 189 31.39 9.29 -19.11
C CYS C 189 31.49 7.81 -19.03
N HIS C 190 31.48 7.15 -20.20
CA HIS C 190 31.50 5.67 -20.29
C HIS C 190 32.89 5.22 -20.55
N ALA C 191 33.58 5.03 -19.45
CA ALA C 191 35.04 4.87 -19.51
C ALA C 191 35.47 3.56 -20.15
N LEU C 192 34.78 2.47 -19.85
CA LEU C 192 35.06 1.19 -20.53
C LEU C 192 33.88 0.26 -20.32
N CYS C 193 33.87 -0.76 -21.14
CA CYS C 193 32.92 -1.81 -20.92
C CYS C 193 33.60 -3.16 -21.16
N GLN C 194 33.05 -4.21 -20.56
CA GLN C 194 33.65 -5.52 -20.61
C GLN C 194 32.58 -6.53 -20.96
N PHE C 195 32.89 -7.47 -21.83
CA PHE C 195 31.93 -8.54 -22.17
C PHE C 195 32.34 -9.85 -21.53
N TYR C 196 31.40 -10.80 -21.52
CA TYR C 196 31.58 -12.04 -20.81
C TYR C 196 30.59 -13.07 -21.42
N VAL C 197 30.99 -14.34 -21.58
CA VAL C 197 30.12 -15.38 -22.18
C VAL C 197 30.14 -16.58 -21.24
N VAL C 198 28.95 -17.10 -20.90
CA VAL C 198 28.88 -18.42 -20.27
C VAL C 198 27.49 -18.94 -20.67
N ASN C 199 27.45 -20.25 -20.93
N ASN C 199 27.32 -20.25 -20.74
CA ASN C 199 26.21 -20.97 -21.23
CA ASN C 199 25.97 -20.83 -20.99
C ASN C 199 25.39 -20.30 -22.27
C ASN C 199 25.32 -20.28 -22.28
N GLY C 200 26.11 -19.93 -23.31
CA GLY C 200 25.51 -19.48 -24.58
C GLY C 200 24.95 -18.05 -24.49
N GLU C 201 25.32 -17.32 -23.43
CA GLU C 201 24.73 -16.03 -23.16
C GLU C 201 25.85 -14.96 -23.05
N LEU C 202 25.67 -13.84 -23.75
CA LEU C 202 26.61 -12.68 -23.68
C LEU C 202 26.17 -11.62 -22.66
N SER C 203 27.07 -11.25 -21.74
CA SER C 203 26.76 -10.20 -20.80
C SER C 203 27.74 -9.02 -20.98
N CYS C 204 27.38 -7.86 -20.49
CA CYS C 204 28.26 -6.71 -20.67
C CYS C 204 28.21 -5.95 -19.35
N GLN C 205 29.36 -5.49 -18.86
CA GLN C 205 29.40 -4.57 -17.71
C GLN C 205 29.95 -3.24 -18.16
N LEU C 206 29.33 -2.15 -17.73
CA LEU C 206 29.76 -0.82 -18.18
C LEU C 206 30.36 -0.11 -16.96
N TYR C 207 31.58 0.46 -17.06
CA TYR C 207 32.05 1.33 -15.97
C TYR C 207 31.72 2.81 -16.36
N GLN C 208 30.80 3.45 -15.64
CA GLN C 208 30.32 4.80 -15.98
C GLN C 208 30.77 5.69 -14.85
N ARG C 209 31.68 6.60 -15.14
CA ARG C 209 32.37 7.32 -14.07
C ARG C 209 31.48 8.37 -13.40
N SER C 210 30.38 8.73 -14.07
CA SER C 210 29.56 9.89 -13.62
C SER C 210 28.19 9.65 -14.27
N GLY C 211 27.17 9.65 -13.43
CA GLY C 211 25.81 9.44 -13.99
C GLY C 211 24.81 10.38 -13.35
N ASP C 212 24.08 11.10 -14.19
CA ASP C 212 22.97 12.00 -13.81
C ASP C 212 21.85 11.03 -13.77
N MET C 213 21.37 10.71 -12.56
CA MET C 213 20.45 9.63 -12.44
C MET C 213 19.13 9.97 -13.11
N GLY C 214 18.80 11.25 -13.15
CA GLY C 214 17.48 11.67 -13.66
C GLY C 214 17.45 11.65 -15.17
N LEU C 215 18.49 12.16 -15.77
CA LEU C 215 18.47 12.50 -17.21
C LEU C 215 19.37 11.62 -18.06
N GLY C 216 20.45 11.14 -17.47
CA GLY C 216 21.54 10.41 -18.20
C GLY C 216 21.46 8.90 -18.14
N VAL C 217 21.42 8.39 -16.91
CA VAL C 217 21.53 6.97 -16.64
C VAL C 217 20.48 6.13 -17.43
N PRO C 218 19.23 6.58 -17.50
CA PRO C 218 18.27 5.66 -18.24
C PRO C 218 18.68 5.46 -19.70
N PHE C 219 19.11 6.54 -20.32
CA PHE C 219 19.60 6.46 -21.71
C PHE C 219 20.82 5.55 -21.80
N ASN C 220 21.71 5.67 -20.82
CA ASN C 220 22.96 4.93 -20.82
C ASN C 220 22.75 3.43 -20.69
N ILE C 221 21.84 3.08 -19.79
CA ILE C 221 21.44 1.65 -19.65
C ILE C 221 20.96 1.09 -21.02
N ALA C 222 20.07 1.82 -21.67
CA ALA C 222 19.56 1.40 -22.98
C ALA C 222 20.64 1.25 -24.05
N SER C 223 21.61 2.15 -24.05
CA SER C 223 22.67 2.16 -25.08
C SER C 223 23.47 0.88 -24.95
N TYR C 224 23.87 0.56 -23.72
CA TYR C 224 24.75 -0.61 -23.57
C TYR C 224 24.00 -1.92 -23.61
N ALA C 225 22.74 -1.91 -23.20
CA ALA C 225 21.88 -3.07 -23.45
C ALA C 225 21.71 -3.31 -24.94
N LEU C 226 21.57 -2.26 -25.74
CA LEU C 226 21.40 -2.38 -27.14
C LEU C 226 22.67 -2.87 -27.76
N LEU C 227 23.82 -2.31 -27.36
CA LEU C 227 25.13 -2.84 -27.87
C LEU C 227 25.20 -4.35 -27.64
N THR C 228 24.73 -4.78 -26.46
CA THR C 228 24.88 -6.19 -26.04
C THR C 228 23.97 -6.98 -26.96
N TYR C 229 22.76 -6.47 -27.22
CA TYR C 229 21.87 -7.15 -28.19
C TYR C 229 22.49 -7.23 -29.60
N MET C 230 23.17 -6.17 -30.03
CA MET C 230 23.73 -6.13 -31.37
C MET C 230 24.84 -7.13 -31.39
N ILE C 231 25.78 -7.05 -30.43
CA ILE C 231 26.88 -8.05 -30.47
C ILE C 231 26.43 -9.53 -30.31
N ALA C 232 25.51 -9.81 -29.37
CA ALA C 232 24.85 -11.14 -29.30
C ALA C 232 24.34 -11.62 -30.65
N HIS C 233 23.64 -10.75 -31.35
CA HIS C 233 23.09 -11.09 -32.66
C HIS C 233 24.16 -11.49 -33.69
N ILE C 234 25.26 -10.75 -33.74
CA ILE C 234 26.40 -10.93 -34.68
C ILE C 234 27.13 -12.21 -34.30
N THR C 235 27.21 -12.49 -32.99
CA THR C 235 28.01 -13.63 -32.52
C THR C 235 27.21 -14.93 -32.36
N GLY C 236 25.91 -14.88 -32.66
CA GLY C 236 25.01 -16.05 -32.50
C GLY C 236 24.75 -16.49 -31.06
N LEU C 237 24.85 -15.57 -30.11
CA LEU C 237 24.64 -15.87 -28.71
C LEU C 237 23.32 -15.24 -28.25
N GLN C 238 22.91 -15.51 -27.03
CA GLN C 238 21.69 -14.87 -26.49
C GLN C 238 22.08 -13.79 -25.51
N PRO C 239 21.34 -12.65 -25.47
CA PRO C 239 21.77 -11.63 -24.46
C PRO C 239 21.62 -12.18 -23.04
N GLY C 240 22.55 -11.87 -22.13
CA GLY C 240 22.45 -12.34 -20.73
C GLY C 240 22.09 -11.19 -19.83
N ASP C 241 23.10 -10.54 -19.21
CA ASP C 241 22.85 -9.44 -18.28
C ASP C 241 23.62 -8.22 -18.78
N PHE C 242 23.09 -7.04 -18.49
CA PHE C 242 23.85 -5.85 -18.53
C PHE C 242 24.14 -5.39 -17.06
N VAL C 243 25.40 -5.30 -16.63
CA VAL C 243 25.74 -4.91 -15.28
C VAL C 243 26.17 -3.47 -15.36
N HIS C 244 25.43 -2.60 -14.71
CA HIS C 244 25.73 -1.15 -14.76
C HIS C 244 26.48 -0.72 -13.51
N THR C 245 27.69 -0.20 -13.65
CA THR C 245 28.55 0.17 -12.48
C THR C 245 28.81 1.66 -12.60
N LEU C 246 28.58 2.39 -11.50
CA LEU C 246 28.66 3.82 -11.49
C LEU C 246 29.77 4.27 -10.54
N GLY C 247 30.37 5.39 -10.91
CA GLY C 247 31.37 6.12 -10.10
C GLY C 247 30.59 7.15 -9.28
N ASP C 248 30.64 8.43 -9.69
CA ASP C 248 29.76 9.42 -8.99
C ASP C 248 28.29 9.34 -9.50
N ALA C 249 27.40 8.72 -8.69
CA ALA C 249 26.01 8.59 -9.07
C ALA C 249 25.34 9.73 -8.40
N HIS C 250 24.63 10.57 -9.17
CA HIS C 250 24.12 11.80 -8.59
C HIS C 250 22.81 12.27 -9.15
N ILE C 251 22.12 13.03 -8.32
CA ILE C 251 20.86 13.70 -8.68
C ILE C 251 21.13 15.20 -8.48
N TYR C 252 20.81 16.00 -9.50
CA TYR C 252 20.91 17.44 -9.43
C TYR C 252 19.81 17.96 -8.54
N LEU C 253 20.15 19.00 -7.79
CA LEU C 253 19.27 19.44 -6.76
C LEU C 253 17.89 19.82 -7.30
N ASN C 254 17.86 20.38 -8.52
CA ASN C 254 16.59 20.73 -9.21
C ASN C 254 15.76 19.52 -9.66
N HIS C 255 16.31 18.33 -9.46
CA HIS C 255 15.64 17.09 -9.85
C HIS C 255 15.03 16.35 -8.69
N ILE C 256 15.22 16.80 -7.45
CA ILE C 256 14.82 15.96 -6.35
C ILE C 256 13.30 15.82 -6.31
N GLU C 257 12.62 16.95 -6.53
CA GLU C 257 11.16 16.90 -6.39
C GLU C 257 10.52 16.08 -7.53
N PRO C 258 10.91 16.31 -8.80
CA PRO C 258 10.38 15.41 -9.86
C PRO C 258 10.69 13.94 -9.61
N LEU C 259 11.90 13.61 -9.17
CA LEU C 259 12.20 12.20 -8.89
C LEU C 259 11.39 11.60 -7.72
N LYS C 260 11.07 12.40 -6.70
CA LYS C 260 10.25 11.87 -5.60
C LYS C 260 8.87 11.44 -6.12
N ILE C 261 8.40 12.12 -7.17
CA ILE C 261 7.13 11.79 -7.81
C ILE C 261 7.33 10.50 -8.56
N GLN C 262 8.45 10.45 -9.30
CA GLN C 262 8.78 9.27 -10.10
C GLN C 262 8.89 8.03 -9.27
N LEU C 263 9.46 8.13 -8.07
CA LEU C 263 9.71 6.94 -7.23
C LEU C 263 8.44 6.27 -6.81
N GLN C 264 7.34 6.99 -6.94
CA GLN C 264 6.06 6.49 -6.49
C GLN C 264 5.34 5.82 -7.65
N ARG C 265 5.97 5.80 -8.84
CA ARG C 265 5.35 5.13 -9.99
C ARG C 265 5.81 3.68 -10.07
N GLU C 266 4.87 2.76 -10.31
CA GLU C 266 5.15 1.32 -10.49
C GLU C 266 5.67 1.07 -11.90
N PRO C 267 6.85 0.46 -12.01
CA PRO C 267 7.27 0.19 -13.39
C PRO C 267 6.23 -0.63 -14.18
N ARG C 268 6.11 -0.38 -15.47
CA ARG C 268 5.39 -1.23 -16.39
C ARG C 268 6.32 -2.33 -16.91
N PRO C 269 5.76 -3.50 -17.32
CA PRO C 269 6.64 -4.52 -17.85
C PRO C 269 7.50 -3.94 -18.98
N PHE C 270 8.80 -4.29 -18.95
CA PHE C 270 9.70 -3.77 -19.96
C PHE C 270 9.28 -4.22 -21.37
N PRO C 271 9.62 -3.40 -22.38
CA PRO C 271 9.36 -3.82 -23.76
C PRO C 271 10.30 -5.00 -24.19
N LYS C 272 10.04 -5.54 -25.35
CA LYS C 272 10.97 -6.37 -26.08
C LYS C 272 11.66 -5.55 -27.18
N LEU C 273 12.90 -5.93 -27.49
CA LEU C 273 13.55 -5.43 -28.67
C LEU C 273 13.61 -6.58 -29.66
N LYS C 274 13.05 -6.30 -30.84
CA LYS C 274 13.18 -7.27 -31.93
C LYS C 274 14.16 -6.83 -33.00
N ILE C 275 14.99 -7.76 -33.45
CA ILE C 275 15.87 -7.49 -34.55
C ILE C 275 15.29 -8.15 -35.80
N LEU C 276 15.06 -7.35 -36.85
CA LEU C 276 14.04 -7.68 -37.93
C LEU C 276 14.61 -8.42 -39.10
N ARG C 277 15.93 -8.61 -39.09
CA ARG C 277 16.56 -9.47 -40.07
C ARG C 277 17.89 -9.92 -39.55
N LYS C 278 18.40 -10.97 -40.20
CA LYS C 278 19.71 -11.53 -39.84
C LYS C 278 20.81 -10.61 -40.34
N VAL C 279 21.60 -10.08 -39.42
CA VAL C 279 22.70 -9.22 -39.86
C VAL C 279 24.08 -9.78 -39.52
N GLU C 280 25.00 -9.57 -40.43
CA GLU C 280 26.20 -10.38 -40.40
C GLU C 280 27.37 -9.70 -39.71
N THR C 281 27.42 -8.38 -39.78
CA THR C 281 28.55 -7.62 -39.20
C THR C 281 27.95 -6.46 -38.41
N ILE C 282 28.70 -5.94 -37.45
CA ILE C 282 28.20 -4.84 -36.64
C ILE C 282 27.97 -3.60 -37.54
N ASP C 283 28.74 -3.50 -38.66
CA ASP C 283 28.69 -2.25 -39.47
C ASP C 283 27.46 -2.15 -40.34
N ASP C 284 26.85 -3.30 -40.57
CA ASP C 284 25.68 -3.44 -41.42
C ASP C 284 24.31 -3.21 -40.72
N PHE C 285 24.32 -3.10 -39.38
CA PHE C 285 23.06 -2.69 -38.70
C PHE C 285 22.59 -1.32 -39.16
N LYS C 286 21.28 -1.22 -39.37
CA LYS C 286 20.64 0.02 -39.77
C LYS C 286 19.43 0.29 -38.86
N VAL C 287 19.03 1.54 -38.75
CA VAL C 287 17.95 1.87 -37.81
C VAL C 287 16.69 1.07 -37.98
N GLU C 288 16.39 0.63 -39.22
CA GLU C 288 15.12 -0.03 -39.52
C GLU C 288 15.16 -1.49 -39.18
N ASP C 289 16.32 -1.99 -38.79
CA ASP C 289 16.44 -3.39 -38.37
C ASP C 289 15.93 -3.62 -36.97
N PHE C 290 15.55 -2.55 -36.27
CA PHE C 290 15.20 -2.63 -34.85
C PHE C 290 13.77 -2.24 -34.58
N GLN C 291 13.12 -2.98 -33.71
CA GLN C 291 11.81 -2.58 -33.27
C GLN C 291 11.61 -2.85 -31.79
N ILE C 292 11.28 -1.77 -31.09
CA ILE C 292 10.88 -1.86 -29.69
C ILE C 292 9.39 -2.13 -29.67
N GLU C 293 9.01 -3.21 -29.01
CA GLU C 293 7.60 -3.62 -28.91
C GLU C 293 7.13 -3.44 -27.50
N GLY C 294 6.00 -2.80 -27.32
CA GLY C 294 5.33 -2.89 -26.02
C GLY C 294 5.87 -1.93 -24.96
N TYR C 295 6.42 -0.82 -25.43
CA TYR C 295 6.97 0.17 -24.52
C TYR C 295 5.86 1.13 -24.08
N ASN C 296 5.64 1.15 -22.77
CA ASN C 296 4.54 1.91 -22.14
C ASN C 296 5.03 2.80 -21.00
N PRO C 297 5.85 3.84 -21.33
CA PRO C 297 6.39 4.64 -20.25
C PRO C 297 5.30 5.50 -19.63
N HIS C 298 5.47 5.74 -18.34
CA HIS C 298 4.64 6.70 -17.61
C HIS C 298 4.78 8.08 -18.22
N PRO C 299 3.72 8.88 -18.15
CA PRO C 299 3.77 10.22 -18.72
C PRO C 299 4.65 11.16 -17.88
N THR C 300 4.98 12.32 -18.45
CA THR C 300 5.67 13.38 -17.69
C THR C 300 4.91 13.71 -16.41
N ARG D 21 29.33 -5.06 12.07
CA ARG D 21 29.57 -6.18 11.09
C ARG D 21 30.98 -6.05 10.45
N HIS D 22 31.74 -7.14 10.37
CA HIS D 22 33.10 -7.05 9.85
C HIS D 22 33.12 -6.73 8.34
N GLY D 23 34.02 -5.83 7.94
CA GLY D 23 34.30 -5.51 6.54
C GLY D 23 34.66 -6.72 5.68
N GLU D 24 35.28 -7.72 6.30
CA GLU D 24 35.72 -8.93 5.61
C GLU D 24 34.53 -9.76 5.24
N LEU D 25 33.38 -9.50 5.89
CA LEU D 25 32.18 -10.29 5.54
C LEU D 25 31.73 -10.08 4.08
N GLN D 26 31.96 -8.89 3.52
N GLN D 26 31.97 -8.86 3.57
CA GLN D 26 31.62 -8.66 2.11
CA GLN D 26 31.76 -8.51 2.15
C GLN D 26 32.42 -9.52 1.18
C GLN D 26 32.41 -9.54 1.26
N TYR D 27 33.72 -9.72 1.46
CA TYR D 27 34.51 -10.65 0.68
C TYR D 27 34.03 -12.14 0.80
N LEU D 28 33.81 -12.57 2.05
CA LEU D 28 33.34 -13.92 2.35
C LEU D 28 31.97 -14.14 1.73
N ARG D 29 31.09 -13.14 1.81
CA ARG D 29 29.80 -13.25 1.09
C ARG D 29 29.98 -13.36 -0.41
N GLN D 30 31.01 -12.75 -0.98
CA GLN D 30 31.18 -12.92 -2.41
C GLN D 30 31.59 -14.34 -2.74
N VAL D 31 32.53 -14.87 -1.96
CA VAL D 31 33.01 -16.22 -2.12
C VAL D 31 31.83 -17.21 -2.05
N GLU D 32 31.03 -17.09 -1.00
CA GLU D 32 29.86 -18.00 -0.89
C GLU D 32 28.89 -17.90 -2.08
N HIS D 33 28.55 -16.67 -2.46
CA HIS D 33 27.77 -16.42 -3.65
C HIS D 33 28.31 -17.14 -4.86
N ILE D 34 29.63 -17.05 -5.10
CA ILE D 34 30.16 -17.73 -6.25
C ILE D 34 30.04 -19.27 -6.12
N LEU D 35 30.39 -19.75 -4.94
CA LEU D 35 30.32 -21.14 -4.60
C LEU D 35 28.89 -21.70 -4.86
N ARG D 36 27.88 -20.91 -4.58
CA ARG D 36 26.47 -21.37 -4.71
C ARG D 36 25.80 -21.03 -6.02
N CYS D 37 26.14 -19.86 -6.57
CA CYS D 37 25.42 -19.34 -7.74
C CYS D 37 26.22 -19.17 -9.00
N GLY D 38 27.57 -19.24 -8.86
CA GLY D 38 28.47 -19.27 -10.00
C GLY D 38 28.23 -20.43 -10.96
N PHE D 39 28.55 -20.19 -12.22
CA PHE D 39 28.55 -21.22 -13.27
C PHE D 39 29.91 -21.82 -13.50
N LYS D 40 29.98 -23.09 -13.88
CA LYS D 40 31.26 -23.67 -14.25
C LYS D 40 31.67 -22.93 -15.55
N LYS D 41 32.88 -22.37 -15.52
CA LYS D 41 33.45 -21.69 -16.68
C LYS D 41 34.88 -22.15 -16.85
N GLU D 42 35.22 -22.59 -18.07
CA GLU D 42 36.58 -23.04 -18.40
C GLU D 42 37.49 -21.82 -18.52
N ASP D 43 38.79 -22.01 -18.37
CA ASP D 43 39.61 -20.83 -18.51
C ASP D 43 40.85 -21.03 -19.33
N ARG D 44 41.52 -19.89 -19.56
CA ARG D 44 42.82 -19.81 -20.18
C ARG D 44 43.74 -20.86 -19.54
N THR D 45 43.66 -21.01 -18.21
CA THR D 45 44.60 -21.91 -17.50
C THR D 45 44.27 -23.41 -17.60
N GLY D 46 43.11 -23.74 -18.16
CA GLY D 46 42.70 -25.16 -18.34
C GLY D 46 42.32 -25.90 -17.06
N THR D 47 42.06 -25.14 -16.00
CA THR D 47 41.84 -25.62 -14.62
C THR D 47 40.36 -25.71 -14.27
N GLY D 48 39.56 -24.81 -14.85
CA GLY D 48 38.14 -24.70 -14.54
C GLY D 48 37.89 -23.77 -13.38
N THR D 49 36.78 -23.01 -13.46
CA THR D 49 36.40 -22.13 -12.40
C THR D 49 34.90 -22.23 -12.15
N LEU D 50 34.43 -21.71 -11.02
CA LEU D 50 33.04 -21.27 -10.88
C LEU D 50 33.10 -19.74 -10.93
N SER D 51 32.17 -19.14 -11.62
CA SER D 51 32.34 -17.75 -12.01
C SER D 51 31.02 -17.03 -11.97
N VAL D 52 31.07 -15.78 -11.41
CA VAL D 52 30.00 -14.79 -11.56
C VAL D 52 30.56 -13.57 -12.30
N PHE D 53 29.75 -13.01 -13.20
CA PHE D 53 30.09 -11.78 -13.87
C PHE D 53 29.43 -10.57 -13.23
N GLY D 54 30.25 -9.65 -12.69
CA GLY D 54 29.78 -8.42 -12.08
C GLY D 54 29.59 -8.55 -10.58
N MET D 55 30.51 -8.03 -9.76
CA MET D 55 30.29 -8.00 -8.28
C MET D 55 30.82 -6.65 -7.79
N GLN D 56 30.40 -6.23 -6.59
CA GLN D 56 30.83 -4.96 -6.04
C GLN D 56 30.78 -5.09 -4.50
N ALA D 57 31.85 -4.64 -3.87
CA ALA D 57 31.98 -4.67 -2.41
C ALA D 57 32.54 -3.31 -1.95
N ARG D 58 32.21 -2.89 -0.75
CA ARG D 58 32.71 -1.59 -0.22
C ARG D 58 33.40 -1.80 1.11
N TYR D 59 34.65 -1.34 1.19
CA TYR D 59 35.48 -1.58 2.36
C TYR D 59 35.79 -0.20 2.97
N SER D 60 35.26 0.05 4.18
CA SER D 60 35.55 1.35 4.86
C SER D 60 37.03 1.38 5.19
N LEU D 61 37.62 2.53 5.04
CA LEU D 61 39.07 2.71 5.35
C LEU D 61 39.17 3.59 6.55
N ARG D 62 38.04 3.76 7.23
CA ARG D 62 37.96 4.78 8.30
C ARG D 62 38.39 4.22 9.66
N ASP D 63 39.57 4.69 10.10
CA ASP D 63 40.31 4.11 11.21
C ASP D 63 40.59 2.57 11.24
N GLU D 64 40.66 1.95 10.06
CA GLU D 64 41.09 0.59 9.90
C GLU D 64 41.49 0.38 8.46
N PHE D 65 42.11 -0.78 8.24
CA PHE D 65 42.75 -1.10 6.98
C PHE D 65 42.37 -2.51 6.61
N PRO D 66 41.79 -2.71 5.40
CA PRO D 66 41.18 -4.01 5.10
C PRO D 66 42.17 -5.04 4.56
N LEU D 67 43.04 -5.48 5.44
CA LEU D 67 43.91 -6.55 5.14
C LEU D 67 43.26 -7.81 5.68
N LEU D 68 42.85 -8.71 4.78
CA LEU D 68 42.03 -9.85 5.20
C LEU D 68 42.67 -10.78 6.23
N THR D 69 41.88 -11.11 7.25
CA THR D 69 42.34 -11.94 8.40
C THR D 69 41.95 -13.42 8.36
N THR D 70 40.99 -13.85 7.52
CA THR D 70 40.62 -15.27 7.46
C THR D 70 41.64 -16.09 6.75
N LYS D 71 42.49 -15.43 5.97
CA LYS D 71 43.70 -16.00 5.37
C LYS D 71 44.70 -14.87 5.27
N ARG D 72 45.97 -15.12 5.64
CA ARG D 72 46.99 -14.07 5.68
C ARG D 72 47.32 -13.53 4.30
N VAL D 73 47.51 -12.22 4.22
CA VAL D 73 47.81 -11.59 2.94
C VAL D 73 49.24 -11.08 2.99
N PHE D 74 49.94 -11.23 1.89
CA PHE D 74 51.38 -10.91 1.76
C PHE D 74 51.57 -9.39 1.78
N TRP D 75 51.40 -8.76 2.95
CA TRP D 75 51.59 -7.30 3.07
C TRP D 75 52.90 -6.74 2.54
N LYS D 76 54.00 -7.42 2.86
CA LYS D 76 55.28 -6.96 2.33
C LYS D 76 55.22 -6.80 0.80
N GLY D 77 54.57 -7.75 0.13
CA GLY D 77 54.46 -7.76 -1.29
C GLY D 77 53.54 -6.63 -1.74
N VAL D 78 52.43 -6.40 -1.03
CA VAL D 78 51.46 -5.32 -1.35
C VAL D 78 52.20 -4.02 -1.39
N LEU D 79 52.92 -3.75 -0.35
CA LEU D 79 53.60 -2.44 -0.27
C LEU D 79 54.76 -2.27 -1.23
N GLU D 80 55.65 -3.22 -1.30
CA GLU D 80 56.76 -3.06 -2.25
C GLU D 80 56.29 -2.98 -3.66
N GLU D 81 55.26 -3.79 -4.03
CA GLU D 81 54.78 -3.74 -5.42
C GLU D 81 54.22 -2.36 -5.67
N LEU D 82 53.49 -1.81 -4.72
CA LEU D 82 52.95 -0.43 -4.94
C LEU D 82 54.04 0.69 -5.02
N LEU D 83 55.05 0.64 -4.15
CA LEU D 83 56.23 1.55 -4.34
C LEU D 83 56.95 1.39 -5.71
N TRP D 84 57.07 0.15 -6.17
CA TRP D 84 57.59 -0.17 -7.47
C TRP D 84 56.78 0.46 -8.65
N PHE D 85 55.46 0.25 -8.66
CA PHE D 85 54.60 0.94 -9.62
C PHE D 85 54.83 2.48 -9.61
N ILE D 86 54.78 3.06 -8.42
CA ILE D 86 54.91 4.52 -8.23
C ILE D 86 56.17 5.06 -8.86
N LYS D 87 57.29 4.42 -8.61
CA LYS D 87 58.53 4.88 -9.22
C LYS D 87 58.60 4.61 -10.75
N GLY D 88 57.57 3.99 -11.30
CA GLY D 88 57.48 3.78 -12.74
C GLY D 88 58.23 2.59 -13.30
N SER D 89 58.73 1.70 -12.47
CA SER D 89 59.54 0.59 -12.98
C SER D 89 58.70 -0.45 -13.67
N THR D 90 59.21 -0.97 -14.78
CA THR D 90 58.68 -2.13 -15.44
C THR D 90 59.68 -3.28 -15.39
N ASN D 91 60.62 -3.17 -14.46
CA ASN D 91 61.66 -4.20 -14.31
C ASN D 91 61.37 -5.15 -13.15
N ALA D 92 60.88 -6.35 -13.47
CA ALA D 92 60.64 -7.40 -12.49
C ALA D 92 61.84 -7.52 -11.49
N LYS D 93 63.09 -7.39 -11.99
CA LYS D 93 64.29 -7.50 -11.13
C LYS D 93 64.37 -6.47 -9.99
N GLU D 94 63.82 -5.28 -10.23
CA GLU D 94 63.87 -4.22 -9.26
C GLU D 94 62.93 -4.49 -8.10
N LEU D 95 61.83 -5.21 -8.38
CA LEU D 95 60.95 -5.67 -7.33
C LEU D 95 61.51 -6.95 -6.64
N SER D 96 62.08 -7.85 -7.42
CA SER D 96 62.59 -9.07 -6.85
C SER D 96 63.66 -8.78 -5.76
N SER D 97 64.45 -7.74 -6.00
CA SER D 97 65.55 -7.40 -5.10
C SER D 97 65.06 -6.99 -3.73
N LYS D 98 63.74 -6.68 -3.61
CA LYS D 98 63.16 -6.43 -2.28
C LYS D 98 62.56 -7.66 -1.64
N GLY D 99 62.90 -8.81 -2.17
CA GLY D 99 62.35 -10.07 -1.66
C GLY D 99 60.90 -10.31 -2.07
N VAL D 100 60.47 -9.64 -3.14
CA VAL D 100 59.05 -9.75 -3.58
C VAL D 100 59.12 -10.30 -5.00
N ARG D 101 58.72 -11.55 -5.14
CA ARG D 101 59.02 -12.36 -6.33
C ARG D 101 57.85 -12.54 -7.33
N ILE D 102 56.75 -11.89 -7.03
CA ILE D 102 55.46 -12.22 -7.64
C ILE D 102 55.35 -11.90 -9.14
N TRP D 103 56.28 -11.10 -9.69
CA TRP D 103 56.34 -10.80 -11.11
C TRP D 103 57.46 -11.51 -11.87
N ASP D 104 58.33 -12.22 -11.14
CA ASP D 104 59.52 -12.81 -11.74
C ASP D 104 59.22 -13.80 -12.88
N ALA D 105 58.29 -14.73 -12.66
CA ALA D 105 57.92 -15.67 -13.77
C ALA D 105 57.50 -14.91 -15.05
N ASN D 106 56.80 -13.79 -14.91
CA ASN D 106 56.41 -13.03 -16.10
C ASN D 106 57.50 -12.25 -16.77
N GLY D 107 58.64 -12.14 -16.09
CA GLY D 107 59.75 -11.41 -16.67
C GLY D 107 60.88 -12.36 -17.06
N SER D 108 60.62 -13.67 -16.91
CA SER D 108 61.62 -14.72 -17.22
C SER D 108 61.97 -14.82 -18.71
N ARG D 109 63.23 -15.14 -19.00
CA ARG D 109 63.64 -15.50 -20.35
C ARG D 109 62.62 -16.41 -21.01
N ASP D 110 62.19 -17.50 -20.37
CA ASP D 110 61.37 -18.51 -21.04
C ASP D 110 60.01 -17.94 -21.36
N PHE D 111 59.48 -17.17 -20.40
CA PHE D 111 58.16 -16.64 -20.58
C PHE D 111 58.13 -15.53 -21.61
N LEU D 112 59.02 -14.53 -21.51
CA LEU D 112 59.13 -13.55 -22.59
C LEU D 112 59.36 -14.24 -23.96
N ASP D 113 60.17 -15.31 -23.97
CA ASP D 113 60.40 -16.02 -25.25
C ASP D 113 59.09 -16.60 -25.84
N SER D 114 58.27 -17.20 -24.99
CA SER D 114 56.94 -17.70 -25.35
C SER D 114 55.93 -16.65 -25.88
N LEU D 115 56.22 -15.37 -25.61
CA LEU D 115 55.41 -14.25 -26.13
C LEU D 115 56.01 -13.56 -27.34
N GLY D 116 57.14 -14.07 -27.84
CA GLY D 116 57.84 -13.46 -28.96
C GLY D 116 58.73 -12.26 -28.61
N PHE D 117 59.11 -12.16 -27.33
CA PHE D 117 60.01 -11.10 -26.86
C PHE D 117 61.42 -11.64 -26.57
N SER D 118 62.00 -12.36 -27.52
CA SER D 118 63.36 -12.87 -27.35
C SER D 118 64.44 -11.79 -27.32
N ALA D 119 64.12 -10.61 -27.83
CA ALA D 119 65.06 -9.50 -27.91
C ALA D 119 65.05 -8.69 -26.62
N ARG D 120 64.06 -8.95 -25.77
CA ARG D 120 63.95 -8.28 -24.49
C ARG D 120 64.88 -8.83 -23.45
N GLN D 121 65.38 -7.91 -22.64
CA GLN D 121 66.17 -8.23 -21.50
C GLN D 121 65.29 -8.93 -20.45
N GLU D 122 65.84 -9.97 -19.83
CA GLU D 122 65.13 -10.58 -18.71
C GLU D 122 64.75 -9.57 -17.63
N GLY D 123 63.50 -9.69 -17.17
CA GLY D 123 62.88 -8.80 -16.18
C GLY D 123 62.00 -7.73 -16.83
N ASP D 124 62.13 -7.56 -18.14
CA ASP D 124 61.46 -6.41 -18.82
C ASP D 124 60.01 -6.82 -19.18
N LEU D 125 59.08 -6.38 -18.32
CA LEU D 125 57.65 -6.74 -18.40
C LEU D 125 56.91 -5.92 -19.48
N GLY D 126 57.59 -4.97 -20.12
CA GLY D 126 56.99 -4.08 -21.14
C GLY D 126 56.15 -3.01 -20.45
N PRO D 127 55.27 -2.35 -21.18
CA PRO D 127 54.60 -1.16 -20.61
C PRO D 127 53.43 -1.51 -19.64
N VAL D 128 53.72 -2.18 -18.53
CA VAL D 128 52.70 -2.56 -17.53
C VAL D 128 52.45 -1.42 -16.60
N TYR D 129 51.82 -1.67 -15.46
CA TYR D 129 51.23 -0.56 -14.61
C TYR D 129 52.18 0.63 -14.39
N GLY D 130 53.43 0.37 -14.02
CA GLY D 130 54.27 1.54 -13.64
C GLY D 130 54.42 2.51 -14.81
N PHE D 131 54.56 1.94 -16.02
CA PHE D 131 54.68 2.79 -17.23
C PHE D 131 53.34 3.47 -17.53
N GLN D 132 52.21 2.73 -17.51
CA GLN D 132 50.95 3.42 -17.84
C GLN D 132 50.60 4.49 -16.84
N TRP D 133 50.86 4.24 -15.55
CA TRP D 133 50.45 5.22 -14.52
C TRP D 133 51.24 6.49 -14.63
N ARG D 134 52.52 6.39 -14.99
CA ARG D 134 53.34 7.62 -15.04
C ARG D 134 53.60 8.16 -16.44
N HIS D 135 53.32 7.39 -17.50
CA HIS D 135 53.75 7.77 -18.87
C HIS D 135 52.77 7.30 -19.96
N PHE D 136 51.48 7.23 -19.65
CA PHE D 136 50.49 6.73 -20.62
C PHE D 136 50.63 7.43 -21.93
N GLY D 137 50.78 6.65 -23.00
CA GLY D 137 50.75 7.25 -24.34
C GLY D 137 52.17 7.38 -24.89
N ALA D 138 53.16 7.27 -24.02
CA ALA D 138 54.58 7.43 -24.47
C ALA D 138 54.95 6.19 -25.18
N GLU D 139 55.97 6.28 -26.08
CA GLU D 139 56.39 5.14 -26.87
C GLU D 139 57.27 4.24 -25.97
N TYR D 140 56.83 3.03 -25.65
CA TYR D 140 57.71 2.13 -24.90
C TYR D 140 58.87 1.70 -25.76
N LYS D 141 60.06 1.65 -25.13
CA LYS D 141 61.27 1.15 -25.81
C LYS D 141 61.76 0.05 -24.91
N ASP D 142 62.50 0.36 -23.83
CA ASP D 142 62.73 -0.70 -22.85
C ASP D 142 62.69 -0.27 -21.39
N MET D 143 62.87 -1.23 -20.49
CA MET D 143 62.74 -0.96 -19.09
C MET D 143 63.82 -0.03 -18.57
N ASP D 144 64.91 0.15 -19.35
CA ASP D 144 66.04 0.98 -18.93
C ASP D 144 65.95 2.38 -19.52
N SER D 145 64.96 2.62 -20.37
CA SER D 145 64.89 3.89 -21.10
C SER D 145 64.42 4.98 -20.18
N ASP D 146 64.80 6.21 -20.51
CA ASP D 146 64.43 7.36 -19.71
C ASP D 146 63.18 7.98 -20.30
N TYR D 147 62.09 7.89 -19.54
CA TYR D 147 60.79 8.39 -19.99
C TYR D 147 60.39 9.69 -19.36
N SER D 148 61.35 10.38 -18.74
CA SER D 148 60.93 11.53 -17.94
C SER D 148 60.28 12.57 -18.86
N GLY D 149 59.18 13.17 -18.38
CA GLY D 149 58.43 14.12 -19.19
C GLY D 149 57.61 13.53 -20.34
N GLN D 150 57.71 12.21 -20.54
CA GLN D 150 56.98 11.62 -21.68
C GLN D 150 55.65 11.03 -21.25
N GLY D 151 54.65 11.24 -22.07
CA GLY D 151 53.39 10.55 -21.80
C GLY D 151 52.58 11.32 -20.76
N VAL D 152 51.42 10.74 -20.44
CA VAL D 152 50.62 11.38 -19.37
C VAL D 152 50.89 10.84 -17.98
N ASP D 153 51.34 11.71 -17.05
CA ASP D 153 51.52 11.31 -15.67
C ASP D 153 50.20 11.33 -14.92
N GLN D 154 49.48 10.22 -14.97
CA GLN D 154 48.13 10.16 -14.49
C GLN D 154 48.14 10.14 -12.98
N LEU D 155 49.15 9.48 -12.40
CA LEU D 155 49.27 9.43 -10.97
C LEU D 155 49.40 10.85 -10.43
N GLN D 156 50.35 11.62 -10.98
CA GLN D 156 50.46 12.95 -10.38
C GLN D 156 49.22 13.82 -10.70
N LYS D 157 48.70 13.66 -11.91
CA LYS D 157 47.48 14.42 -12.29
C LYS D 157 46.32 14.08 -11.36
N VAL D 158 46.14 12.82 -11.00
CA VAL D 158 45.08 12.49 -10.02
C VAL D 158 45.30 13.28 -8.71
N ILE D 159 46.55 13.30 -8.26
CA ILE D 159 46.90 13.99 -7.03
C ILE D 159 46.63 15.52 -7.12
N ASP D 160 47.09 16.13 -8.19
CA ASP D 160 46.85 17.59 -8.33
C ASP D 160 45.37 17.95 -8.50
N THR D 161 44.62 17.10 -9.22
CA THR D 161 43.13 17.38 -9.33
C THR D 161 42.44 17.27 -7.98
N ILE D 162 42.81 16.27 -7.16
CA ILE D 162 42.25 16.11 -5.84
C ILE D 162 42.46 17.37 -4.99
N LYS D 163 43.64 17.97 -5.16
CA LYS D 163 44.08 19.10 -4.38
C LYS D 163 43.34 20.38 -4.83
N THR D 164 43.20 20.54 -6.14
CA THR D 164 42.70 21.78 -6.71
C THR D 164 41.19 21.79 -7.04
N ASN D 165 40.67 20.62 -7.47
CA ASN D 165 39.27 20.43 -7.90
C ASN D 165 38.64 19.10 -7.34
N PRO D 166 38.63 18.94 -6.00
CA PRO D 166 38.19 17.67 -5.34
C PRO D 166 36.78 17.24 -5.79
N ASP D 167 35.95 18.17 -6.32
CA ASP D 167 34.60 17.80 -6.84
C ASP D 167 34.62 17.12 -8.22
N ASP D 168 35.79 17.04 -8.85
CA ASP D 168 35.94 16.62 -10.27
C ASP D 168 35.47 15.20 -10.40
N ARG D 169 34.68 14.91 -11.48
CA ARG D 169 34.05 13.58 -11.62
C ARG D 169 34.85 12.79 -12.63
N ARG D 170 36.09 13.26 -12.88
CA ARG D 170 36.93 12.67 -13.93
C ARG D 170 38.29 12.19 -13.38
N ILE D 171 38.37 11.91 -12.06
CA ILE D 171 39.68 11.66 -11.44
C ILE D 171 40.02 10.21 -11.61
N ILE D 172 40.61 9.88 -12.75
CA ILE D 172 40.77 8.47 -13.16
C ILE D 172 42.20 8.19 -13.51
N MET D 173 42.63 6.97 -13.22
CA MET D 173 43.97 6.53 -13.60
C MET D 173 43.71 5.20 -14.30
N CYS D 174 44.13 5.14 -15.53
CA CYS D 174 43.77 3.99 -16.40
C CYS D 174 45.03 3.24 -16.84
N ALA D 175 45.02 1.95 -16.62
CA ALA D 175 46.15 1.09 -16.98
C ALA D 175 45.85 0.32 -18.23
N TRP D 176 44.58 0.20 -18.54
CA TRP D 176 44.21 -0.58 -19.72
C TRP D 176 44.54 0.26 -20.96
N ASN D 177 45.54 -0.09 -21.72
CA ASN D 177 45.98 0.71 -22.88
C ASN D 177 45.95 -0.21 -24.08
N PRO D 178 44.85 -0.18 -24.86
CA PRO D 178 44.71 -1.11 -26.00
C PRO D 178 45.87 -1.09 -26.98
N LYS D 179 46.49 0.06 -27.13
CA LYS D 179 47.64 0.18 -28.04
C LYS D 179 48.86 -0.61 -27.54
N ASP D 180 49.07 -0.60 -26.24
CA ASP D 180 50.24 -1.18 -25.63
C ASP D 180 50.08 -2.65 -25.23
N LEU D 181 48.83 -3.13 -25.15
CA LEU D 181 48.49 -4.50 -24.72
C LEU D 181 49.41 -5.57 -25.32
N PRO D 182 49.65 -5.52 -26.65
CA PRO D 182 50.45 -6.60 -27.26
C PRO D 182 51.89 -6.64 -26.71
N LEU D 183 52.31 -5.55 -26.10
CA LEU D 183 53.71 -5.39 -25.64
C LEU D 183 53.86 -5.77 -24.17
N MET D 184 52.73 -5.97 -23.51
CA MET D 184 52.82 -6.25 -22.09
C MET D 184 53.05 -7.74 -21.88
N ALA D 185 53.72 -8.05 -20.78
CA ALA D 185 53.93 -9.46 -20.44
C ALA D 185 52.60 -10.14 -20.06
N LEU D 186 51.71 -9.36 -19.47
CA LEU D 186 50.32 -9.77 -19.08
C LEU D 186 49.40 -8.57 -19.24
N PRO D 187 48.19 -8.82 -19.74
CA PRO D 187 47.25 -7.70 -19.76
C PRO D 187 46.80 -7.37 -18.37
N PRO D 188 46.62 -6.10 -18.08
CA PRO D 188 46.39 -5.69 -16.71
C PRO D 188 45.06 -6.20 -16.19
N CYS D 189 44.99 -6.70 -14.95
CA CYS D 189 43.69 -7.05 -14.34
C CYS D 189 43.04 -5.80 -13.76
N HIS D 190 43.86 -4.89 -13.26
CA HIS D 190 43.33 -3.63 -12.67
C HIS D 190 43.22 -2.55 -13.69
N ALA D 191 42.08 -2.53 -14.39
CA ALA D 191 41.95 -1.80 -15.62
C ALA D 191 41.96 -0.28 -15.46
N LEU D 192 41.24 0.17 -14.45
CA LEU D 192 41.29 1.54 -14.07
C LEU D 192 40.82 1.66 -12.63
N CYS D 193 41.15 2.83 -12.07
CA CYS D 193 40.55 3.27 -10.86
C CYS D 193 40.07 4.73 -10.94
N GLN D 194 39.17 5.07 -10.04
CA GLN D 194 38.62 6.42 -10.02
C GLN D 194 38.61 6.84 -8.55
N PHE D 195 38.94 8.07 -8.36
CA PHE D 195 38.88 8.70 -7.02
C PHE D 195 37.76 9.70 -6.88
N TYR D 196 37.39 9.98 -5.64
CA TYR D 196 36.22 10.76 -5.35
C TYR D 196 36.46 11.49 -4.01
N VAL D 197 36.01 12.73 -3.88
CA VAL D 197 36.15 13.37 -2.62
C VAL D 197 34.81 13.90 -2.20
N VAL D 198 34.47 13.61 -0.95
CA VAL D 198 33.38 14.36 -0.27
C VAL D 198 33.61 14.46 1.24
N ASN D 199 33.16 15.56 1.83
CA ASN D 199 33.27 15.74 3.29
C ASN D 199 34.69 15.41 3.83
N GLY D 200 35.65 15.97 3.10
CA GLY D 200 37.08 15.79 3.43
C GLY D 200 37.58 14.34 3.42
N GLU D 201 36.85 13.42 2.77
CA GLU D 201 37.28 12.01 2.71
C GLU D 201 37.56 11.65 1.26
N LEU D 202 38.60 10.83 1.09
CA LEU D 202 38.97 10.39 -0.27
C LEU D 202 38.57 8.96 -0.42
N SER D 203 37.81 8.67 -1.49
CA SER D 203 37.46 7.29 -1.82
C SER D 203 38.06 6.87 -3.18
N CYS D 204 38.11 5.54 -3.40
CA CYS D 204 38.67 4.97 -4.65
C CYS D 204 37.75 3.81 -5.11
N GLN D 205 37.47 3.72 -6.40
CA GLN D 205 36.82 2.51 -6.91
C GLN D 205 37.79 1.90 -7.92
N LEU D 206 38.01 0.60 -7.81
CA LEU D 206 38.79 -0.17 -8.75
C LEU D 206 37.92 -0.99 -9.67
N TYR D 207 38.20 -0.94 -10.97
CA TYR D 207 37.49 -1.82 -11.91
C TYR D 207 38.49 -2.91 -12.17
N GLN D 208 38.24 -4.02 -11.51
CA GLN D 208 39.11 -5.21 -11.79
C GLN D 208 38.43 -6.19 -12.72
N ARG D 209 39.02 -6.45 -13.85
CA ARG D 209 38.31 -7.22 -14.95
C ARG D 209 38.20 -8.72 -14.66
N SER D 210 39.08 -9.19 -13.79
CA SER D 210 39.22 -10.61 -13.53
C SER D 210 39.76 -10.77 -12.12
N GLY D 211 39.07 -11.55 -11.28
CA GLY D 211 39.56 -11.77 -9.95
C GLY D 211 39.50 -13.24 -9.54
N ASP D 212 40.67 -13.83 -9.26
CA ASP D 212 40.81 -15.09 -8.52
C ASP D 212 40.56 -14.81 -7.02
N MET D 213 39.40 -15.26 -6.52
CA MET D 213 38.93 -14.88 -5.19
C MET D 213 39.78 -15.43 -4.05
N GLY D 214 40.29 -16.62 -4.27
CA GLY D 214 41.17 -17.33 -3.34
C GLY D 214 42.47 -16.61 -3.11
N LEU D 215 43.16 -16.38 -4.22
CA LEU D 215 44.58 -15.99 -4.21
C LEU D 215 44.87 -14.56 -4.54
N GLY D 216 44.09 -13.93 -5.42
CA GLY D 216 44.51 -12.64 -5.97
C GLY D 216 43.77 -11.55 -5.27
N VAL D 217 42.46 -11.73 -5.13
CA VAL D 217 41.61 -10.63 -4.70
C VAL D 217 42.00 -9.99 -3.33
N PRO D 218 42.36 -10.82 -2.32
CA PRO D 218 42.68 -10.17 -1.02
C PRO D 218 43.88 -9.27 -1.14
N PHE D 219 44.89 -9.71 -1.89
CA PHE D 219 46.05 -8.84 -2.19
C PHE D 219 45.66 -7.54 -2.90
N ASN D 220 44.73 -7.68 -3.88
CA ASN D 220 44.30 -6.54 -4.71
C ASN D 220 43.60 -5.56 -3.84
N ILE D 221 42.78 -6.04 -2.89
CA ILE D 221 42.02 -5.12 -2.04
C ILE D 221 43.04 -4.24 -1.22
N ALA D 222 44.02 -4.92 -0.66
CA ALA D 222 45.04 -4.19 0.11
C ALA D 222 45.88 -3.21 -0.71
N SER D 223 46.23 -3.59 -1.93
CA SER D 223 46.95 -2.66 -2.82
C SER D 223 46.20 -1.37 -3.02
N TYR D 224 44.90 -1.50 -3.37
CA TYR D 224 44.20 -0.24 -3.70
C TYR D 224 43.79 0.54 -2.51
N ALA D 225 43.50 -0.13 -1.40
CA ALA D 225 43.27 0.59 -0.14
C ALA D 225 44.55 1.32 0.27
N LEU D 226 45.69 0.67 0.02
CA LEU D 226 47.00 1.28 0.39
C LEU D 226 47.25 2.52 -0.42
N LEU D 227 47.05 2.41 -1.73
CA LEU D 227 47.10 3.61 -2.61
C LEU D 227 46.18 4.75 -2.08
N THR D 228 44.95 4.43 -1.68
CA THR D 228 44.06 5.49 -1.20
C THR D 228 44.58 6.18 0.09
N TYR D 229 45.11 5.40 1.04
CA TYR D 229 45.80 5.95 2.24
C TYR D 229 46.96 6.89 1.83
N MET D 230 47.81 6.48 0.90
CA MET D 230 48.93 7.33 0.44
C MET D 230 48.50 8.68 -0.19
N ILE D 231 47.60 8.62 -1.20
CA ILE D 231 47.03 9.86 -1.78
C ILE D 231 46.27 10.67 -0.74
N ALA D 232 45.47 10.05 0.13
CA ALA D 232 44.74 10.83 1.19
C ALA D 232 45.80 11.56 2.08
N HIS D 233 46.91 10.87 2.37
CA HIS D 233 48.03 11.50 3.16
C HIS D 233 48.58 12.70 2.45
N ILE D 234 49.01 12.53 1.20
CA ILE D 234 49.55 13.61 0.32
C ILE D 234 48.62 14.79 0.17
N THR D 235 47.30 14.51 0.07
CA THR D 235 46.35 15.58 -0.20
C THR D 235 45.65 16.12 1.04
N GLY D 236 46.10 15.65 2.22
CA GLY D 236 45.64 16.18 3.50
C GLY D 236 44.20 15.77 3.84
N LEU D 237 43.74 14.72 3.19
CA LEU D 237 42.42 14.14 3.43
C LEU D 237 42.44 12.87 4.27
N GLN D 238 41.27 12.47 4.69
CA GLN D 238 41.04 11.26 5.40
C GLN D 238 40.60 10.19 4.41
N PRO D 239 41.13 8.96 4.53
CA PRO D 239 40.51 7.85 3.75
C PRO D 239 39.01 7.60 4.01
N GLY D 240 38.26 7.41 2.91
CA GLY D 240 36.84 7.12 3.01
C GLY D 240 36.56 5.66 2.75
N ASP D 241 36.12 5.33 1.51
CA ASP D 241 35.80 3.92 1.14
C ASP D 241 36.72 3.44 0.02
N PHE D 242 37.04 2.15 0.02
CA PHE D 242 37.55 1.48 -1.17
C PHE D 242 36.36 0.68 -1.77
N VAL D 243 35.95 0.99 -3.01
CA VAL D 243 34.87 0.24 -3.68
C VAL D 243 35.52 -0.70 -4.69
N HIS D 244 35.32 -1.99 -4.49
CA HIS D 244 35.96 -2.95 -5.36
C HIS D 244 34.92 -3.54 -6.32
N THR D 245 35.09 -3.30 -7.61
CA THR D 245 34.22 -3.81 -8.63
C THR D 245 34.89 -4.91 -9.40
N LEU D 246 34.24 -6.06 -9.57
CA LEU D 246 34.77 -7.13 -10.35
C LEU D 246 34.01 -7.39 -11.66
N GLY D 247 34.78 -7.77 -12.68
CA GLY D 247 34.27 -8.37 -13.92
C GLY D 247 34.01 -9.84 -13.70
N ASP D 248 34.89 -10.71 -14.20
CA ASP D 248 34.74 -12.15 -14.00
C ASP D 248 35.37 -12.47 -12.62
N ALA D 249 34.50 -12.62 -11.64
CA ALA D 249 34.87 -13.02 -10.27
C ALA D 249 34.82 -14.56 -10.19
N HIS D 250 35.94 -15.21 -9.88
CA HIS D 250 35.91 -16.65 -10.04
C HIS D 250 36.73 -17.37 -8.96
N ILE D 251 36.40 -18.65 -8.77
CA ILE D 251 37.09 -19.50 -7.80
C ILE D 251 37.62 -20.67 -8.61
N TYR D 252 38.91 -20.96 -8.57
CA TYR D 252 39.37 -22.15 -9.26
C TYR D 252 38.86 -23.36 -8.54
N LEU D 253 38.58 -24.40 -9.31
CA LEU D 253 37.90 -25.53 -8.73
C LEU D 253 38.78 -26.14 -7.59
N ASN D 254 40.09 -25.94 -7.67
CA ASN D 254 40.95 -26.54 -6.63
C ASN D 254 41.13 -25.61 -5.42
N HIS D 255 40.37 -24.52 -5.40
CA HIS D 255 40.36 -23.68 -4.21
C HIS D 255 39.07 -23.85 -3.43
N ILE D 256 38.19 -24.76 -3.87
CA ILE D 256 36.86 -24.84 -3.27
C ILE D 256 36.93 -25.39 -1.84
N GLU D 257 37.63 -26.51 -1.70
CA GLU D 257 37.80 -27.12 -0.38
C GLU D 257 38.42 -26.09 0.58
N PRO D 258 39.60 -25.58 0.24
CA PRO D 258 40.27 -24.62 1.13
C PRO D 258 39.40 -23.38 1.43
N LEU D 259 38.73 -22.84 0.40
CA LEU D 259 37.75 -21.75 0.65
C LEU D 259 36.57 -22.12 1.53
N LYS D 260 36.03 -23.34 1.39
CA LYS D 260 35.03 -23.83 2.35
C LYS D 260 35.55 -23.85 3.80
N ILE D 261 36.81 -24.25 4.01
CA ILE D 261 37.45 -24.09 5.36
C ILE D 261 37.48 -22.63 5.82
N GLN D 262 37.94 -21.74 4.92
CA GLN D 262 38.05 -20.33 5.25
C GLN D 262 36.71 -19.67 5.54
N LEU D 263 35.64 -20.21 4.95
CA LEU D 263 34.29 -19.66 5.19
C LEU D 263 33.72 -19.89 6.60
N GLN D 264 34.33 -20.81 7.35
CA GLN D 264 33.89 -21.10 8.72
C GLN D 264 34.72 -20.35 9.76
N ARG D 265 35.73 -19.62 9.29
CA ARG D 265 36.56 -18.82 10.18
C ARG D 265 35.91 -17.49 10.47
N GLU D 266 35.93 -17.10 11.73
CA GLU D 266 35.41 -15.79 12.04
C GLU D 266 36.57 -14.79 11.91
N PRO D 267 36.32 -13.67 11.21
CA PRO D 267 37.32 -12.60 11.04
C PRO D 267 37.76 -12.01 12.38
N ARG D 268 39.06 -11.70 12.47
CA ARG D 268 39.61 -10.86 13.55
C ARG D 268 39.43 -9.41 13.13
N PRO D 269 39.23 -8.49 14.09
CA PRO D 269 39.17 -7.07 13.70
C PRO D 269 40.32 -6.75 12.75
N PHE D 270 40.04 -5.91 11.75
CA PHE D 270 41.07 -5.49 10.77
C PHE D 270 42.19 -4.76 11.50
N PRO D 271 43.42 -4.80 10.93
CA PRO D 271 44.50 -4.01 11.52
C PRO D 271 44.32 -2.53 11.23
N LYS D 272 45.22 -1.72 11.78
CA LYS D 272 45.29 -0.34 11.40
C LYS D 272 46.52 -0.16 10.54
N LEU D 273 46.47 0.83 9.64
CA LEU D 273 47.68 1.20 8.89
C LEU D 273 48.13 2.59 9.34
N LYS D 274 49.38 2.69 9.81
CA LYS D 274 49.92 3.93 10.31
C LYS D 274 50.95 4.41 9.33
N ILE D 275 50.88 5.71 9.01
CA ILE D 275 51.93 6.38 8.25
C ILE D 275 52.72 7.23 9.27
N LEU D 276 54.02 7.02 9.26
CA LEU D 276 54.83 7.32 10.45
C LEU D 276 55.55 8.65 10.39
N ARG D 277 55.43 9.31 9.24
CA ARG D 277 55.87 10.70 9.13
C ARG D 277 55.05 11.42 8.06
N LYS D 278 55.28 12.73 8.00
CA LYS D 278 54.57 13.57 7.06
C LYS D 278 55.35 13.50 5.77
N VAL D 279 54.69 12.98 4.75
CA VAL D 279 55.31 12.78 3.45
C VAL D 279 54.70 13.80 2.47
N GLU D 280 55.54 14.53 1.73
CA GLU D 280 55.00 15.62 0.93
C GLU D 280 54.59 15.19 -0.50
N THR D 281 55.28 14.18 -1.08
CA THR D 281 54.98 13.77 -2.48
C THR D 281 54.87 12.26 -2.58
N ILE D 282 54.05 11.77 -3.52
CA ILE D 282 53.86 10.30 -3.64
C ILE D 282 55.17 9.54 -3.88
N ASP D 283 56.10 10.18 -4.58
CA ASP D 283 57.41 9.61 -4.94
C ASP D 283 58.31 9.40 -3.72
N ASP D 284 57.92 9.99 -2.60
CA ASP D 284 58.83 10.08 -1.40
C ASP D 284 58.48 9.06 -0.34
N PHE D 285 57.32 8.43 -0.47
CA PHE D 285 57.06 7.30 0.39
C PHE D 285 58.11 6.22 0.25
N LYS D 286 58.43 5.62 1.41
CA LYS D 286 59.32 4.46 1.56
C LYS D 286 58.74 3.45 2.54
N VAL D 287 59.18 2.20 2.45
CA VAL D 287 58.67 1.13 3.29
C VAL D 287 58.59 1.39 4.78
N GLU D 288 59.65 2.03 5.29
CA GLU D 288 59.78 2.36 6.70
C GLU D 288 58.77 3.45 7.12
N ASP D 289 58.09 4.06 6.15
CA ASP D 289 57.02 5.00 6.45
C ASP D 289 55.74 4.36 6.96
N PHE D 290 55.63 3.04 6.81
CA PHE D 290 54.37 2.34 7.08
C PHE D 290 54.49 1.27 8.16
N GLN D 291 53.45 1.16 8.96
CA GLN D 291 53.30 0.20 10.02
C GLN D 291 51.87 -0.32 9.99
N ILE D 292 51.75 -1.63 9.84
CA ILE D 292 50.51 -2.40 10.09
C ILE D 292 50.46 -2.81 11.57
N GLU D 293 49.41 -2.38 12.23
CA GLU D 293 49.26 -2.56 13.64
C GLU D 293 48.08 -3.48 13.92
N GLY D 294 48.31 -4.49 14.76
CA GLY D 294 47.23 -5.37 15.16
C GLY D 294 46.81 -6.42 14.14
N TYR D 295 47.75 -6.91 13.33
CA TYR D 295 47.35 -7.83 12.27
C TYR D 295 47.48 -9.24 12.80
N ASN D 296 46.33 -9.88 12.99
CA ASN D 296 46.31 -11.26 13.48
C ASN D 296 45.45 -12.12 12.61
N PRO D 297 46.05 -12.65 11.52
CA PRO D 297 45.33 -13.47 10.60
C PRO D 297 45.29 -14.90 11.08
N HIS D 298 44.19 -15.56 10.79
CA HIS D 298 44.03 -16.99 10.96
C HIS D 298 45.17 -17.79 10.31
N PRO D 299 45.34 -19.05 10.77
CA PRO D 299 46.44 -19.95 10.43
C PRO D 299 46.45 -20.47 9.00
N THR D 300 47.61 -20.95 8.58
CA THR D 300 47.79 -21.51 7.25
C THR D 300 47.06 -22.83 6.98
N ILE D 301 46.47 -22.93 5.80
CA ILE D 301 46.32 -24.20 5.09
C ILE D 301 46.39 -24.02 3.56
N LYS D 302 46.78 -25.10 2.88
CA LYS D 302 47.01 -25.12 1.44
C LYS D 302 45.73 -24.88 0.65
N MET D 303 45.89 -24.56 -0.64
CA MET D 303 44.77 -24.37 -1.56
C MET D 303 45.09 -24.84 -2.97
N PRO E 20 -11.42 -2.90 12.80
CA PRO E 20 -10.76 -1.61 12.96
C PRO E 20 -10.57 -0.94 11.61
N ARG E 21 -9.45 -0.25 11.45
CA ARG E 21 -9.09 0.38 10.17
C ARG E 21 -7.76 -0.08 9.60
N HIS E 22 -7.86 -1.11 8.76
CA HIS E 22 -6.85 -1.48 7.76
C HIS E 22 -5.48 -1.93 8.29
N GLY E 23 -5.49 -3.06 8.98
CA GLY E 23 -4.32 -3.81 9.40
C GLY E 23 -3.03 -3.11 9.77
N GLU E 24 -2.08 -3.08 8.84
CA GLU E 24 -0.72 -2.59 9.09
C GLU E 24 -0.70 -1.11 9.43
N LEU E 25 -1.67 -0.36 8.87
CA LEU E 25 -1.77 1.05 9.20
C LEU E 25 -1.84 1.35 10.70
N GLN E 26 -2.39 0.45 11.49
N GLN E 26 -2.37 0.42 11.48
CA GLN E 26 -2.47 0.68 12.93
CA GLN E 26 -2.51 0.63 12.93
C GLN E 26 -1.11 0.47 13.55
C GLN E 26 -1.20 0.34 13.66
N TYR E 27 -0.42 -0.61 13.16
CA TYR E 27 0.95 -0.86 13.62
C TYR E 27 1.82 0.38 13.38
N LEU E 28 1.87 0.83 12.12
CA LEU E 28 2.56 2.09 11.78
C LEU E 28 2.13 3.25 12.67
N ARG E 29 0.84 3.43 12.92
CA ARG E 29 0.38 4.52 13.80
C ARG E 29 0.84 4.36 15.25
N GLN E 30 0.91 3.11 15.72
CA GLN E 30 1.47 2.84 17.04
C GLN E 30 2.94 3.22 17.13
N VAL E 31 3.72 2.88 16.09
CA VAL E 31 5.12 3.28 16.02
C VAL E 31 5.30 4.78 16.02
N GLU E 32 4.50 5.44 15.20
CA GLU E 32 4.53 6.91 15.09
C GLU E 32 4.19 7.56 16.44
N HIS E 33 3.25 6.96 17.16
CA HIS E 33 2.84 7.49 18.46
C HIS E 33 3.94 7.35 19.50
N ILE E 34 4.67 6.23 19.44
CA ILE E 34 5.73 6.07 20.42
C ILE E 34 6.81 7.12 20.13
N LEU E 35 7.18 7.25 18.86
CA LEU E 35 8.21 8.22 18.49
C LEU E 35 7.87 9.66 18.90
N ARG E 36 6.63 10.11 18.70
CA ARG E 36 6.29 11.52 18.96
C ARG E 36 5.81 11.83 20.38
N CYS E 37 5.34 10.81 21.09
CA CYS E 37 4.71 11.04 22.40
C CYS E 37 5.31 10.18 23.51
N GLY E 38 6.12 9.21 23.11
CA GLY E 38 6.67 8.26 24.04
C GLY E 38 7.65 8.97 24.94
N PHE E 39 7.89 8.35 26.11
CA PHE E 39 8.84 8.85 27.07
C PHE E 39 10.09 8.03 27.03
N LYS E 40 11.21 8.72 27.26
CA LYS E 40 12.49 8.07 27.41
C LYS E 40 12.35 7.18 28.61
N LYS E 41 12.68 5.91 28.43
CA LYS E 41 12.64 4.95 29.50
C LYS E 41 13.88 4.10 29.28
N GLU E 42 14.77 4.12 30.25
CA GLU E 42 15.91 3.24 30.12
C GLU E 42 15.47 1.82 30.47
N ASP E 43 16.23 0.84 30.00
CA ASP E 43 15.71 -0.51 30.00
C ASP E 43 16.76 -1.50 30.42
N ARG E 44 16.30 -2.68 30.80
CA ARG E 44 17.16 -3.80 31.16
C ARG E 44 18.50 -3.78 30.40
N THR E 45 18.43 -3.70 29.07
CA THR E 45 19.59 -3.91 28.18
C THR E 45 20.59 -2.73 28.08
N GLY E 46 20.22 -1.56 28.61
CA GLY E 46 21.13 -0.37 28.62
C GLY E 46 21.14 0.49 27.37
N THR E 47 20.42 0.04 26.34
CA THR E 47 20.28 0.79 25.07
C THR E 47 19.34 1.99 25.21
N GLY E 48 18.31 1.85 26.05
CA GLY E 48 17.32 2.92 26.24
C GLY E 48 16.24 2.74 25.20
N THR E 49 15.04 3.18 25.54
CA THR E 49 13.87 3.07 24.68
C THR E 49 13.10 4.39 24.71
N LEU E 50 12.26 4.58 23.71
CA LEU E 50 11.10 5.49 23.85
C LEU E 50 9.93 4.54 24.11
N SER E 51 9.04 4.92 25.06
CA SER E 51 8.04 3.98 25.54
C SER E 51 6.68 4.62 25.79
N VAL E 52 5.64 3.83 25.47
CA VAL E 52 4.25 4.10 25.84
C VAL E 52 3.69 2.85 26.56
N PHE E 53 2.98 3.08 27.66
CA PHE E 53 2.32 1.96 28.34
C PHE E 53 0.86 1.87 27.95
N GLY E 54 0.46 0.69 27.39
CA GLY E 54 -0.95 0.41 27.05
C GLY E 54 -1.30 0.87 25.63
N MET E 55 -1.38 -0.13 24.74
CA MET E 55 -1.81 0.08 23.39
C MET E 55 -2.71 -1.09 22.95
N GLN E 56 -3.43 -0.89 21.85
CA GLN E 56 -4.30 -1.96 21.42
C GLN E 56 -4.52 -1.72 19.94
N ALA E 57 -4.42 -2.79 19.16
CA ALA E 57 -4.74 -2.70 17.71
C ALA E 57 -5.56 -3.92 17.31
N ARG E 58 -6.38 -3.81 16.26
CA ARG E 58 -7.24 -4.94 15.85
C ARG E 58 -6.90 -5.32 14.39
N TYR E 59 -6.52 -6.57 14.19
CA TYR E 59 -6.08 -7.04 12.86
C TYR E 59 -7.18 -8.02 12.42
N SER E 60 -7.87 -7.69 11.34
CA SER E 60 -8.83 -8.63 10.79
C SER E 60 -8.08 -9.82 10.18
N LEU E 61 -8.63 -11.00 10.41
CA LEU E 61 -8.10 -12.25 9.87
C LEU E 61 -8.96 -12.77 8.72
N ARG E 62 -9.85 -11.87 8.22
CA ARG E 62 -10.93 -12.25 7.28
C ARG E 62 -10.45 -12.17 5.82
N ASP E 63 -10.15 -13.35 5.26
CA ASP E 63 -9.60 -13.57 3.90
C ASP E 63 -8.24 -12.89 3.71
N GLU E 64 -7.49 -12.77 4.81
CA GLU E 64 -6.10 -12.26 4.73
C GLU E 64 -5.40 -12.53 6.03
N PHE E 65 -4.07 -12.37 5.98
CA PHE E 65 -3.22 -12.79 7.07
C PHE E 65 -2.29 -11.64 7.36
N PRO E 66 -2.35 -11.14 8.61
CA PRO E 66 -1.54 -9.98 8.98
C PRO E 66 -0.02 -10.28 9.11
N LEU E 67 0.62 -10.66 8.00
CA LEU E 67 2.08 -10.64 7.91
C LEU E 67 2.53 -9.27 7.37
N LEU E 68 3.22 -8.49 8.20
CA LEU E 68 3.48 -7.09 7.80
C LEU E 68 4.35 -6.97 6.52
N THR E 69 4.13 -5.87 5.78
CA THR E 69 4.67 -5.65 4.43
C THR E 69 5.64 -4.48 4.33
N THR E 70 5.71 -3.65 5.37
CA THR E 70 6.65 -2.52 5.32
C THR E 70 8.06 -3.01 5.72
N LYS E 71 8.14 -4.23 6.28
CA LYS E 71 9.39 -4.96 6.60
C LYS E 71 9.07 -6.44 6.72
N ARG E 72 9.86 -7.26 6.01
N ARG E 72 9.84 -7.29 6.00
CA ARG E 72 9.76 -8.74 6.03
CA ARG E 72 9.63 -8.74 6.03
C ARG E 72 9.71 -9.38 7.42
C ARG E 72 9.62 -9.32 7.44
N VAL E 73 8.71 -10.25 7.69
CA VAL E 73 8.60 -10.93 8.97
C VAL E 73 9.14 -12.31 8.70
N PHE E 74 9.87 -12.85 9.66
CA PHE E 74 10.51 -14.17 9.55
C PHE E 74 9.47 -15.29 9.64
N TRP E 75 8.73 -15.54 8.56
CA TRP E 75 7.54 -16.40 8.64
C TRP E 75 7.91 -17.83 9.01
N LYS E 76 9.01 -18.31 8.43
CA LYS E 76 9.42 -19.70 8.65
C LYS E 76 9.52 -19.93 10.16
N GLY E 77 10.16 -18.98 10.82
CA GLY E 77 10.38 -19.06 12.25
C GLY E 77 9.15 -18.90 13.10
N VAL E 78 8.23 -18.03 12.68
CA VAL E 78 6.96 -17.99 13.45
C VAL E 78 6.22 -19.31 13.48
N LEU E 79 6.15 -20.00 12.32
CA LEU E 79 5.45 -21.32 12.21
C LEU E 79 6.13 -22.44 13.02
N GLU E 80 7.45 -22.59 12.85
CA GLU E 80 8.23 -23.59 13.57
C GLU E 80 8.24 -23.31 15.07
N GLU E 81 8.36 -22.04 15.47
CA GLU E 81 8.18 -21.70 16.87
C GLU E 81 6.78 -22.11 17.40
N LEU E 82 5.72 -21.79 16.67
CA LEU E 82 4.38 -22.19 17.15
C LEU E 82 4.23 -23.71 17.23
N LEU E 83 4.66 -24.41 16.18
CA LEU E 83 4.63 -25.86 16.22
C LEU E 83 5.39 -26.41 17.43
N TRP E 84 6.55 -25.80 17.71
CA TRP E 84 7.40 -26.13 18.87
C TRP E 84 6.72 -25.87 20.24
N PHE E 85 6.00 -24.74 20.35
CA PHE E 85 5.10 -24.48 21.49
C PHE E 85 4.05 -25.60 21.62
N ILE E 86 3.37 -25.90 20.51
CA ILE E 86 2.22 -26.80 20.52
C ILE E 86 2.54 -28.20 21.09
N LYS E 87 3.69 -28.74 20.73
CA LYS E 87 4.04 -30.12 21.10
C LYS E 87 4.59 -30.25 22.54
N GLY E 88 4.81 -29.12 23.21
CA GLY E 88 5.07 -29.11 24.68
C GLY E 88 6.54 -28.93 25.00
N SER E 89 7.27 -28.45 24.00
CA SER E 89 8.71 -28.46 23.99
C SER E 89 9.33 -27.30 24.73
N THR E 90 10.41 -27.61 25.44
CA THR E 90 11.16 -26.63 26.21
C THR E 90 12.64 -26.79 25.88
N ASN E 91 12.89 -27.48 24.77
CA ASN E 91 14.25 -27.77 24.30
C ASN E 91 14.62 -26.88 23.12
N ALA E 92 15.57 -25.98 23.37
CA ALA E 92 16.04 -25.02 22.38
C ALA E 92 16.67 -25.66 21.14
N LYS E 93 17.32 -26.81 21.32
CA LYS E 93 17.95 -27.54 20.21
C LYS E 93 16.90 -28.07 19.23
N GLU E 94 15.72 -28.35 19.76
CA GLU E 94 14.60 -28.98 19.04
C GLU E 94 13.90 -28.03 18.08
N LEU E 95 13.97 -26.74 18.40
CA LEU E 95 13.54 -25.70 17.48
C LEU E 95 14.71 -25.38 16.55
N SER E 96 15.92 -25.42 17.11
CA SER E 96 17.12 -25.18 16.30
C SER E 96 17.35 -26.25 15.21
N SER E 97 16.95 -27.49 15.50
CA SER E 97 17.05 -28.63 14.56
C SER E 97 16.07 -28.52 13.41
N LYS E 98 15.38 -27.37 13.37
CA LYS E 98 14.43 -27.06 12.33
C LYS E 98 14.91 -25.78 11.62
N GLY E 99 16.08 -25.30 12.03
CA GLY E 99 16.76 -24.15 11.42
C GLY E 99 16.54 -22.82 12.13
N VAL E 100 15.44 -22.72 12.87
CA VAL E 100 15.08 -21.48 13.56
C VAL E 100 15.90 -21.34 14.84
N ARG E 101 16.61 -20.22 14.92
CA ARG E 101 17.69 -20.02 15.89
C ARG E 101 17.30 -19.07 17.05
N ILE E 102 16.08 -18.53 17.02
CA ILE E 102 15.67 -17.43 17.92
C ILE E 102 15.77 -17.72 19.43
N TRP E 103 15.63 -18.99 19.83
N TRP E 103 15.59 -18.97 19.83
CA TRP E 103 15.71 -19.41 21.25
CA TRP E 103 15.77 -19.34 21.22
C TRP E 103 17.06 -20.04 21.64
C TRP E 103 16.95 -20.29 21.35
N ASP E 104 18.08 -19.86 20.80
CA ASP E 104 19.37 -20.54 20.99
C ASP E 104 20.25 -19.91 22.08
N ALA E 105 20.29 -18.58 22.11
CA ALA E 105 21.11 -17.85 23.07
C ALA E 105 20.73 -18.13 24.54
N ASN E 106 19.42 -18.31 24.78
CA ASN E 106 18.92 -18.63 26.13
C ASN E 106 19.21 -20.05 26.60
N GLY E 107 19.37 -20.97 25.65
CA GLY E 107 19.46 -22.40 25.94
C GLY E 107 20.88 -22.93 26.09
N SER E 108 21.86 -22.13 25.69
CA SER E 108 23.27 -22.48 25.84
C SER E 108 23.68 -22.56 27.32
N ARG E 109 24.82 -23.19 27.59
CA ARG E 109 25.32 -23.37 28.96
C ARG E 109 25.76 -22.05 29.60
N ASP E 110 26.19 -21.11 28.77
CA ASP E 110 26.54 -19.74 29.19
C ASP E 110 25.41 -19.03 29.94
N PHE E 111 24.24 -19.01 29.30
CA PHE E 111 23.04 -18.34 29.78
C PHE E 111 22.54 -18.95 31.09
N LEU E 112 22.31 -20.27 31.06
CA LEU E 112 21.64 -21.00 32.15
C LEU E 112 22.38 -20.96 33.50
N ASP E 113 23.71 -20.85 33.46
CA ASP E 113 24.52 -20.80 34.68
C ASP E 113 24.50 -19.46 35.42
N SER E 114 24.23 -18.38 34.68
CA SER E 114 23.98 -17.08 35.30
C SER E 114 22.68 -17.13 36.12
N LEU E 115 21.78 -18.03 35.70
CA LEU E 115 20.53 -18.25 36.41
C LEU E 115 20.70 -19.24 37.56
N GLY E 116 21.78 -20.03 37.53
CA GLY E 116 22.12 -20.95 38.62
C GLY E 116 21.90 -22.43 38.31
N PHE E 117 21.45 -22.72 37.08
CA PHE E 117 21.19 -24.09 36.59
C PHE E 117 22.45 -24.97 36.64
N SER E 118 22.37 -26.11 37.32
CA SER E 118 23.54 -26.98 37.52
C SER E 118 23.63 -28.15 36.53
N ALA E 119 23.02 -29.28 36.88
CA ALA E 119 23.00 -30.45 36.00
C ALA E 119 21.79 -30.42 35.07
N ARG E 120 21.60 -29.29 34.40
CA ARG E 120 20.61 -29.17 33.33
C ARG E 120 21.32 -29.05 31.96
N GLN E 121 20.87 -29.88 31.02
N GLN E 121 20.90 -29.89 31.02
CA GLN E 121 21.45 -30.02 29.69
CA GLN E 121 21.56 -30.03 29.72
C GLN E 121 21.45 -28.71 28.88
C GLN E 121 21.43 -28.77 28.85
N GLU E 122 22.42 -28.57 27.99
CA GLU E 122 22.41 -27.50 26.98
C GLU E 122 21.09 -27.57 26.19
N GLY E 123 20.47 -26.43 25.97
CA GLY E 123 19.18 -26.37 25.25
C GLY E 123 17.93 -26.37 26.13
N ASP E 124 18.10 -26.59 27.43
CA ASP E 124 16.97 -26.66 28.36
C ASP E 124 16.57 -25.24 28.79
N LEU E 125 15.36 -24.85 28.41
CA LEU E 125 14.88 -23.51 28.69
C LEU E 125 14.17 -23.42 30.05
N GLY E 126 13.78 -24.57 30.58
CA GLY E 126 12.90 -24.58 31.72
C GLY E 126 11.46 -24.49 31.26
N PRO E 127 10.53 -24.30 32.22
CA PRO E 127 9.07 -24.47 32.00
C PRO E 127 8.42 -23.31 31.24
N VAL E 128 9.00 -22.95 30.10
CA VAL E 128 8.48 -21.83 29.28
C VAL E 128 7.19 -22.21 28.54
N TYR E 129 6.85 -21.49 27.47
CA TYR E 129 5.51 -21.55 26.83
C TYR E 129 4.90 -22.91 26.62
N GLY E 130 5.61 -23.79 25.93
CA GLY E 130 5.11 -25.12 25.59
C GLY E 130 4.70 -25.90 26.83
N PHE E 131 5.49 -25.76 27.89
CA PHE E 131 5.23 -26.42 29.17
C PHE E 131 3.97 -25.78 29.80
N GLN E 132 3.97 -24.45 29.96
CA GLN E 132 2.76 -23.82 30.52
C GLN E 132 1.50 -24.04 29.72
N TRP E 133 1.60 -24.01 28.39
CA TRP E 133 0.41 -24.19 27.56
C TRP E 133 -0.19 -25.55 27.80
N ARG E 134 0.68 -26.54 27.91
CA ARG E 134 0.26 -27.94 27.80
C ARG E 134 0.16 -28.68 29.17
N HIS E 135 0.94 -28.24 30.17
CA HIS E 135 0.89 -28.85 31.50
C HIS E 135 1.04 -27.80 32.60
N PHE E 136 0.27 -26.72 32.56
CA PHE E 136 0.34 -25.69 33.60
C PHE E 136 0.23 -26.29 34.97
N GLY E 137 1.21 -26.01 35.82
CA GLY E 137 1.11 -26.44 37.22
C GLY E 137 1.65 -27.83 37.51
N ALA E 138 2.26 -28.48 36.51
CA ALA E 138 3.03 -29.71 36.73
C ALA E 138 4.45 -29.35 37.24
N GLU E 139 5.10 -30.27 37.96
CA GLU E 139 6.47 -30.03 38.49
C GLU E 139 7.46 -30.22 37.36
N TYR E 140 8.20 -29.17 37.04
CA TYR E 140 9.20 -29.27 36.00
C TYR E 140 10.39 -30.07 36.51
N LYS E 141 10.86 -31.00 35.67
CA LYS E 141 12.13 -31.69 35.92
C LYS E 141 13.18 -31.19 34.95
N ASP E 142 13.21 -31.76 33.75
CA ASP E 142 14.00 -31.23 32.64
C ASP E 142 13.20 -31.35 31.35
N MET E 143 13.71 -30.74 30.28
CA MET E 143 13.05 -30.70 28.98
C MET E 143 12.64 -32.09 28.48
N ASP E 144 13.47 -33.09 28.80
CA ASP E 144 13.35 -34.43 28.22
C ASP E 144 12.57 -35.40 29.10
N SER E 145 11.64 -34.87 29.91
CA SER E 145 10.79 -35.67 30.78
C SER E 145 9.41 -35.87 30.15
N ASP E 146 8.78 -36.98 30.51
CA ASP E 146 7.43 -37.30 30.03
C ASP E 146 6.40 -36.71 31.00
N TYR E 147 5.74 -35.62 30.58
CA TYR E 147 4.69 -34.98 31.39
C TYR E 147 3.29 -35.29 30.88
N SER E 148 3.12 -36.40 30.15
CA SER E 148 1.78 -36.76 29.61
C SER E 148 0.74 -36.98 30.71
N GLY E 149 -0.29 -36.12 30.71
CA GLY E 149 -1.41 -36.23 31.65
C GLY E 149 -1.18 -35.46 32.94
N GLN E 150 -0.06 -34.74 33.01
CA GLN E 150 0.23 -33.87 34.16
C GLN E 150 -0.06 -32.41 33.87
N GLY E 151 -0.48 -31.69 34.90
CA GLY E 151 -0.78 -30.26 34.76
C GLY E 151 -1.99 -30.05 33.86
N VAL E 152 -2.31 -28.78 33.61
CA VAL E 152 -3.47 -28.43 32.82
C VAL E 152 -3.08 -28.17 31.37
N ASP E 153 -3.75 -28.89 30.46
CA ASP E 153 -3.53 -28.74 29.03
C ASP E 153 -4.46 -27.65 28.62
N GLN E 154 -3.96 -26.41 28.71
CA GLN E 154 -4.82 -25.23 28.50
C GLN E 154 -5.22 -25.11 27.05
N LEU E 155 -4.30 -25.55 26.16
CA LEU E 155 -4.54 -25.49 24.72
C LEU E 155 -5.72 -26.36 24.36
N GLN E 156 -5.69 -27.61 24.80
CA GLN E 156 -6.78 -28.54 24.47
C GLN E 156 -8.09 -28.12 25.12
N LYS E 157 -7.99 -27.59 26.33
CA LYS E 157 -9.15 -27.08 27.04
C LYS E 157 -9.80 -25.93 26.26
N VAL E 158 -8.99 -25.01 25.69
CA VAL E 158 -9.61 -23.90 24.91
C VAL E 158 -10.28 -24.43 23.65
N ILE E 159 -9.62 -25.37 22.96
CA ILE E 159 -10.20 -25.98 21.77
C ILE E 159 -11.57 -26.62 22.09
N ASP E 160 -11.64 -27.39 23.19
CA ASP E 160 -12.85 -28.14 23.58
C ASP E 160 -13.96 -27.19 23.98
N THR E 161 -13.58 -26.03 24.55
CA THR E 161 -14.60 -25.10 24.96
C THR E 161 -15.13 -24.36 23.76
N ILE E 162 -14.23 -24.07 22.83
CA ILE E 162 -14.68 -23.44 21.61
C ILE E 162 -15.79 -24.28 20.97
N LYS E 163 -15.53 -25.58 20.88
CA LYS E 163 -16.44 -26.50 20.21
C LYS E 163 -17.73 -26.68 20.98
N THR E 164 -17.66 -26.70 22.32
CA THR E 164 -18.80 -27.15 23.11
C THR E 164 -19.67 -26.03 23.71
N ASN E 165 -19.02 -24.88 23.98
CA ASN E 165 -19.64 -23.70 24.61
C ASN E 165 -18.94 -22.43 24.10
N PRO E 166 -19.08 -22.12 22.80
CA PRO E 166 -18.43 -20.96 22.18
C PRO E 166 -18.65 -19.63 22.92
N ASP E 167 -19.77 -19.55 23.64
CA ASP E 167 -20.20 -18.32 24.32
C ASP E 167 -19.49 -18.10 25.65
N ASP E 168 -18.68 -19.09 26.04
CA ASP E 168 -18.01 -19.07 27.31
C ASP E 168 -17.06 -17.87 27.36
N ARG E 169 -17.02 -17.22 28.54
CA ARG E 169 -16.21 -16.02 28.69
C ARG E 169 -14.90 -16.25 29.43
N ARG E 170 -14.51 -17.52 29.56
CA ARG E 170 -13.28 -17.87 30.27
C ARG E 170 -12.30 -18.57 29.36
N ILE E 171 -12.41 -18.35 28.05
CA ILE E 171 -11.60 -19.20 27.17
C ILE E 171 -10.19 -18.62 27.08
N ILE E 172 -9.30 -19.06 27.98
CA ILE E 172 -8.01 -18.44 28.18
C ILE E 172 -6.86 -19.45 28.31
N MET E 173 -5.74 -19.09 27.72
CA MET E 173 -4.50 -19.79 27.87
C MET E 173 -3.46 -18.80 28.35
N CYS E 174 -2.95 -19.11 29.54
CA CYS E 174 -2.06 -18.24 30.31
C CYS E 174 -0.72 -18.97 30.51
N ALA E 175 0.34 -18.30 30.07
CA ALA E 175 1.68 -18.84 30.15
C ALA E 175 2.44 -18.16 31.26
N TRP E 176 1.88 -17.04 31.73
CA TRP E 176 2.38 -16.42 32.95
C TRP E 176 2.14 -17.32 34.18
N ASN E 177 3.21 -17.81 34.79
CA ASN E 177 3.07 -18.65 35.99
C ASN E 177 4.07 -18.17 37.05
N PRO E 178 3.57 -17.42 38.06
CA PRO E 178 4.47 -16.76 39.03
C PRO E 178 5.32 -17.74 39.86
N LYS E 179 4.82 -18.96 40.04
CA LYS E 179 5.58 -20.01 40.77
C LYS E 179 6.80 -20.50 39.95
N ASP E 180 6.60 -20.71 38.64
CA ASP E 180 7.61 -21.30 37.72
C ASP E 180 8.54 -20.30 37.10
N LEU E 181 8.22 -19.02 37.25
CA LEU E 181 9.04 -17.90 36.74
C LEU E 181 10.56 -18.03 37.02
N PRO E 182 10.96 -18.29 38.29
CA PRO E 182 12.43 -18.36 38.62
C PRO E 182 13.18 -19.44 37.83
N LEU E 183 12.44 -20.47 37.40
CA LEU E 183 13.01 -21.59 36.63
C LEU E 183 13.17 -21.32 35.12
N MET E 184 12.28 -20.49 34.55
CA MET E 184 12.29 -20.22 33.11
C MET E 184 13.56 -19.48 32.72
N ALA E 185 14.09 -19.74 31.53
CA ALA E 185 15.26 -18.98 31.05
C ALA E 185 14.91 -17.49 30.90
N LEU E 186 13.69 -17.21 30.41
CA LEU E 186 13.19 -15.86 30.21
C LEU E 186 11.69 -15.76 30.56
N PRO E 187 11.25 -14.66 31.21
CA PRO E 187 9.84 -14.49 31.56
C PRO E 187 8.99 -14.32 30.30
N PRO E 188 7.86 -15.06 30.20
CA PRO E 188 7.06 -14.96 28.98
C PRO E 188 6.66 -13.50 28.70
N CYS E 189 6.78 -13.07 27.45
CA CYS E 189 6.29 -11.75 27.02
C CYS E 189 4.81 -11.77 26.73
N HIS E 190 4.32 -12.96 26.35
CA HIS E 190 2.93 -13.20 25.97
C HIS E 190 2.31 -13.87 27.13
N ALA E 191 1.73 -13.08 28.02
CA ALA E 191 1.37 -13.59 29.32
C ALA E 191 0.10 -14.34 29.21
N LEU E 192 -0.77 -13.88 28.30
CA LEU E 192 -2.15 -14.32 28.29
C LEU E 192 -2.77 -14.22 26.88
N CYS E 193 -3.63 -15.17 26.51
CA CYS E 193 -4.55 -14.88 25.44
C CYS E 193 -5.92 -15.38 25.74
N GLN E 194 -6.93 -14.81 25.07
CA GLN E 194 -8.30 -15.15 25.29
C GLN E 194 -8.95 -15.33 23.93
N PHE E 195 -9.86 -16.30 23.78
CA PHE E 195 -10.65 -16.49 22.52
C PHE E 195 -12.11 -16.07 22.66
N TYR E 196 -12.78 -15.85 21.56
CA TYR E 196 -14.14 -15.34 21.60
C TYR E 196 -14.79 -15.77 20.28
N VAL E 197 -16.05 -16.17 20.34
CA VAL E 197 -16.81 -16.54 19.14
C VAL E 197 -18.09 -15.75 18.98
N VAL E 198 -18.30 -15.23 17.78
CA VAL E 198 -19.62 -14.73 17.40
C VAL E 198 -19.81 -14.90 15.89
N ASN E 199 -21.04 -15.12 15.44
CA ASN E 199 -21.30 -15.22 13.96
C ASN E 199 -20.37 -16.17 13.24
N GLY E 200 -19.91 -17.20 13.97
CA GLY E 200 -19.18 -18.33 13.33
C GLY E 200 -17.76 -17.97 13.06
N GLU E 201 -17.31 -16.89 13.72
CA GLU E 201 -15.93 -16.45 13.60
C GLU E 201 -15.18 -16.57 14.91
N LEU E 202 -13.91 -16.99 14.83
CA LEU E 202 -13.04 -17.10 16.02
C LEU E 202 -12.11 -15.88 16.14
N SER E 203 -12.19 -15.18 17.29
CA SER E 203 -11.32 -14.00 17.55
C SER E 203 -10.36 -14.32 18.70
N CYS E 204 -9.19 -13.70 18.72
CA CYS E 204 -8.19 -13.92 19.79
C CYS E 204 -7.70 -12.56 20.23
N GLN E 205 -7.52 -12.37 21.55
CA GLN E 205 -6.73 -11.25 22.06
C GLN E 205 -5.55 -11.76 22.82
N LEU E 206 -4.40 -11.16 22.51
CA LEU E 206 -3.14 -11.35 23.22
C LEU E 206 -2.88 -10.20 24.17
N TYR E 207 -2.63 -10.52 25.43
CA TYR E 207 -2.00 -9.58 26.33
C TYR E 207 -0.43 -9.82 26.31
N GLN E 208 0.26 -8.89 25.67
CA GLN E 208 1.71 -8.94 25.59
C GLN E 208 2.33 -7.90 26.50
N ARG E 209 3.04 -8.33 27.55
CA ARG E 209 3.50 -7.36 28.59
C ARG E 209 4.55 -6.34 28.11
N SER E 210 5.20 -6.65 26.97
CA SER E 210 6.39 -5.94 26.62
C SER E 210 6.64 -6.15 25.13
N GLY E 211 6.79 -5.06 24.37
CA GLY E 211 6.85 -5.20 22.90
C GLY E 211 7.90 -4.32 22.31
N ASP E 212 8.93 -4.97 21.74
CA ASP E 212 9.92 -4.32 20.91
C ASP E 212 9.23 -4.08 19.56
N MET E 213 8.89 -2.83 19.25
CA MET E 213 7.99 -2.57 18.11
C MET E 213 8.70 -2.90 16.80
N GLY E 214 10.01 -2.77 16.82
CA GLY E 214 10.84 -2.85 15.60
C GLY E 214 11.14 -4.29 15.24
N LEU E 215 11.61 -5.04 16.24
CA LEU E 215 12.05 -6.43 16.04
C LEU E 215 11.12 -7.52 16.53
N GLY E 216 10.32 -7.26 17.57
CA GLY E 216 9.48 -8.32 18.15
C GLY E 216 8.03 -8.33 17.67
N VAL E 217 7.41 -7.14 17.73
CA VAL E 217 5.97 -7.05 17.57
C VAL E 217 5.44 -7.65 16.26
N PRO E 218 6.08 -7.35 15.11
CA PRO E 218 5.49 -7.90 13.86
C PRO E 218 5.47 -9.42 13.86
N PHE E 219 6.51 -10.04 14.46
CA PHE E 219 6.58 -11.52 14.63
C PHE E 219 5.46 -12.04 15.54
N ASN E 220 5.18 -11.30 16.59
CA ASN E 220 4.21 -11.67 17.59
C ASN E 220 2.77 -11.64 17.00
N ILE E 221 2.51 -10.63 16.15
CA ILE E 221 1.23 -10.53 15.45
C ILE E 221 1.01 -11.80 14.61
N ALA E 222 1.96 -12.11 13.74
CA ALA E 222 1.85 -13.32 12.93
C ALA E 222 1.63 -14.61 13.74
N SER E 223 2.39 -14.80 14.84
CA SER E 223 2.24 -15.95 15.73
C SER E 223 0.84 -16.13 16.19
N TYR E 224 0.25 -15.07 16.78
CA TYR E 224 -1.05 -15.27 17.37
C TYR E 224 -2.15 -15.31 16.34
N ALA E 225 -1.94 -14.63 15.23
CA ALA E 225 -2.85 -14.80 14.09
C ALA E 225 -2.82 -16.23 13.52
N LEU E 226 -1.62 -16.77 13.38
CA LEU E 226 -1.45 -18.19 13.01
C LEU E 226 -2.11 -19.14 13.99
N LEU E 227 -1.84 -18.96 15.29
CA LEU E 227 -2.55 -19.76 16.29
C LEU E 227 -4.05 -19.71 16.08
N THR E 228 -4.62 -18.52 15.81
CA THR E 228 -6.07 -18.38 15.66
C THR E 228 -6.57 -19.13 14.41
N TYR E 229 -5.81 -19.01 13.33
CA TYR E 229 -6.16 -19.75 12.06
C TYR E 229 -6.23 -21.30 12.30
N MET E 230 -5.21 -21.81 13.00
CA MET E 230 -5.13 -23.24 13.38
C MET E 230 -6.35 -23.63 14.20
N ILE E 231 -6.61 -22.82 15.23
CA ILE E 231 -7.74 -23.13 16.09
C ILE E 231 -9.08 -23.02 15.38
N ALA E 232 -9.24 -22.00 14.53
CA ALA E 232 -10.45 -21.80 13.73
C ALA E 232 -10.75 -23.01 12.77
N HIS E 233 -9.70 -23.57 12.20
CA HIS E 233 -9.77 -24.75 11.32
C HIS E 233 -10.13 -26.01 12.11
N ILE E 234 -9.47 -26.22 13.23
CA ILE E 234 -9.75 -27.40 14.06
C ILE E 234 -11.17 -27.38 14.60
N THR E 235 -11.71 -26.19 14.88
CA THR E 235 -13.07 -26.04 15.41
C THR E 235 -14.14 -25.78 14.33
N GLY E 236 -13.76 -25.79 13.04
CA GLY E 236 -14.69 -25.47 11.94
C GLY E 236 -15.28 -24.08 11.98
N LEU E 237 -14.46 -23.12 12.39
CA LEU E 237 -14.81 -21.69 12.43
C LEU E 237 -13.96 -20.90 11.47
N GLN E 238 -14.37 -19.68 11.16
CA GLN E 238 -13.62 -18.86 10.27
C GLN E 238 -12.92 -17.88 11.19
N PRO E 239 -11.67 -17.53 10.87
CA PRO E 239 -11.02 -16.52 11.71
C PRO E 239 -11.65 -15.13 11.59
N GLY E 240 -11.72 -14.44 12.75
CA GLY E 240 -12.36 -13.13 12.82
C GLY E 240 -11.28 -12.10 13.04
N ASP E 241 -11.09 -11.71 14.31
CA ASP E 241 -10.14 -10.70 14.65
C ASP E 241 -8.98 -11.17 15.53
N PHE E 242 -7.81 -10.56 15.31
CA PHE E 242 -6.76 -10.65 16.28
C PHE E 242 -6.51 -9.27 16.98
N VAL E 243 -6.70 -9.25 18.30
CA VAL E 243 -6.65 -8.00 19.07
C VAL E 243 -5.35 -8.10 19.85
N HIS E 244 -4.43 -7.18 19.57
CA HIS E 244 -3.10 -7.22 20.14
C HIS E 244 -3.14 -6.09 21.18
N THR E 245 -2.95 -6.46 22.43
CA THR E 245 -2.83 -5.50 23.53
C THR E 245 -1.39 -5.56 24.03
N LEU E 246 -0.80 -4.39 24.22
CA LEU E 246 0.56 -4.23 24.72
C LEU E 246 0.57 -3.56 26.08
N GLY E 247 1.50 -4.01 26.90
CA GLY E 247 1.94 -3.32 28.12
C GLY E 247 2.95 -2.25 27.77
N ASP E 248 4.24 -2.50 28.07
CA ASP E 248 5.27 -1.56 27.67
C ASP E 248 5.62 -1.71 26.16
N ALA E 249 5.02 -0.83 25.36
CA ALA E 249 5.27 -0.70 23.94
C ALA E 249 6.47 0.22 23.78
N HIS E 250 7.57 -0.28 23.19
CA HIS E 250 8.78 0.55 23.19
C HIS E 250 9.54 0.43 21.91
N ILE E 251 10.34 1.46 21.60
CA ILE E 251 11.18 1.45 20.39
C ILE E 251 12.60 1.63 20.88
N TYR E 252 13.50 0.70 20.60
CA TYR E 252 14.90 0.91 21.05
C TYR E 252 15.51 2.09 20.32
N LEU E 253 16.42 2.79 20.99
CA LEU E 253 17.00 4.00 20.41
C LEU E 253 17.58 3.80 19.03
N ASN E 254 18.18 2.63 18.79
CA ASN E 254 18.89 2.36 17.54
C ASN E 254 17.94 1.83 16.44
N HIS E 255 16.65 1.77 16.76
CA HIS E 255 15.62 1.47 15.75
C HIS E 255 14.89 2.69 15.25
N ILE E 256 15.13 3.83 15.91
CA ILE E 256 14.41 5.06 15.61
C ILE E 256 14.61 5.44 14.15
N GLU E 257 15.87 5.43 13.70
CA GLU E 257 16.12 5.79 12.29
C GLU E 257 15.62 4.72 11.30
N PRO E 258 15.93 3.42 11.53
CA PRO E 258 15.28 2.50 10.58
C PRO E 258 13.76 2.64 10.56
N LEU E 259 13.13 2.95 11.70
CA LEU E 259 11.68 3.01 11.75
C LEU E 259 11.09 4.26 11.08
N LYS E 260 11.81 5.40 11.15
CA LYS E 260 11.32 6.60 10.47
C LYS E 260 11.25 6.34 8.95
N ILE E 261 12.23 5.56 8.47
CA ILE E 261 12.29 5.09 7.08
C ILE E 261 11.10 4.16 6.82
N GLN E 262 10.85 3.22 7.73
CA GLN E 262 9.71 2.30 7.54
C GLN E 262 8.33 3.02 7.49
N LEU E 263 8.19 4.13 8.23
CA LEU E 263 6.94 4.89 8.35
C LEU E 263 6.57 5.64 7.06
N GLN E 264 7.57 5.87 6.21
CA GLN E 264 7.36 6.47 4.88
C GLN E 264 6.96 5.45 3.81
N ARG E 265 6.99 4.16 4.16
CA ARG E 265 6.69 3.14 3.17
C ARG E 265 5.22 2.84 3.25
N GLU E 266 4.59 2.67 2.09
CA GLU E 266 3.17 2.36 1.99
C GLU E 266 2.89 0.86 2.07
N PRO E 267 2.12 0.41 3.10
CA PRO E 267 1.78 -1.00 3.15
C PRO E 267 1.21 -1.52 1.82
N ARG E 268 1.50 -2.77 1.51
CA ARG E 268 0.76 -3.44 0.43
C ARG E 268 -0.24 -4.35 1.06
N PRO E 269 -1.26 -4.75 0.26
CA PRO E 269 -2.24 -5.71 0.71
C PRO E 269 -1.58 -6.83 1.46
N PHE E 270 -2.19 -7.24 2.57
CA PHE E 270 -1.73 -8.43 3.27
C PHE E 270 -1.76 -9.67 2.35
N PRO E 271 -0.86 -10.61 2.63
CA PRO E 271 -0.96 -11.93 1.98
C PRO E 271 -2.15 -12.69 2.52
N LYS E 272 -2.40 -13.88 1.97
CA LYS E 272 -3.43 -14.75 2.48
C LYS E 272 -2.71 -15.98 3.02
N LEU E 273 -3.32 -16.67 3.99
CA LEU E 273 -2.78 -17.91 4.56
C LEU E 273 -3.63 -19.08 4.14
N LYS E 274 -3.00 -20.09 3.57
CA LYS E 274 -3.74 -21.24 3.10
C LYS E 274 -3.38 -22.46 3.92
N ILE E 275 -4.41 -23.13 4.43
CA ILE E 275 -4.24 -24.45 5.04
C ILE E 275 -4.64 -25.49 3.97
N LEU E 276 -3.74 -26.47 3.75
CA LEU E 276 -3.76 -27.33 2.55
C LEU E 276 -4.41 -28.71 2.71
N ARG E 277 -4.55 -29.15 3.97
CA ARG E 277 -5.28 -30.36 4.26
C ARG E 277 -6.20 -30.15 5.46
N LYS E 278 -7.29 -30.93 5.48
N LYS E 278 -7.28 -30.92 5.52
CA LYS E 278 -8.14 -31.04 6.65
CA LYS E 278 -8.20 -30.91 6.67
C LYS E 278 -7.31 -31.70 7.76
C LYS E 278 -7.60 -31.64 7.87
N VAL E 279 -6.91 -30.91 8.75
CA VAL E 279 -6.29 -31.48 9.95
C VAL E 279 -7.19 -31.36 11.18
N GLU E 280 -7.33 -32.49 11.86
CA GLU E 280 -8.42 -32.72 12.80
C GLU E 280 -8.07 -32.34 14.26
N THR E 281 -6.80 -32.46 14.61
CA THR E 281 -6.33 -32.12 15.95
C THR E 281 -5.16 -31.14 15.90
N ILE E 282 -4.98 -30.36 16.99
CA ILE E 282 -3.94 -29.34 17.03
C ILE E 282 -2.53 -29.95 16.98
N ASP E 283 -2.42 -31.13 17.60
CA ASP E 283 -1.18 -31.91 17.69
C ASP E 283 -0.66 -32.45 16.34
N ASP E 284 -1.54 -32.41 15.32
CA ASP E 284 -1.31 -33.02 13.99
C ASP E 284 -0.77 -32.03 12.92
N PHE E 285 -0.97 -30.71 13.11
CA PHE E 285 -0.51 -29.74 12.10
C PHE E 285 0.97 -29.90 11.83
N LYS E 286 1.32 -29.87 10.53
CA LYS E 286 2.70 -29.93 10.06
C LYS E 286 3.08 -28.67 9.29
N VAL E 287 4.38 -28.41 9.29
CA VAL E 287 5.02 -27.28 8.59
C VAL E 287 4.53 -27.12 7.12
N GLU E 288 4.40 -28.22 6.38
N GLU E 288 4.39 -28.25 6.42
CA GLU E 288 3.91 -28.15 5.00
CA GLU E 288 3.90 -28.27 5.04
C GLU E 288 2.38 -28.09 4.87
C GLU E 288 2.39 -28.09 4.88
N ASP E 289 1.65 -28.02 6.00
CA ASP E 289 0.20 -27.87 5.95
C ASP E 289 -0.23 -26.42 5.63
N PHE E 290 0.77 -25.52 5.63
CA PHE E 290 0.56 -24.07 5.53
C PHE E 290 1.20 -23.44 4.33
N GLN E 291 0.43 -22.56 3.70
CA GLN E 291 0.91 -21.74 2.59
C GLN E 291 0.53 -20.26 2.63
N ILE E 292 1.57 -19.41 2.69
CA ILE E 292 1.45 -17.95 2.54
C ILE E 292 1.45 -17.54 1.07
N GLU E 293 0.40 -16.85 0.64
CA GLU E 293 0.21 -16.54 -0.78
C GLU E 293 0.07 -15.06 -1.01
N GLY E 294 0.82 -14.53 -1.96
CA GLY E 294 0.72 -13.10 -2.30
C GLY E 294 1.54 -12.17 -1.41
N TYR E 295 2.64 -12.68 -0.83
CA TYR E 295 3.40 -11.86 0.12
C TYR E 295 4.42 -11.04 -0.63
N ASN E 296 4.26 -9.72 -0.60
CA ASN E 296 5.15 -8.76 -1.30
C ASN E 296 5.69 -7.63 -0.40
N PRO E 297 6.57 -7.98 0.56
CA PRO E 297 7.07 -6.98 1.49
C PRO E 297 8.12 -6.07 0.85
N HIS E 298 8.16 -4.81 1.28
CA HIS E 298 9.30 -3.93 0.98
C HIS E 298 10.64 -4.62 1.30
N PRO E 299 11.76 -4.11 0.74
CA PRO E 299 13.10 -4.65 0.99
C PRO E 299 13.61 -4.33 2.39
N THR E 300 14.63 -5.07 2.82
CA THR E 300 15.20 -4.95 4.18
C THR E 300 14.45 -5.85 5.16
N ARG F 21 -13.04 16.86 27.61
CA ARG F 21 -11.88 15.92 27.48
C ARG F 21 -11.85 14.97 28.69
N HIS F 22 -13.05 14.57 29.11
CA HIS F 22 -13.24 13.82 30.35
C HIS F 22 -13.00 12.35 30.09
N GLY F 23 -12.24 11.70 30.99
CA GLY F 23 -12.03 10.26 30.96
C GLY F 23 -13.28 9.39 30.94
N GLU F 24 -14.34 9.84 31.60
CA GLU F 24 -15.53 9.00 31.63
C GLU F 24 -16.17 8.94 30.25
N LEU F 25 -15.86 9.89 29.36
CA LEU F 25 -16.44 9.83 27.98
C LEU F 25 -16.00 8.57 27.28
N GLN F 26 -14.87 8.02 27.68
CA GLN F 26 -14.42 6.76 27.02
C GLN F 26 -15.36 5.65 27.37
N TYR F 27 -15.68 5.56 28.67
CA TYR F 27 -16.60 4.54 29.13
C TYR F 27 -17.93 4.70 28.43
N LEU F 28 -18.42 5.96 28.36
CA LEU F 28 -19.74 6.19 27.74
C LEU F 28 -19.65 5.80 26.27
N ARG F 29 -18.52 6.07 25.64
CA ARG F 29 -18.40 5.68 24.20
C ARG F 29 -18.32 4.18 24.02
N GLN F 30 -17.72 3.52 25.00
CA GLN F 30 -17.70 2.02 25.00
C GLN F 30 -19.11 1.45 25.09
N VAL F 31 -19.90 1.99 26.01
CA VAL F 31 -21.28 1.57 26.18
C VAL F 31 -22.10 1.88 24.95
N GLU F 32 -21.98 3.09 24.39
CA GLU F 32 -22.69 3.40 23.14
C GLU F 32 -22.31 2.47 21.99
N HIS F 33 -21.03 2.19 21.85
CA HIS F 33 -20.53 1.26 20.83
C HIS F 33 -21.20 -0.12 20.89
N ILE F 34 -21.25 -0.72 22.08
CA ILE F 34 -21.85 -2.05 22.27
C ILE F 34 -23.35 -1.97 21.89
N LEU F 35 -24.03 -0.91 22.32
CA LEU F 35 -25.47 -0.80 22.00
C LEU F 35 -25.66 -0.75 20.50
N ARG F 36 -24.86 0.07 19.83
CA ARG F 36 -25.15 0.33 18.41
C ARG F 36 -24.55 -0.77 17.50
N CYS F 37 -23.43 -1.37 17.87
CA CYS F 37 -22.89 -2.38 16.93
C CYS F 37 -22.44 -3.68 17.60
N GLY F 38 -22.78 -3.88 18.87
CA GLY F 38 -22.57 -5.19 19.49
C GLY F 38 -23.48 -6.24 18.86
N PHE F 39 -23.15 -7.50 19.06
CA PHE F 39 -24.04 -8.58 18.64
C PHE F 39 -24.77 -9.22 19.81
N LYS F 40 -26.01 -9.70 19.56
CA LYS F 40 -26.75 -10.46 20.58
C LYS F 40 -26.25 -11.92 20.73
N LYS F 41 -26.07 -12.37 21.98
CA LYS F 41 -25.71 -13.81 22.23
C LYS F 41 -26.42 -14.37 23.45
N GLU F 42 -26.34 -15.69 23.57
CA GLU F 42 -26.72 -16.35 24.80
C GLU F 42 -25.51 -16.27 25.69
N ASP F 43 -25.74 -16.38 26.99
CA ASP F 43 -24.61 -16.36 27.88
C ASP F 43 -24.85 -17.35 29.02
N ARG F 44 -23.77 -17.70 29.71
N ARG F 44 -23.77 -17.70 29.71
CA ARG F 44 -23.80 -18.69 30.78
CA ARG F 44 -23.80 -18.69 30.79
C ARG F 44 -24.83 -18.34 31.86
C ARG F 44 -24.76 -18.32 31.92
N THR F 45 -25.14 -17.05 32.02
CA THR F 45 -26.14 -16.61 33.02
C THR F 45 -27.54 -17.13 32.73
N GLY F 46 -28.09 -16.72 31.59
CA GLY F 46 -29.48 -16.95 31.22
C GLY F 46 -30.08 -15.74 30.53
N THR F 47 -29.56 -14.55 30.83
CA THR F 47 -30.16 -13.26 30.43
C THR F 47 -29.90 -12.85 28.99
N GLY F 48 -28.74 -13.25 28.46
CA GLY F 48 -28.32 -12.83 27.11
C GLY F 48 -27.62 -11.48 27.21
N THR F 49 -26.76 -11.16 26.24
CA THR F 49 -26.03 -9.87 26.20
C THR F 49 -25.97 -9.29 24.77
N LEU F 50 -25.64 -8.01 24.67
CA LEU F 50 -24.97 -7.41 23.50
C LEU F 50 -23.48 -7.35 23.82
N SER F 51 -22.64 -7.75 22.87
CA SER F 51 -21.25 -7.98 23.18
C SER F 51 -20.36 -7.51 22.04
N VAL F 52 -19.16 -7.07 22.39
CA VAL F 52 -18.09 -6.82 21.45
C VAL F 52 -16.84 -7.46 22.11
N PHE F 53 -15.77 -7.70 21.37
CA PHE F 53 -14.56 -8.33 22.00
C PHE F 53 -13.31 -7.43 21.78
N GLY F 54 -12.65 -7.08 22.90
CA GLY F 54 -11.46 -6.25 22.79
C GLY F 54 -11.80 -4.79 22.81
N MET F 55 -11.49 -4.15 23.96
CA MET F 55 -11.63 -2.69 24.14
C MET F 55 -10.49 -2.21 25.03
N GLN F 56 -10.15 -0.92 24.93
CA GLN F 56 -9.19 -0.29 25.84
C GLN F 56 -9.53 1.15 26.10
N ALA F 57 -9.38 1.58 27.36
CA ALA F 57 -9.63 2.96 27.77
C ALA F 57 -8.45 3.37 28.66
N ARG F 58 -8.10 4.67 28.69
CA ARG F 58 -7.01 5.11 29.58
C ARG F 58 -7.55 6.21 30.47
N TYR F 59 -7.49 6.02 31.80
CA TYR F 59 -8.06 6.95 32.79
C TYR F 59 -6.89 7.55 33.50
N SER F 60 -6.69 8.84 33.27
CA SER F 60 -5.69 9.62 34.07
C SER F 60 -5.97 9.51 35.56
N LEU F 61 -4.89 9.32 36.31
CA LEU F 61 -4.93 9.30 37.74
C LEU F 61 -4.28 10.57 38.33
N ARG F 62 -3.89 11.50 37.47
CA ARG F 62 -3.16 12.74 37.80
C ARG F 62 -4.07 13.86 38.36
N ASP F 63 -3.99 14.05 39.68
CA ASP F 63 -4.85 15.02 40.37
C ASP F 63 -6.35 14.76 40.22
N GLU F 64 -6.72 13.53 39.88
CA GLU F 64 -8.13 13.15 39.79
C GLU F 64 -8.22 11.61 39.94
N PHE F 65 -9.41 11.16 40.26
CA PHE F 65 -9.62 9.78 40.53
C PHE F 65 -10.83 9.34 39.75
N PRO F 66 -10.72 8.24 38.96
CA PRO F 66 -11.83 7.98 38.01
C PRO F 66 -12.97 7.15 38.61
N LEU F 67 -13.72 7.79 39.53
CA LEU F 67 -14.93 7.22 40.08
C LEU F 67 -16.10 7.76 39.24
N LEU F 68 -16.78 6.88 38.51
CA LEU F 68 -17.66 7.43 37.47
C LEU F 68 -18.80 8.25 38.11
N THR F 69 -19.19 9.28 37.35
CA THR F 69 -20.14 10.33 37.78
C THR F 69 -21.52 10.23 37.13
N THR F 70 -21.65 9.50 36.03
CA THR F 70 -22.98 9.45 35.39
C THR F 70 -23.93 8.46 36.06
N LYS F 71 -23.41 7.67 36.99
CA LYS F 71 -24.19 6.80 37.84
C LYS F 71 -23.26 6.63 39.05
N ARG F 72 -23.81 6.82 40.24
CA ARG F 72 -23.03 6.60 41.49
C ARG F 72 -22.42 5.18 41.57
N VAL F 73 -21.10 5.09 41.86
CA VAL F 73 -20.40 3.79 42.04
C VAL F 73 -20.33 3.57 43.55
N PHE F 74 -20.42 2.32 43.95
CA PHE F 74 -20.40 1.89 45.38
C PHE F 74 -18.97 1.94 45.98
N TRP F 75 -18.49 3.15 46.23
CA TRP F 75 -17.10 3.34 46.69
C TRP F 75 -16.76 2.53 47.93
N LYS F 76 -17.63 2.56 48.97
CA LYS F 76 -17.41 1.70 50.18
C LYS F 76 -17.12 0.22 49.85
N GLY F 77 -17.88 -0.32 48.90
CA GLY F 77 -17.67 -1.73 48.50
C GLY F 77 -16.33 -1.90 47.79
N VAL F 78 -15.94 -0.89 47.01
CA VAL F 78 -14.68 -0.89 46.26
C VAL F 78 -13.55 -1.06 47.28
N LEU F 79 -13.51 -0.13 48.22
CA LEU F 79 -12.45 0.03 49.20
C LEU F 79 -12.39 -1.19 50.12
N GLU F 80 -13.53 -1.62 50.70
CA GLU F 80 -13.49 -2.77 51.58
C GLU F 80 -13.07 -4.05 50.86
N GLU F 81 -13.56 -4.22 49.63
CA GLU F 81 -13.15 -5.42 48.89
C GLU F 81 -11.65 -5.44 48.65
N LEU F 82 -11.05 -4.29 48.34
CA LEU F 82 -9.64 -4.31 47.99
C LEU F 82 -8.85 -4.55 49.28
N LEU F 83 -9.29 -3.94 50.37
CA LEU F 83 -8.58 -4.16 51.61
C LEU F 83 -8.65 -5.61 52.05
N TRP F 84 -9.77 -6.26 51.73
CA TRP F 84 -9.97 -7.69 52.01
C TRP F 84 -9.03 -8.60 51.14
N PHE F 85 -8.93 -8.28 49.85
CA PHE F 85 -7.93 -8.97 49.01
C PHE F 85 -6.53 -8.89 49.62
N ILE F 86 -6.18 -7.71 50.08
CA ILE F 86 -4.80 -7.40 50.45
C ILE F 86 -4.41 -8.24 51.65
N LYS F 87 -5.37 -8.49 52.55
CA LYS F 87 -5.12 -9.26 53.77
C LYS F 87 -5.21 -10.77 53.53
N GLY F 88 -5.34 -11.16 52.24
CA GLY F 88 -5.38 -12.57 51.83
C GLY F 88 -6.66 -13.34 52.12
N SER F 89 -7.74 -12.64 52.48
CA SER F 89 -8.94 -13.36 52.88
C SER F 89 -9.56 -14.04 51.68
N THR F 90 -10.04 -15.25 51.95
CA THR F 90 -10.88 -16.00 51.02
C THR F 90 -12.21 -16.36 51.70
N ASN F 91 -12.47 -15.75 52.84
CA ASN F 91 -13.73 -15.87 53.56
C ASN F 91 -14.72 -14.68 53.30
N ALA F 92 -15.84 -14.94 52.62
CA ALA F 92 -16.81 -13.93 52.21
C ALA F 92 -17.43 -13.21 53.41
N LYS F 93 -17.58 -13.95 54.49
CA LYS F 93 -18.25 -13.46 55.69
C LYS F 93 -17.39 -12.35 56.33
N GLU F 94 -16.08 -12.39 56.08
CA GLU F 94 -15.17 -11.36 56.59
C GLU F 94 -15.30 -10.02 55.83
N LEU F 95 -15.71 -10.11 54.56
CA LEU F 95 -16.13 -8.90 53.83
C LEU F 95 -17.54 -8.52 54.16
N SER F 96 -18.42 -9.52 54.24
CA SER F 96 -19.84 -9.28 54.53
C SER F 96 -20.00 -8.47 55.83
N SER F 97 -19.03 -8.66 56.73
CA SER F 97 -19.01 -8.05 58.07
C SER F 97 -18.88 -6.54 58.07
N LYS F 98 -18.30 -5.98 56.98
CA LYS F 98 -18.07 -4.52 56.74
C LYS F 98 -19.25 -3.87 56.01
N GLY F 99 -20.26 -4.71 55.77
CA GLY F 99 -21.49 -4.36 55.06
C GLY F 99 -21.40 -4.52 53.54
N VAL F 100 -20.42 -5.28 53.07
CA VAL F 100 -20.21 -5.46 51.62
C VAL F 100 -20.50 -6.93 51.25
N ARG F 101 -21.59 -7.17 50.51
CA ARG F 101 -22.17 -8.52 50.39
C ARG F 101 -21.99 -9.13 48.99
N ILE F 102 -21.02 -8.57 48.28
CA ILE F 102 -20.87 -8.88 46.86
C ILE F 102 -20.43 -10.34 46.65
N TRP F 103 -19.73 -10.92 47.60
CA TRP F 103 -19.25 -12.32 47.48
C TRP F 103 -20.10 -13.35 48.27
N ASP F 104 -21.20 -12.90 48.87
CA ASP F 104 -21.90 -13.80 49.81
C ASP F 104 -22.58 -15.05 49.19
N ALA F 105 -23.32 -14.82 48.10
CA ALA F 105 -24.03 -15.86 47.33
C ALA F 105 -23.07 -16.92 46.88
N ASN F 106 -21.94 -16.47 46.37
CA ASN F 106 -20.82 -17.31 45.99
C ASN F 106 -20.19 -18.11 47.15
N GLY F 107 -20.41 -17.64 48.39
CA GLY F 107 -19.91 -18.35 49.57
C GLY F 107 -20.96 -19.11 50.37
N SER F 108 -22.23 -19.02 49.95
CA SER F 108 -23.32 -19.65 50.69
C SER F 108 -23.22 -21.18 50.77
N ARG F 109 -24.01 -21.79 51.65
CA ARG F 109 -24.04 -23.24 51.76
C ARG F 109 -24.56 -23.87 50.45
N ASP F 110 -25.62 -23.31 49.89
CA ASP F 110 -26.30 -23.87 48.69
C ASP F 110 -25.49 -23.75 47.39
N PHE F 111 -24.77 -22.65 47.26
CA PHE F 111 -23.87 -22.45 46.14
C PHE F 111 -22.69 -23.43 46.28
N LEU F 112 -22.04 -23.45 47.45
CA LEU F 112 -20.92 -24.35 47.72
C LEU F 112 -21.18 -25.84 47.38
N ASP F 113 -22.39 -26.31 47.69
CA ASP F 113 -22.76 -27.72 47.46
C ASP F 113 -22.83 -28.05 45.97
N SER F 114 -23.51 -27.18 45.23
CA SER F 114 -23.66 -27.29 43.77
C SER F 114 -22.34 -27.40 43.03
N LEU F 115 -21.28 -26.79 43.57
CA LEU F 115 -19.97 -26.88 42.94
C LEU F 115 -19.28 -28.18 43.36
N GLY F 116 -19.73 -28.74 44.47
CA GLY F 116 -19.16 -29.97 45.01
C GLY F 116 -18.70 -29.81 46.45
N PHE F 117 -18.48 -28.56 46.85
CA PHE F 117 -17.80 -28.21 48.09
C PHE F 117 -18.70 -28.38 49.32
N SER F 118 -18.89 -29.64 49.73
CA SER F 118 -19.68 -29.97 50.93
C SER F 118 -18.87 -29.83 52.22
N ALA F 119 -17.57 -30.16 52.14
CA ALA F 119 -16.67 -30.18 53.28
C ALA F 119 -16.21 -28.80 53.77
N ARG F 120 -16.39 -27.75 52.95
CA ARG F 120 -15.94 -26.39 53.35
C ARG F 120 -17.04 -25.61 54.11
N GLN F 121 -16.64 -24.79 55.09
CA GLN F 121 -17.60 -23.93 55.81
C GLN F 121 -18.23 -22.92 54.86
N GLU F 122 -19.40 -22.40 55.24
CA GLU F 122 -20.04 -21.31 54.51
C GLU F 122 -19.07 -20.12 54.47
N GLY F 123 -19.00 -19.46 53.32
CA GLY F 123 -18.05 -18.38 53.14
C GLY F 123 -16.70 -18.76 52.57
N ASP F 124 -16.44 -20.07 52.43
CA ASP F 124 -15.13 -20.49 51.92
C ASP F 124 -15.13 -20.49 50.39
N LEU F 125 -14.64 -19.40 49.80
CA LEU F 125 -14.71 -19.17 48.34
C LEU F 125 -13.66 -19.92 47.54
N GLY F 126 -12.73 -20.59 48.20
CA GLY F 126 -11.63 -21.22 47.49
C GLY F 126 -10.46 -20.26 47.31
N PRO F 127 -9.46 -20.68 46.50
CA PRO F 127 -8.24 -19.89 46.33
C PRO F 127 -8.43 -18.71 45.35
N VAL F 128 -9.30 -17.77 45.72
CA VAL F 128 -9.59 -16.57 44.89
C VAL F 128 -8.51 -15.47 45.01
N TYR F 129 -8.87 -14.18 44.72
CA TYR F 129 -7.84 -13.16 44.47
C TYR F 129 -6.84 -13.06 45.60
N GLY F 130 -7.38 -12.94 46.79
CA GLY F 130 -6.54 -12.67 47.96
C GLY F 130 -5.52 -13.76 48.18
N PHE F 131 -5.89 -15.02 47.93
CA PHE F 131 -4.90 -16.16 47.98
C PHE F 131 -3.97 -16.15 46.77
N GLN F 132 -4.49 -15.95 45.55
CA GLN F 132 -3.56 -15.79 44.42
C GLN F 132 -2.56 -14.65 44.58
N TRP F 133 -3.02 -13.49 45.09
CA TRP F 133 -2.11 -12.36 45.13
C TRP F 133 -1.03 -12.55 46.14
N ARG F 134 -1.37 -13.25 47.22
CA ARG F 134 -0.47 -13.33 48.33
C ARG F 134 0.22 -14.70 48.43
N HIS F 135 -0.33 -15.74 47.80
CA HIS F 135 0.15 -17.10 48.12
C HIS F 135 0.16 -17.97 46.89
N PHE F 136 0.33 -17.32 45.73
CA PHE F 136 0.24 -18.04 44.46
C PHE F 136 0.98 -19.39 44.54
N GLY F 137 0.34 -20.48 44.14
CA GLY F 137 1.03 -21.79 44.05
C GLY F 137 1.03 -22.65 45.31
N ALA F 138 0.82 -22.04 46.47
CA ALA F 138 0.64 -22.83 47.70
C ALA F 138 -0.61 -23.70 47.61
N GLU F 139 -0.55 -24.87 48.27
N GLU F 139 -0.57 -24.87 48.24
CA GLU F 139 -1.69 -25.75 48.43
CA GLU F 139 -1.72 -25.75 48.28
C GLU F 139 -2.76 -25.02 49.22
C GLU F 139 -2.76 -25.13 49.19
N TYR F 140 -3.94 -24.88 48.61
CA TYR F 140 -5.08 -24.33 49.34
C TYR F 140 -5.66 -25.48 50.15
N LYS F 141 -5.98 -25.19 51.40
CA LYS F 141 -6.47 -26.20 52.33
C LYS F 141 -7.84 -25.65 52.71
N ASP F 142 -7.89 -24.64 53.57
CA ASP F 142 -9.15 -23.90 53.75
C ASP F 142 -8.98 -22.40 54.09
N MET F 143 -10.09 -21.69 54.20
CA MET F 143 -10.10 -20.25 54.46
C MET F 143 -9.50 -19.84 55.80
N ASP F 144 -9.42 -20.79 56.74
CA ASP F 144 -8.80 -20.49 58.04
C ASP F 144 -7.33 -20.89 58.19
N SER F 145 -6.82 -21.67 57.24
CA SER F 145 -5.44 -22.16 57.26
C SER F 145 -4.42 -21.01 57.25
N ASP F 146 -3.36 -21.16 58.04
CA ASP F 146 -2.25 -20.22 58.02
C ASP F 146 -1.41 -20.51 56.78
N TYR F 147 -1.25 -19.48 55.93
CA TYR F 147 -0.49 -19.62 54.67
C TYR F 147 0.72 -18.69 54.67
N SER F 148 0.95 -18.03 55.81
CA SER F 148 2.09 -17.13 55.97
C SER F 148 3.40 -17.86 55.71
N GLY F 149 4.25 -17.28 54.85
CA GLY F 149 5.48 -17.93 54.41
C GLY F 149 5.25 -19.06 53.39
N GLN F 150 4.09 -19.05 52.74
CA GLN F 150 3.78 -20.03 51.67
C GLN F 150 3.40 -19.34 50.38
N GLY F 151 3.93 -19.86 49.27
CA GLY F 151 3.56 -19.39 47.93
C GLY F 151 4.22 -18.08 47.56
N VAL F 152 3.83 -17.53 46.43
CA VAL F 152 4.42 -16.29 45.93
C VAL F 152 3.56 -15.12 46.35
N ASP F 153 4.16 -14.22 47.15
CA ASP F 153 3.49 -12.95 47.51
C ASP F 153 3.72 -11.94 46.37
N GLN F 154 2.90 -12.08 45.33
CA GLN F 154 2.97 -11.28 44.11
C GLN F 154 2.81 -9.83 44.41
N LEU F 155 1.98 -9.51 45.42
CA LEU F 155 1.63 -8.12 45.70
C LEU F 155 2.84 -7.42 46.28
N GLN F 156 3.46 -8.05 47.28
CA GLN F 156 4.69 -7.47 47.78
C GLN F 156 5.80 -7.48 46.74
N LYS F 157 5.93 -8.58 46.01
CA LYS F 157 6.87 -8.58 44.89
C LYS F 157 6.72 -7.39 43.93
N VAL F 158 5.52 -7.01 43.45
CA VAL F 158 5.44 -5.79 42.63
C VAL F 158 5.92 -4.54 43.32
N ILE F 159 5.55 -4.38 44.61
CA ILE F 159 5.97 -3.23 45.39
C ILE F 159 7.48 -3.16 45.57
N ASP F 160 8.09 -4.28 45.96
CA ASP F 160 9.58 -4.38 46.01
C ASP F 160 10.20 -4.03 44.64
N THR F 161 9.66 -4.59 43.57
CA THR F 161 10.20 -4.35 42.20
C THR F 161 10.10 -2.87 41.78
N ILE F 162 8.94 -2.25 42.04
CA ILE F 162 8.76 -0.84 41.74
C ILE F 162 9.81 0.04 42.43
N LYS F 163 10.13 -0.30 43.68
CA LYS F 163 11.08 0.49 44.46
C LYS F 163 12.48 0.26 43.93
N THR F 164 12.80 -0.99 43.60
CA THR F 164 14.22 -1.33 43.32
C THR F 164 14.57 -1.23 41.84
N ASN F 165 13.63 -1.66 41.01
CA ASN F 165 13.84 -1.67 39.56
C ASN F 165 12.56 -1.16 38.86
N PRO F 166 12.33 0.15 38.90
CA PRO F 166 11.07 0.71 38.33
C PRO F 166 10.96 0.56 36.79
N ASP F 167 12.11 0.38 36.12
CA ASP F 167 12.09 0.14 34.66
C ASP F 167 11.58 -1.23 34.26
N ASP F 168 11.43 -2.14 35.23
CA ASP F 168 11.13 -3.57 34.97
C ASP F 168 9.83 -3.75 34.17
N ARG F 169 9.87 -4.56 33.12
CA ARG F 169 8.71 -4.64 32.21
C ARG F 169 7.93 -5.91 32.50
N ARG F 170 8.16 -6.46 33.68
CA ARG F 170 7.61 -7.73 34.12
C ARG F 170 6.83 -7.59 35.41
N ILE F 171 6.41 -6.38 35.74
CA ILE F 171 5.77 -6.15 37.05
C ILE F 171 4.31 -6.56 36.99
N ILE F 172 4.06 -7.87 37.19
CA ILE F 172 2.71 -8.41 37.01
C ILE F 172 2.22 -9.07 38.26
N MET F 173 0.93 -8.87 38.49
CA MET F 173 0.28 -9.64 39.47
C MET F 173 -0.83 -10.40 38.77
N CYS F 174 -0.76 -11.74 38.87
CA CYS F 174 -1.67 -12.63 38.13
C CYS F 174 -2.61 -13.41 39.10
N ALA F 175 -3.93 -13.31 38.89
CA ALA F 175 -4.98 -14.04 39.60
C ALA F 175 -5.50 -15.26 38.84
N TRP F 176 -5.22 -15.30 37.53
CA TRP F 176 -5.67 -16.40 36.68
C TRP F 176 -4.68 -17.56 36.93
N ASN F 177 -5.14 -18.57 37.67
CA ASN F 177 -4.33 -19.75 38.04
C ASN F 177 -5.01 -20.94 37.48
N PRO F 178 -4.57 -21.42 36.29
CA PRO F 178 -5.31 -22.51 35.69
C PRO F 178 -5.42 -23.72 36.62
N LYS F 179 -4.44 -23.89 37.52
CA LYS F 179 -4.40 -25.14 38.33
C LYS F 179 -5.41 -25.08 39.49
N ASP F 180 -5.67 -23.86 39.97
CA ASP F 180 -6.57 -23.68 41.14
C ASP F 180 -8.03 -23.31 40.71
N LEU F 181 -8.22 -22.97 39.43
CA LEU F 181 -9.56 -22.58 38.91
C LEU F 181 -10.71 -23.50 39.34
N PRO F 182 -10.53 -24.85 39.19
CA PRO F 182 -11.60 -25.74 39.66
C PRO F 182 -11.98 -25.58 41.14
N LEU F 183 -11.05 -25.13 42.00
CA LEU F 183 -11.32 -24.96 43.46
C LEU F 183 -11.94 -23.58 43.80
N MET F 184 -11.87 -22.65 42.85
CA MET F 184 -12.52 -21.35 43.07
C MET F 184 -14.03 -21.40 42.97
N ALA F 185 -14.68 -20.64 43.85
CA ALA F 185 -16.12 -20.44 43.83
C ALA F 185 -16.59 -19.79 42.51
N LEU F 186 -15.75 -18.94 41.93
CA LEU F 186 -15.99 -18.26 40.64
C LEU F 186 -14.63 -17.98 40.03
N PRO F 187 -14.46 -18.19 38.70
CA PRO F 187 -13.18 -17.81 38.11
C PRO F 187 -13.06 -16.28 37.99
N PRO F 188 -11.82 -15.75 38.12
CA PRO F 188 -11.71 -14.31 38.19
C PRO F 188 -11.94 -13.60 36.88
N CYS F 189 -12.61 -12.45 36.99
CA CYS F 189 -12.76 -11.55 35.86
C CYS F 189 -11.51 -10.78 35.60
N HIS F 190 -10.73 -10.51 36.64
CA HIS F 190 -9.54 -9.73 36.46
C HIS F 190 -8.34 -10.62 36.49
N ALA F 191 -7.95 -11.03 35.30
CA ALA F 191 -6.96 -12.09 35.14
C ALA F 191 -5.60 -11.71 35.61
N LEU F 192 -5.15 -10.53 35.19
CA LEU F 192 -3.88 -10.02 35.62
C LEU F 192 -3.86 -8.49 35.58
N CYS F 193 -2.94 -7.88 36.33
CA CYS F 193 -2.59 -6.50 36.06
C CYS F 193 -1.09 -6.33 35.93
N GLN F 194 -0.69 -5.29 35.23
CA GLN F 194 0.71 -4.94 35.14
C GLN F 194 0.94 -3.54 35.56
N PHE F 195 2.05 -3.30 36.27
CA PHE F 195 2.48 -1.95 36.62
C PHE F 195 3.68 -1.46 35.78
N TYR F 196 3.85 -0.15 35.76
CA TYR F 196 4.80 0.49 34.87
C TYR F 196 5.16 1.83 35.48
N VAL F 197 6.44 2.14 35.39
CA VAL F 197 6.94 3.41 35.93
C VAL F 197 7.81 4.18 34.93
N VAL F 198 7.52 5.48 34.77
CA VAL F 198 8.38 6.37 34.00
C VAL F 198 8.13 7.83 34.49
N ASN F 199 9.14 8.71 34.49
CA ASN F 199 8.95 10.16 34.90
C ASN F 199 8.36 10.25 36.29
N GLY F 200 8.67 9.29 37.15
CA GLY F 200 8.19 9.29 38.52
C GLY F 200 6.71 8.95 38.72
N GLU F 201 6.08 8.32 37.70
CA GLU F 201 4.62 8.08 37.76
C GLU F 201 4.39 6.63 37.58
N LEU F 202 3.48 6.10 38.38
CA LEU F 202 3.14 4.67 38.35
C LEU F 202 1.84 4.51 37.60
N SER F 203 1.86 3.62 36.59
CA SER F 203 0.63 3.28 35.85
C SER F 203 0.36 1.83 36.06
N CYS F 204 -0.87 1.42 35.75
CA CYS F 204 -1.30 0.01 35.93
C CYS F 204 -2.17 -0.27 34.75
N GLN F 205 -2.00 -1.44 34.14
CA GLN F 205 -3.00 -1.97 33.17
C GLN F 205 -3.72 -3.21 33.74
N LEU F 206 -5.04 -3.25 33.60
CA LEU F 206 -5.84 -4.41 33.99
C LEU F 206 -6.24 -5.17 32.74
N TYR F 207 -6.10 -6.49 32.76
CA TYR F 207 -6.71 -7.32 31.72
C TYR F 207 -7.91 -7.97 32.33
N GLN F 208 -9.12 -7.49 31.95
CA GLN F 208 -10.37 -7.93 32.47
C GLN F 208 -10.97 -8.79 31.34
N ARG F 209 -11.05 -10.10 31.57
CA ARG F 209 -11.55 -11.01 30.51
C ARG F 209 -13.02 -10.84 30.18
N SER F 210 -13.77 -10.22 31.09
CA SER F 210 -15.23 -10.21 30.99
C SER F 210 -15.75 -9.03 31.79
N GLY F 211 -16.50 -8.16 31.14
CA GLY F 211 -17.03 -6.94 31.81
C GLY F 211 -18.47 -6.68 31.56
N ASP F 212 -19.26 -6.74 32.63
CA ASP F 212 -20.66 -6.28 32.58
C ASP F 212 -20.57 -4.75 32.62
N MET F 213 -20.81 -4.11 31.48
CA MET F 213 -20.60 -2.69 31.37
C MET F 213 -21.44 -1.88 32.31
N GLY F 214 -22.68 -2.30 32.55
CA GLY F 214 -23.62 -1.51 33.34
C GLY F 214 -23.30 -1.57 34.83
N LEU F 215 -23.12 -2.77 35.37
CA LEU F 215 -23.00 -2.97 36.82
C LEU F 215 -21.59 -3.28 37.31
N GLY F 216 -20.78 -3.93 36.47
CA GLY F 216 -19.43 -4.31 36.86
C GLY F 216 -18.32 -3.34 36.57
N VAL F 217 -18.19 -2.88 35.29
CA VAL F 217 -17.00 -2.13 34.88
C VAL F 217 -16.72 -0.84 35.66
N PRO F 218 -17.78 -0.07 36.08
CA PRO F 218 -17.51 1.16 36.87
C PRO F 218 -16.80 0.86 38.21
N PHE F 219 -17.16 -0.25 38.83
CA PHE F 219 -16.62 -0.62 40.15
C PHE F 219 -15.20 -1.10 39.92
N ASN F 220 -15.01 -1.84 38.81
CA ASN F 220 -13.71 -2.43 38.50
C ASN F 220 -12.63 -1.37 38.18
N ILE F 221 -13.05 -0.30 37.53
CA ILE F 221 -12.16 0.84 37.21
C ILE F 221 -11.70 1.43 38.54
N ALA F 222 -12.67 1.75 39.41
CA ALA F 222 -12.32 2.27 40.77
C ALA F 222 -11.43 1.33 41.58
N SER F 223 -11.65 0.00 41.48
CA SER F 223 -10.76 -0.89 42.27
C SER F 223 -9.30 -0.75 41.89
N TYR F 224 -9.03 -0.84 40.60
CA TYR F 224 -7.63 -0.89 40.15
C TYR F 224 -7.01 0.47 40.13
N ALA F 225 -7.84 1.50 39.97
CA ALA F 225 -7.31 2.85 40.22
C ALA F 225 -6.94 3.04 41.69
N LEU F 226 -7.77 2.59 42.63
CA LEU F 226 -7.42 2.72 44.05
C LEU F 226 -6.18 1.92 44.35
N LEU F 227 -6.11 0.69 43.80
CA LEU F 227 -4.85 -0.12 44.03
C LEU F 227 -3.61 0.68 43.57
N THR F 228 -3.68 1.32 42.38
CA THR F 228 -2.56 2.13 41.82
C THR F 228 -2.24 3.27 42.79
N TYR F 229 -3.27 3.99 43.23
CA TYR F 229 -3.02 5.04 44.26
C TYR F 229 -2.27 4.48 45.51
N MET F 230 -2.71 3.34 46.02
CA MET F 230 -2.16 2.73 47.23
C MET F 230 -0.65 2.41 47.02
N ILE F 231 -0.38 1.72 45.90
CA ILE F 231 0.99 1.35 45.60
C ILE F 231 1.86 2.59 45.29
N ALA F 232 1.29 3.58 44.58
CA ALA F 232 2.05 4.80 44.33
C ALA F 232 2.43 5.42 45.71
N HIS F 233 1.48 5.47 46.64
CA HIS F 233 1.74 6.01 47.97
C HIS F 233 2.88 5.34 48.70
N ILE F 234 2.85 4.02 48.72
CA ILE F 234 3.91 3.19 49.33
C ILE F 234 5.30 3.35 48.71
N THR F 235 5.35 3.55 47.39
CA THR F 235 6.62 3.59 46.66
C THR F 235 7.12 5.00 46.42
N GLY F 236 6.38 5.98 46.95
CA GLY F 236 6.75 7.37 46.80
C GLY F 236 6.68 7.95 45.40
N LEU F 237 5.78 7.39 44.59
CA LEU F 237 5.56 7.83 43.24
C LEU F 237 4.24 8.53 43.15
N GLN F 238 4.03 9.20 42.01
CA GLN F 238 2.71 9.77 41.71
C GLN F 238 1.90 8.85 40.75
N PRO F 239 0.60 8.75 41.00
CA PRO F 239 -0.23 8.00 40.03
C PRO F 239 -0.20 8.62 38.62
N GLY F 240 0.01 7.74 37.64
CA GLY F 240 -0.01 8.05 36.21
C GLY F 240 -1.32 7.75 35.53
N ASP F 241 -1.37 6.63 34.78
CA ASP F 241 -2.64 6.19 34.18
C ASP F 241 -3.08 4.85 34.64
N PHE F 242 -4.39 4.64 34.50
CA PHE F 242 -4.93 3.30 34.66
C PHE F 242 -5.43 2.94 33.29
N VAL F 243 -4.86 1.87 32.72
CA VAL F 243 -5.33 1.44 31.37
C VAL F 243 -6.22 0.24 31.54
N HIS F 244 -7.45 0.30 31.02
CA HIS F 244 -8.41 -0.75 31.30
C HIS F 244 -8.57 -1.50 29.99
N THR F 245 -8.14 -2.76 29.97
CA THR F 245 -8.36 -3.60 28.77
C THR F 245 -9.40 -4.67 29.02
N LEU F 246 -10.34 -4.82 28.07
CA LEU F 246 -11.42 -5.73 28.20
C LEU F 246 -11.32 -6.79 27.10
N GLY F 247 -11.80 -7.98 27.47
CA GLY F 247 -11.99 -9.15 26.56
C GLY F 247 -13.44 -9.08 26.07
N ASP F 248 -14.28 -9.96 26.58
CA ASP F 248 -15.72 -9.93 26.28
C ASP F 248 -16.40 -8.73 26.97
N ALA F 249 -16.70 -7.67 26.23
CA ALA F 249 -17.33 -6.51 26.88
C ALA F 249 -18.80 -6.56 26.57
N HIS F 250 -19.65 -6.54 27.59
CA HIS F 250 -21.10 -6.78 27.36
C HIS F 250 -22.05 -5.96 28.17
N ILE F 251 -23.22 -5.78 27.57
CA ILE F 251 -24.37 -5.15 28.21
C ILE F 251 -25.45 -6.20 28.29
N TYR F 252 -25.89 -6.53 29.51
CA TYR F 252 -26.97 -7.50 29.66
C TYR F 252 -28.24 -6.85 29.06
N LEU F 253 -29.10 -7.67 28.48
CA LEU F 253 -30.21 -7.13 27.73
C LEU F 253 -31.17 -6.34 28.63
N ASN F 254 -31.16 -6.65 29.93
CA ASN F 254 -32.03 -5.98 30.90
C ASN F 254 -31.44 -4.64 31.40
N HIS F 255 -30.40 -4.15 30.69
CA HIS F 255 -29.74 -2.86 31.03
C HIS F 255 -29.79 -1.86 29.89
N ILE F 256 -30.41 -2.22 28.77
CA ILE F 256 -30.34 -1.36 27.58
C ILE F 256 -31.03 -0.02 27.83
N GLU F 257 -32.26 -0.03 28.35
CA GLU F 257 -32.96 1.25 28.64
C GLU F 257 -32.33 2.06 29.80
N PRO F 258 -31.96 1.38 30.91
CA PRO F 258 -31.11 2.03 31.92
C PRO F 258 -29.91 2.78 31.28
N LEU F 259 -29.13 2.07 30.47
CA LEU F 259 -27.91 2.64 29.88
C LEU F 259 -28.20 3.73 28.87
N LYS F 260 -29.33 3.62 28.15
CA LYS F 260 -29.72 4.69 27.23
C LYS F 260 -30.15 5.97 27.99
N ILE F 261 -30.65 5.82 29.22
CA ILE F 261 -30.88 6.98 30.09
C ILE F 261 -29.51 7.57 30.49
N GLN F 262 -28.61 6.71 31.01
CA GLN F 262 -27.26 7.14 31.46
C GLN F 262 -26.50 7.85 30.37
N LEU F 263 -26.62 7.32 29.13
CA LEU F 263 -25.92 7.89 27.99
C LEU F 263 -26.35 9.33 27.68
N GLN F 264 -27.49 9.73 28.25
CA GLN F 264 -27.97 11.12 28.03
C GLN F 264 -27.36 12.11 29.00
N ARG F 265 -26.61 11.59 29.98
CA ARG F 265 -25.96 12.42 31.02
C ARG F 265 -24.53 12.78 30.72
N GLU F 266 -24.18 14.06 30.90
CA GLU F 266 -22.79 14.44 30.68
C GLU F 266 -22.02 14.25 31.97
N PRO F 267 -20.77 13.77 31.87
CA PRO F 267 -20.07 13.55 33.13
C PRO F 267 -19.80 14.85 33.88
N ARG F 268 -19.82 14.72 35.21
CA ARG F 268 -19.33 15.74 36.14
C ARG F 268 -17.85 15.48 36.41
N PRO F 269 -17.07 16.55 36.74
CA PRO F 269 -15.62 16.41 36.94
C PRO F 269 -15.39 15.28 37.88
N PHE F 270 -14.37 14.48 37.59
CA PHE F 270 -14.04 13.38 38.50
C PHE F 270 -13.67 13.98 39.88
N PRO F 271 -13.85 13.19 40.95
CA PRO F 271 -13.38 13.54 42.33
C PRO F 271 -11.88 13.37 42.45
N LYS F 272 -11.36 13.76 43.61
CA LYS F 272 -9.98 13.49 44.03
C LYS F 272 -10.02 12.39 45.08
N LEU F 273 -8.93 11.60 45.14
CA LEU F 273 -8.75 10.67 46.20
C LEU F 273 -7.59 11.16 47.07
N LYS F 274 -7.89 11.36 48.37
CA LYS F 274 -6.88 11.76 49.38
C LYS F 274 -6.52 10.58 50.26
N ILE F 275 -5.22 10.40 50.49
CA ILE F 275 -4.75 9.45 51.50
C ILE F 275 -4.31 10.31 52.72
N LEU F 276 -5.04 10.11 53.82
CA LEU F 276 -5.07 11.02 54.97
C LEU F 276 -3.85 10.91 55.93
N ARG F 277 -3.08 9.82 55.83
CA ARG F 277 -1.83 9.72 56.56
C ARG F 277 -0.75 9.00 55.74
N LYS F 278 0.49 9.20 56.17
CA LYS F 278 1.66 8.53 55.60
C LYS F 278 1.60 7.06 56.03
N VAL F 279 1.50 6.18 55.05
CA VAL F 279 1.30 4.77 55.33
C VAL F 279 2.51 4.10 54.73
N GLU F 280 3.07 3.17 55.52
CA GLU F 280 4.41 2.62 55.28
C GLU F 280 4.38 1.38 54.37
N THR F 281 3.40 0.51 54.62
CA THR F 281 3.31 -0.75 53.88
C THR F 281 1.92 -0.91 53.36
N ILE F 282 1.76 -1.81 52.38
CA ILE F 282 0.45 -2.05 51.78
C ILE F 282 -0.53 -2.62 52.84
N ASP F 283 0.00 -3.27 53.87
CA ASP F 283 -0.85 -3.98 54.84
C ASP F 283 -1.38 -3.04 55.92
N ASP F 284 -0.81 -1.83 55.99
CA ASP F 284 -1.19 -0.83 57.00
C ASP F 284 -2.39 -0.03 56.59
N PHE F 285 -2.73 -0.05 55.28
CA PHE F 285 -3.90 0.77 54.90
C PHE F 285 -5.12 0.29 55.63
N LYS F 286 -5.95 1.24 56.09
CA LYS F 286 -7.26 0.89 56.64
C LYS F 286 -8.34 1.74 55.97
N VAL F 287 -9.62 1.40 56.17
CA VAL F 287 -10.68 2.14 55.46
C VAL F 287 -10.65 3.64 55.77
N GLU F 288 -10.33 3.97 57.02
CA GLU F 288 -10.39 5.40 57.40
C GLU F 288 -9.21 6.19 56.86
N ASP F 289 -8.32 5.52 56.09
CA ASP F 289 -7.13 6.20 55.53
C ASP F 289 -7.45 6.98 54.22
N PHE F 290 -8.65 6.78 53.69
CA PHE F 290 -8.98 7.30 52.35
C PHE F 290 -10.17 8.23 52.31
N GLN F 291 -10.05 9.25 51.50
CA GLN F 291 -11.14 10.20 51.39
C GLN F 291 -11.44 10.61 49.95
N ILE F 292 -12.63 10.22 49.46
CA ILE F 292 -13.13 10.76 48.16
C ILE F 292 -13.68 12.22 48.25
N GLU F 293 -12.97 13.14 47.61
CA GLU F 293 -13.33 14.57 47.60
C GLU F 293 -13.98 15.07 46.30
N GLY F 294 -15.06 15.81 46.44
CA GLY F 294 -15.65 16.41 45.24
C GLY F 294 -16.42 15.45 44.36
N TYR F 295 -17.06 14.44 44.95
CA TYR F 295 -17.86 13.47 44.20
C TYR F 295 -19.36 13.81 44.22
N ASN F 296 -19.85 14.24 43.05
CA ASN F 296 -21.21 14.73 42.90
C ASN F 296 -21.87 13.96 41.75
N PRO F 297 -22.03 12.61 41.88
CA PRO F 297 -22.59 11.87 40.72
C PRO F 297 -24.08 12.16 40.46
N HIS F 298 -24.48 11.87 39.23
CA HIS F 298 -25.88 11.90 38.86
C HIS F 298 -26.62 10.89 39.73
N PRO F 299 -27.96 10.97 39.76
CA PRO F 299 -28.86 9.95 40.34
C PRO F 299 -28.32 8.50 40.42
#